data_4IIG
#
_entry.id   4IIG
#
_cell.length_a   82.484
_cell.length_b   121.764
_cell.length_c   221.634
_cell.angle_alpha   90.00
_cell.angle_beta   90.00
_cell.angle_gamma   90.00
#
_symmetry.space_group_name_H-M   'P 21 21 21'
#
loop_
_entity.id
_entity.type
_entity.pdbx_description
1 polymer 'Beta-glucosidase 1'
2 branched alpha-D-mannopyranose-(1-3)-[alpha-D-mannopyranose-(1-6)]beta-D-mannopyranose-(1-4)-2-acetamido-2-deoxy-beta-D-glucopyranose-(1-4)-2-acetamido-2-deoxy-beta-D-glucopyranose
3 branched beta-D-mannopyranose-(1-4)-2-acetamido-2-deoxy-beta-D-glucopyranose-(1-4)-2-acetamido-2-deoxy-beta-D-glucopyranose
4 branched 2-acetamido-2-deoxy-beta-D-glucopyranose-(1-4)-2-acetamido-2-deoxy-beta-D-glucopyranose
5 branched alpha-D-mannopyranose-(1-2)-alpha-D-mannopyranose-(1-3)-[alpha-D-mannopyranose-(1-2)-alpha-D-mannopyranose-(1-6)]alpha-D-mannopyranose-(1-6)-[alpha-D-mannopyranose-(1-2)-alpha-D-mannopyranose-(1-3)]beta-D-mannopyranose-(1-4)-2-acetamido-2-deoxy-beta-D-glucopyranose-(1-4)-2-acetamido-2-deoxy-beta-D-glucopyranose
6 branched alpha-D-mannopyranose-(1-2)-alpha-D-mannopyranose-(1-6)-alpha-D-mannopyranose-(1-6)-[alpha-D-mannopyranose-(1-3)]beta-D-mannopyranose-(1-4)-2-acetamido-2-deoxy-beta-D-glucopyranose-(1-4)-2-acetamido-2-deoxy-beta-D-glucopyranose
7 branched alpha-D-mannopyranose-(1-2)-alpha-D-mannopyranose-(1-3)-[alpha-D-mannopyranose-(1-6)]alpha-D-mannopyranose-(1-6)-beta-D-mannopyranose-(1-4)-2-acetamido-2-deoxy-beta-D-glucopyranose-(1-4)-2-acetamido-2-deoxy-beta-D-glucopyranose
8 branched alpha-D-mannopyranose-(1-2)-alpha-D-mannopyranose-(1-2)-alpha-D-mannopyranose-(1-3)-[alpha-D-mannopyranose-(1-6)]beta-D-mannopyranose-(1-4)-2-acetamido-2-deoxy-beta-D-glucopyranose-(1-4)-2-acetamido-2-deoxy-beta-D-glucopyranose
9 branched alpha-D-mannopyranose-(1-3)-alpha-D-mannopyranose-(1-6)-[alpha-D-mannopyranose-(1-3)]beta-D-mannopyranose-(1-4)-2-acetamido-2-deoxy-beta-D-glucopyranose-(1-4)-2-acetamido-2-deoxy-beta-D-glucopyranose
10 branched alpha-D-mannopyranose-(1-2)-alpha-D-mannopyranose-(1-3)-[alpha-D-mannopyranose-(1-6)]alpha-D-mannopyranose-(1-6)-[alpha-D-mannopyranose-(1-3)]beta-D-mannopyranose-(1-4)-2-acetamido-2-deoxy-beta-D-glucopyranose-(1-4)-2-acetamido-2-deoxy-beta-D-glucopyranose
11 non-polymer 2-acetamido-2-deoxy-beta-D-glucopyranose
12 non-polymer (4R)-2-METHYLPENTANE-2,4-DIOL
13 non-polymer beta-D-glucopyranose
14 water water
#
_entity_poly.entity_id   1
_entity_poly.type   'polypeptide(L)'
_entity_poly.pdbx_seq_one_letter_code
;DELAFSPPFYPSPWANGQGEWAEAYQRAVAIVSQMTLDEKVNLTTGTGWELEKCVGQTGGVPRLNIGGMCLQDSPLGIRD
SDYNSAFPAGVNVAATWDKNLAYLRGQAMGQEFSDKGIDVQLGPAAGPLGRSPDGGRNWEGFSPDPALTGVLFAETIKGI
QDAGVVATAKHYILNEQEHFRQVAEAAGYGFNISDTISSNVDDKTIHEMYLWPFADAVRAGVGAIMCSYNQINNSYGCQN
SYTLNKLLKAELGFQGFVMSDWGAHHSGVGSALAGLDMSMPGDITFDSATSFWGTNLTIAVLNGTVPQWRVDDMAVRIMA
AYYKVGRDRLYQPPNFSSWTRDEYGFKYFYPQEGPYEKVNHFVNVQRNHSEVIRKLGADSTVLLKNNNALPLTGKERKVA
ILGEDAGSNSYGANGCSDRGCDNGTLAMAWGSGTAEFPYLVTPEQAIQAEVLKHKGSVYAITDNWALSQVETLAKQASVS
LVFVNSDAGEGYISVDGNEGDRNNLTLWKNGDNLIKAAANNCNNTIVVIHSVGPVLVDEWYDHPNVTAILWAGLPGQESG
NSLADVLYGRVNPGAKSPFTWGKTREAYGDYLVRELNNGNGAPQDDFSEGVFIDYRGFDKRNETPIYEFGHGLSYTTFNY
SGLHIQVLNASSNAQVATETGAAPTFGQVGNASDYVYPEGLTRISKFIYPWLNSTDLKASSGDPYYGVDTAEHVPEGATD
GSPQPVLPAGGGSGGNPRLYDELIRVSVTVKNTGRVAGDAVPQLYVSLGGPNEPKVVLRKFDRLTLKPSEETVWTTTLTR
RDLSNWDVAAQDWVITSYPKKVHVGSSSRQLPLHAALPKVQ
;
_entity_poly.pdbx_strand_id   A,B
#
loop_
_chem_comp.id
_chem_comp.type
_chem_comp.name
_chem_comp.formula
BGC D-saccharide, beta linking beta-D-glucopyranose 'C6 H12 O6'
BMA D-saccharide, beta linking beta-D-mannopyranose 'C6 H12 O6'
MAN D-saccharide, alpha linking alpha-D-mannopyranose 'C6 H12 O6'
MRD non-polymer (4R)-2-METHYLPENTANE-2,4-DIOL 'C6 H14 O2'
NAG D-saccharide, beta linking 2-acetamido-2-deoxy-beta-D-glucopyranose 'C8 H15 N O6'
#
# COMPACT_ATOMS: atom_id res chain seq x y z
N LEU A 3 -41.23 35.82 9.34
CA LEU A 3 -40.57 34.43 9.44
C LEU A 3 -41.47 33.26 9.05
N ALA A 4 -40.93 32.29 8.31
CA ALA A 4 -41.74 31.11 7.94
C ALA A 4 -42.41 30.48 9.20
N PHE A 5 -43.65 30.01 9.06
CA PHE A 5 -44.47 29.59 10.20
C PHE A 5 -44.99 28.20 9.84
N SER A 6 -45.10 27.31 10.83
CA SER A 6 -45.55 25.96 10.60
C SER A 6 -46.91 25.74 11.30
N PRO A 7 -47.99 25.67 10.47
CA PRO A 7 -49.39 25.56 10.95
C PRO A 7 -49.58 24.25 11.75
N PRO A 8 -50.48 24.27 12.77
CA PRO A 8 -50.70 23.10 13.62
C PRO A 8 -51.46 22.03 12.90
N PHE A 9 -51.26 20.76 13.24
CA PHE A 9 -52.14 19.74 12.76
C PHE A 9 -52.29 18.69 13.88
N TYR A 10 -53.48 18.66 14.47
CA TYR A 10 -53.83 17.78 15.54
C TYR A 10 -55.24 17.25 15.36
N PRO A 11 -55.53 16.08 15.94
CA PRO A 11 -54.62 15.35 16.85
C PRO A 11 -53.63 14.48 16.10
N SER A 12 -52.71 13.88 16.85
CA SER A 12 -51.74 12.94 16.31
C SER A 12 -52.39 11.63 15.94
N PRO A 13 -52.53 11.33 14.63
CA PRO A 13 -53.21 10.11 14.17
C PRO A 13 -52.74 8.82 14.83
N TRP A 14 -53.72 7.98 15.20
CA TRP A 14 -53.43 6.68 15.83
C TRP A 14 -53.41 5.56 14.79
N ALA A 15 -52.62 4.54 15.08
CA ALA A 15 -52.47 3.37 14.22
C ALA A 15 -53.81 2.73 13.99
N ASN A 16 -54.01 2.10 12.84
CA ASN A 16 -55.30 1.42 12.61
C ASN A 16 -55.19 0.01 12.03
N GLY A 17 -54.03 -0.64 12.08
CA GLY A 17 -53.88 -1.89 11.35
C GLY A 17 -54.02 -1.78 9.83
N GLN A 18 -53.70 -0.60 9.27
CA GLN A 18 -53.75 -0.34 7.81
C GLN A 18 -53.09 -1.50 7.03
N GLY A 19 -53.84 -2.14 6.10
CA GLY A 19 -53.29 -3.06 5.08
C GLY A 19 -52.36 -4.18 5.52
N GLU A 20 -51.08 -4.11 5.15
CA GLU A 20 -50.10 -5.15 5.54
C GLU A 20 -49.69 -5.13 7.05
N TRP A 21 -50.13 -4.09 7.77
CA TRP A 21 -49.94 -3.91 9.24
C TRP A 21 -50.99 -4.63 10.15
N ALA A 22 -51.99 -5.25 9.55
CA ALA A 22 -53.14 -5.79 10.32
C ALA A 22 -52.69 -6.73 11.41
N GLU A 23 -51.98 -7.79 11.05
CA GLU A 23 -51.55 -8.76 12.02
C GLU A 23 -50.62 -8.17 13.09
N ALA A 24 -49.63 -7.38 12.68
CA ALA A 24 -48.67 -6.75 13.63
C ALA A 24 -49.40 -5.83 14.58
N TYR A 25 -50.38 -5.07 14.06
CA TYR A 25 -51.20 -4.20 14.92
C TYR A 25 -51.95 -5.03 16.00
N GLN A 26 -52.55 -6.16 15.59
CA GLN A 26 -53.40 -6.96 16.45
C GLN A 26 -52.53 -7.44 17.56
N ARG A 27 -51.34 -7.95 17.21
CA ARG A 27 -50.44 -8.45 18.25
C ARG A 27 -49.93 -7.32 19.14
N ALA A 28 -49.64 -6.15 18.57
CA ALA A 28 -49.13 -5.08 19.38
C ALA A 28 -50.18 -4.67 20.45
N VAL A 29 -51.44 -4.60 20.00
CA VAL A 29 -52.57 -4.23 20.84
C VAL A 29 -52.73 -5.27 21.94
N ALA A 30 -52.68 -6.57 21.60
CA ALA A 30 -52.81 -7.58 22.61
C ALA A 30 -51.70 -7.47 23.65
N ILE A 31 -50.47 -7.18 23.23
CA ILE A 31 -49.39 -7.06 24.23
C ILE A 31 -49.40 -5.71 25.03
N VAL A 32 -49.73 -4.61 24.35
CA VAL A 32 -49.73 -3.30 25.04
C VAL A 32 -50.91 -3.26 26.06
N SER A 33 -52.00 -3.96 25.74
CA SER A 33 -53.12 -4.10 26.66
C SER A 33 -52.71 -4.68 27.98
N GLN A 34 -51.66 -5.51 27.99
CA GLN A 34 -51.20 -6.13 29.26
C GLN A 34 -50.25 -5.23 30.09
N MET A 35 -49.96 -4.02 29.62
CA MET A 35 -48.79 -3.28 30.14
C MET A 35 -49.18 -2.18 31.11
N THR A 36 -48.32 -1.93 32.09
CA THR A 36 -48.50 -0.82 33.01
C THR A 36 -48.00 0.44 32.28
N LEU A 37 -48.41 1.60 32.76
CA LEU A 37 -48.00 2.89 32.17
C LEU A 37 -46.47 2.97 32.07
N ASP A 38 -45.76 2.59 33.15
CA ASP A 38 -44.32 2.74 33.20
C ASP A 38 -43.60 1.78 32.25
N GLU A 39 -44.17 0.58 32.05
CA GLU A 39 -43.76 -0.31 30.96
C GLU A 39 -43.83 0.36 29.55
N LYS A 40 -45.00 0.91 29.21
CA LYS A 40 -45.25 1.66 27.98
C LYS A 40 -44.25 2.79 27.77
N VAL A 41 -44.06 3.59 28.82
CA VAL A 41 -43.04 4.66 28.80
C VAL A 41 -41.64 4.12 28.47
N ASN A 42 -41.29 2.98 29.07
CA ASN A 42 -40.02 2.33 28.86
C ASN A 42 -39.75 2.12 27.35
N LEU A 43 -40.77 1.71 26.60
CA LEU A 43 -40.69 1.51 25.14
C LEU A 43 -40.39 2.81 24.40
N THR A 44 -40.84 3.95 24.93
CA THR A 44 -40.72 5.22 24.24
C THR A 44 -39.43 5.96 24.47
N THR A 45 -38.61 5.56 25.44
CA THR A 45 -37.50 6.43 25.88
C THR A 45 -36.19 5.61 25.99
N GLY A 46 -35.13 6.06 25.31
CA GLY A 46 -33.80 5.50 25.43
C GLY A 46 -33.33 5.58 26.88
N THR A 47 -32.30 4.80 27.24
CA THR A 47 -31.91 4.75 28.64
C THR A 47 -30.72 5.71 28.94
N GLY A 48 -30.25 6.49 27.98
CA GLY A 48 -29.21 7.48 28.25
C GLY A 48 -27.98 7.18 27.36
N TRP A 49 -27.28 8.23 26.97
CA TRP A 49 -26.15 8.06 26.06
C TRP A 49 -25.11 7.08 26.63
N GLU A 50 -24.82 5.96 25.91
CA GLU A 50 -23.72 5.01 26.32
C GLU A 50 -23.93 4.31 27.65
N LEU A 51 -25.20 4.16 28.02
CA LEU A 51 -25.57 3.42 29.23
C LEU A 51 -25.60 1.93 28.94
N GLU A 52 -25.90 1.54 27.71
CA GLU A 52 -26.02 0.15 27.44
C GLU A 52 -25.14 -0.21 26.21
N LYS A 53 -25.53 -1.16 25.34
CA LYS A 53 -24.66 -1.57 24.26
C LYS A 53 -24.73 -0.77 22.95
N CYS A 54 -25.94 -0.34 22.53
CA CYS A 54 -26.19 0.19 21.20
C CYS A 54 -26.20 1.71 21.17
N VAL A 55 -25.99 2.28 19.99
CA VAL A 55 -25.99 3.71 19.91
C VAL A 55 -27.31 4.30 20.40
N GLY A 56 -28.41 3.56 20.25
CA GLY A 56 -29.63 3.84 21.00
C GLY A 56 -30.16 2.58 21.64
N GLN A 57 -30.75 2.69 22.82
CA GLN A 57 -31.25 1.50 23.52
C GLN A 57 -32.39 1.85 24.47
N THR A 58 -33.51 1.10 24.36
CA THR A 58 -34.57 1.25 25.36
C THR A 58 -34.46 0.17 26.46
N GLY A 59 -35.24 0.30 27.55
CA GLY A 59 -35.14 -0.61 28.66
C GLY A 59 -35.98 -1.89 28.47
N GLY A 60 -36.86 -1.89 27.48
CA GLY A 60 -37.83 -2.97 27.29
C GLY A 60 -38.88 -3.14 28.41
N VAL A 61 -39.52 -4.30 28.38
CA VAL A 61 -40.55 -4.67 29.36
C VAL A 61 -40.19 -6.05 29.86
N PRO A 62 -39.37 -6.08 30.91
CA PRO A 62 -38.87 -7.38 31.39
C PRO A 62 -40.00 -8.29 31.88
N ARG A 63 -41.01 -7.73 32.55
CA ARG A 63 -42.14 -8.53 33.03
C ARG A 63 -42.83 -9.22 31.85
N LEU A 64 -42.92 -8.58 30.71
CA LEU A 64 -43.56 -9.27 29.59
C LEU A 64 -42.59 -9.97 28.63
N ASN A 65 -41.34 -10.16 29.09
CA ASN A 65 -40.30 -10.79 28.27
C ASN A 65 -40.01 -10.05 26.92
N ILE A 66 -39.98 -8.72 26.98
CA ILE A 66 -39.63 -7.94 25.82
C ILE A 66 -38.28 -7.34 26.13
N GLY A 67 -37.26 -7.71 25.34
CA GLY A 67 -35.89 -7.22 25.58
C GLY A 67 -35.80 -5.74 25.18
N GLY A 68 -34.92 -4.97 25.83
CA GLY A 68 -34.68 -3.57 25.41
C GLY A 68 -34.38 -3.57 23.91
N MET A 69 -34.90 -2.57 23.22
CA MET A 69 -34.65 -2.38 21.78
C MET A 69 -33.28 -1.76 21.56
N CYS A 70 -32.50 -2.43 20.73
CA CYS A 70 -31.12 -2.01 20.40
C CYS A 70 -31.20 -1.39 19.00
N LEU A 71 -30.80 -0.12 18.90
CA LEU A 71 -30.81 0.72 17.66
C LEU A 71 -29.38 1.05 17.34
N GLN A 72 -28.96 0.81 16.10
CA GLN A 72 -27.54 0.90 15.76
C GLN A 72 -27.34 1.52 14.42
N ASP A 73 -26.37 2.43 14.27
CA ASP A 73 -25.99 2.89 12.91
C ASP A 73 -25.35 1.71 12.17
N SER A 74 -25.18 1.76 10.83
CA SER A 74 -25.44 2.92 9.96
C SER A 74 -26.18 2.42 8.69
N PRO A 75 -26.50 3.33 7.74
CA PRO A 75 -27.13 2.94 6.51
C PRO A 75 -26.28 2.05 5.60
N LEU A 76 -25.03 1.80 5.94
CA LEU A 76 -24.13 1.00 5.11
C LEU A 76 -23.36 -0.15 5.80
N GLY A 77 -23.73 -0.49 7.05
CA GLY A 77 -23.09 -1.61 7.74
C GLY A 77 -23.09 -1.34 9.22
N ILE A 78 -22.87 -2.38 10.04
CA ILE A 78 -22.92 -2.14 11.45
C ILE A 78 -21.81 -1.22 11.89
N ARG A 79 -22.22 -0.16 12.59
CA ARG A 79 -21.27 0.81 13.19
C ARG A 79 -20.69 0.35 14.56
N ASP A 80 -19.45 0.77 14.88
CA ASP A 80 -18.89 0.63 16.23
C ASP A 80 -18.86 -0.81 16.74
N SER A 81 -18.63 -1.75 15.82
CA SER A 81 -18.65 -3.18 16.21
C SER A 81 -17.42 -3.92 15.70
N ASP A 82 -17.51 -5.24 15.56
CA ASP A 82 -16.35 -5.96 15.05
C ASP A 82 -16.79 -7.09 14.20
N TYR A 83 -15.91 -7.57 13.29
CA TYR A 83 -16.26 -8.69 12.38
C TYR A 83 -17.59 -8.47 11.68
N ASN A 84 -17.82 -7.23 11.22
CA ASN A 84 -18.96 -6.86 10.35
C ASN A 84 -18.41 -6.49 9.00
N SER A 85 -19.28 -6.35 8.01
CA SER A 85 -18.88 -5.83 6.70
C SER A 85 -19.03 -4.32 6.56
N ALA A 86 -18.31 -3.74 5.60
CA ALA A 86 -18.52 -2.34 5.24
C ALA A 86 -18.99 -2.29 3.80
N PHE A 87 -20.25 -1.93 3.58
CA PHE A 87 -20.82 -1.91 2.24
C PHE A 87 -20.62 -0.58 1.51
N PRO A 88 -20.83 -0.57 0.18
CA PRO A 88 -20.73 0.72 -0.53
C PRO A 88 -21.82 1.69 0.00
N ALA A 89 -21.55 2.98 -0.06
CA ALA A 89 -22.49 4.02 0.38
C ALA A 89 -23.78 3.98 -0.43
N GLY A 90 -24.83 4.59 0.12
CA GLY A 90 -26.11 4.63 -0.55
C GLY A 90 -26.06 5.31 -1.92
N VAL A 91 -25.18 6.29 -2.11
CA VAL A 91 -24.99 6.92 -3.45
C VAL A 91 -24.47 5.93 -4.51
N ASN A 92 -23.64 4.97 -4.10
CA ASN A 92 -23.28 3.89 -4.99
C ASN A 92 -24.51 3.08 -5.39
N VAL A 93 -25.42 2.79 -4.45
CA VAL A 93 -26.64 2.01 -4.79
C VAL A 93 -27.36 2.78 -5.88
N ALA A 94 -27.40 4.11 -5.70
CA ALA A 94 -28.09 4.96 -6.66
C ALA A 94 -27.45 4.82 -8.06
N ALA A 95 -26.11 4.87 -8.12
CA ALA A 95 -25.36 4.71 -9.38
C ALA A 95 -25.65 3.40 -10.08
N THR A 96 -26.02 2.34 -9.34
CA THR A 96 -26.33 1.05 -9.98
C THR A 96 -27.64 1.09 -10.76
N TRP A 97 -28.56 2.00 -10.37
CA TRP A 97 -29.94 1.96 -10.96
C TRP A 97 -30.46 0.47 -11.00
N ASP A 98 -30.09 -0.34 -9.99
CA ASP A 98 -30.46 -1.74 -9.90
C ASP A 98 -31.23 -1.98 -8.61
N LYS A 99 -32.57 -2.09 -8.76
CA LYS A 99 -33.53 -2.49 -7.72
C LYS A 99 -33.07 -3.73 -6.97
N ASN A 100 -32.65 -4.73 -7.76
CA ASN A 100 -32.26 -6.04 -7.19
C ASN A 100 -31.01 -5.88 -6.29
N LEU A 101 -29.99 -5.20 -6.80
CA LEU A 101 -28.83 -4.92 -5.92
C LEU A 101 -29.18 -4.09 -4.67
N ALA A 102 -30.14 -3.15 -4.75
CA ALA A 102 -30.53 -2.40 -3.55
C ALA A 102 -31.08 -3.36 -2.49
N TYR A 103 -31.96 -4.24 -2.95
CA TYR A 103 -32.62 -5.25 -2.08
C TYR A 103 -31.54 -6.19 -1.52
N LEU A 104 -30.68 -6.75 -2.39
CA LEU A 104 -29.64 -7.69 -1.90
C LEU A 104 -28.71 -7.08 -0.86
N ARG A 105 -28.27 -5.84 -1.09
CA ARG A 105 -27.47 -5.13 -0.07
C ARG A 105 -28.27 -4.96 1.23
N GLY A 106 -29.54 -4.56 1.12
CA GLY A 106 -30.43 -4.50 2.30
C GLY A 106 -30.51 -5.79 3.07
N GLN A 107 -30.60 -6.93 2.34
CA GLN A 107 -30.74 -8.22 2.97
C GLN A 107 -29.43 -8.60 3.64
N ALA A 108 -28.31 -8.35 2.98
CA ALA A 108 -27.01 -8.74 3.57
C ALA A 108 -26.80 -7.89 4.83
N MET A 109 -27.16 -6.58 4.78
CA MET A 109 -27.00 -5.76 6.03
C MET A 109 -27.91 -6.30 7.16
N GLY A 110 -29.19 -6.52 6.88
CA GLY A 110 -30.15 -6.97 7.92
C GLY A 110 -29.70 -8.24 8.59
N GLN A 111 -29.25 -9.24 7.80
CA GLN A 111 -28.57 -10.42 8.36
C GLN A 111 -27.50 -10.08 9.34
N GLU A 112 -26.53 -9.23 8.96
CA GLU A 112 -25.46 -8.91 9.90
C GLU A 112 -26.04 -8.22 11.17
N PHE A 113 -26.90 -7.20 11.01
CA PHE A 113 -27.48 -6.48 12.19
C PHE A 113 -28.15 -7.50 13.10
N SER A 114 -29.02 -8.33 12.49
CA SER A 114 -29.74 -9.35 13.24
C SER A 114 -28.81 -10.28 14.10
N ASP A 115 -27.70 -10.69 13.49
CA ASP A 115 -26.83 -11.66 14.10
C ASP A 115 -26.02 -11.00 15.21
N LYS A 116 -26.01 -9.66 15.28
CA LYS A 116 -25.40 -8.96 16.41
C LYS A 116 -26.37 -8.74 17.58
N GLY A 117 -27.63 -9.14 17.47
CA GLY A 117 -28.61 -8.78 18.51
C GLY A 117 -29.06 -7.31 18.40
N ILE A 118 -28.98 -6.74 17.21
CA ILE A 118 -29.53 -5.39 16.93
C ILE A 118 -30.97 -5.55 16.38
N ASP A 119 -31.88 -4.70 16.88
CA ASP A 119 -33.28 -4.87 16.48
C ASP A 119 -33.65 -3.85 15.43
N VAL A 120 -32.91 -2.75 15.37
CA VAL A 120 -33.29 -1.63 14.51
C VAL A 120 -32.03 -1.04 13.89
N GLN A 121 -32.00 -0.98 12.56
CA GLN A 121 -30.91 -0.34 11.82
C GLN A 121 -31.29 1.11 11.62
N LEU A 122 -30.40 2.00 12.02
CA LEU A 122 -30.58 3.47 11.81
C LEU A 122 -30.26 3.83 10.34
N GLY A 123 -31.06 3.28 9.42
CA GLY A 123 -31.00 3.64 8.00
C GLY A 123 -32.03 2.76 7.31
N PRO A 124 -32.17 2.90 5.98
CA PRO A 124 -31.37 3.75 5.08
C PRO A 124 -31.80 5.22 5.07
N ALA A 125 -31.20 6.06 4.20
CA ALA A 125 -31.41 7.53 4.22
C ALA A 125 -31.93 8.00 2.89
N ALA A 126 -32.83 8.99 2.94
CA ALA A 126 -33.34 9.63 1.73
C ALA A 126 -33.55 11.11 2.09
N GLY A 127 -33.00 11.50 3.23
CA GLY A 127 -33.00 12.88 3.63
C GLY A 127 -31.68 13.05 4.35
N PRO A 128 -30.80 13.92 3.83
CA PRO A 128 -31.01 14.78 2.65
C PRO A 128 -31.26 14.01 1.37
N LEU A 129 -32.15 14.57 0.55
CA LEU A 129 -32.33 14.13 -0.84
C LEU A 129 -31.11 14.45 -1.68
N GLY A 130 -30.58 15.67 -1.52
CA GLY A 130 -29.47 16.15 -2.33
C GLY A 130 -29.70 17.52 -2.95
N ARG A 131 -30.40 18.41 -2.22
CA ARG A 131 -30.64 19.78 -2.68
C ARG A 131 -29.37 20.50 -3.23
N SER A 132 -28.26 20.48 -2.50
CA SER A 132 -27.02 21.19 -2.87
C SER A 132 -25.87 20.21 -3.18
N PRO A 133 -25.14 20.39 -4.31
CA PRO A 133 -24.11 19.37 -4.62
C PRO A 133 -23.02 19.17 -3.50
N ASP A 134 -22.84 20.16 -2.63
CA ASP A 134 -21.88 20.13 -1.54
C ASP A 134 -22.45 19.74 -0.14
N GLY A 135 -23.73 19.43 0.00
CA GLY A 135 -24.22 18.94 1.31
C GLY A 135 -23.33 17.80 1.90
N GLY A 136 -23.06 17.78 3.21
CA GLY A 136 -22.12 16.82 3.77
C GLY A 136 -22.63 15.38 3.79
N ARG A 137 -23.97 15.16 3.62
CA ARG A 137 -24.53 13.82 3.89
C ARG A 137 -25.29 13.17 2.73
N ASN A 138 -25.27 13.86 1.56
CA ASN A 138 -25.96 13.42 0.40
C ASN A 138 -25.57 11.98 0.16
N TRP A 139 -24.27 11.67 0.35
CA TRP A 139 -23.71 10.37 -0.02
C TRP A 139 -24.36 9.17 0.74
N GLU A 140 -24.86 9.42 1.95
CA GLU A 140 -25.52 8.41 2.77
C GLU A 140 -26.88 8.03 2.16
N GLY A 141 -27.42 8.93 1.33
CA GLY A 141 -28.74 8.74 0.73
C GLY A 141 -28.56 8.14 -0.65
N PHE A 142 -29.38 8.59 -1.61
CA PHE A 142 -29.29 8.04 -2.95
C PHE A 142 -28.98 9.11 -4.02
N SER A 143 -29.97 9.93 -4.35
CA SER A 143 -29.97 10.76 -5.55
C SER A 143 -30.78 12.03 -5.27
N PRO A 144 -30.43 13.15 -5.94
CA PRO A 144 -31.34 14.29 -5.94
C PRO A 144 -32.63 14.05 -6.75
N ASP A 145 -32.76 12.90 -7.38
CA ASP A 145 -33.99 12.56 -8.04
C ASP A 145 -34.93 11.75 -7.11
N PRO A 146 -36.16 12.28 -6.87
CA PRO A 146 -37.12 11.60 -5.98
C PRO A 146 -37.49 10.19 -6.50
N ALA A 147 -37.67 10.04 -7.80
CA ALA A 147 -38.13 8.76 -8.31
C ALA A 147 -37.07 7.67 -8.13
N LEU A 148 -35.84 7.96 -8.55
CA LEU A 148 -34.70 7.04 -8.44
C LEU A 148 -34.49 6.75 -6.98
N THR A 149 -34.39 7.79 -6.17
CA THR A 149 -34.18 7.61 -4.73
C THR A 149 -35.25 6.76 -4.04
N GLY A 150 -36.55 7.10 -4.23
CA GLY A 150 -37.65 6.34 -3.58
C GLY A 150 -37.67 4.87 -3.87
N VAL A 151 -37.54 4.47 -5.14
CA VAL A 151 -37.51 3.08 -5.52
C VAL A 151 -36.34 2.37 -4.76
N LEU A 152 -35.14 2.98 -4.77
CA LEU A 152 -33.97 2.25 -4.22
C LEU A 152 -33.98 2.23 -2.67
N PHE A 153 -34.49 3.32 -2.09
CA PHE A 153 -34.81 3.45 -0.63
C PHE A 153 -35.73 2.30 -0.18
N ALA A 154 -36.88 2.17 -0.83
CA ALA A 154 -37.83 1.07 -0.61
C ALA A 154 -37.25 -0.37 -0.73
N GLU A 155 -36.56 -0.64 -1.83
CA GLU A 155 -35.94 -1.92 -2.03
C GLU A 155 -34.91 -2.14 -0.90
N THR A 156 -34.20 -1.06 -0.47
CA THR A 156 -33.24 -1.24 0.62
C THR A 156 -33.93 -1.64 1.96
N ILE A 157 -34.97 -0.86 2.31
CA ILE A 157 -35.84 -1.10 3.46
C ILE A 157 -36.38 -2.56 3.42
N LYS A 158 -36.90 -2.96 2.27
CA LYS A 158 -37.44 -4.33 2.10
C LYS A 158 -36.38 -5.44 2.37
N GLY A 159 -35.16 -5.27 1.85
CA GLY A 159 -34.08 -6.20 2.11
C GLY A 159 -33.82 -6.32 3.61
N ILE A 160 -33.64 -5.19 4.31
CA ILE A 160 -33.42 -5.17 5.73
C ILE A 160 -34.54 -5.87 6.51
N GLN A 161 -35.80 -5.55 6.18
CA GLN A 161 -36.93 -6.03 7.00
C GLN A 161 -37.28 -7.48 6.72
N ASP A 162 -37.13 -7.93 5.48
CA ASP A 162 -37.29 -9.37 5.16
C ASP A 162 -36.23 -10.15 5.87
N ALA A 163 -35.13 -9.49 6.26
CA ALA A 163 -34.08 -10.17 7.04
C ALA A 163 -34.31 -10.10 8.56
N GLY A 164 -35.42 -9.49 8.96
CA GLY A 164 -35.82 -9.58 10.34
C GLY A 164 -35.30 -8.44 11.19
N VAL A 165 -34.94 -7.30 10.60
CA VAL A 165 -34.53 -6.10 11.45
C VAL A 165 -35.42 -4.89 11.12
N VAL A 166 -35.82 -4.07 12.07
CA VAL A 166 -36.65 -2.87 11.72
C VAL A 166 -35.75 -1.89 11.02
N ALA A 167 -36.10 -1.41 9.84
CA ALA A 167 -35.33 -0.34 9.21
C ALA A 167 -35.87 1.02 9.66
N THR A 168 -35.01 2.04 9.61
CA THR A 168 -35.41 3.44 9.96
C THR A 168 -35.17 4.43 8.80
N ALA A 169 -36.24 4.88 8.18
CA ALA A 169 -36.12 5.87 7.13
C ALA A 169 -35.73 7.16 7.77
N LYS A 170 -34.60 7.72 7.38
CA LYS A 170 -34.14 8.96 7.97
C LYS A 170 -33.59 9.89 6.84
N HIS A 171 -33.34 11.17 7.08
CA HIS A 171 -33.85 11.92 8.21
C HIS A 171 -35.06 12.73 7.75
N TYR A 172 -36.07 12.70 8.59
CA TYR A 172 -37.35 13.23 8.17
C TYR A 172 -37.55 14.60 8.88
N ILE A 173 -37.43 15.74 8.19
CA ILE A 173 -37.32 15.85 6.71
C ILE A 173 -36.61 17.21 6.47
N LEU A 174 -36.05 17.44 5.28
CA LEU A 174 -35.45 18.77 4.89
C LEU A 174 -34.10 19.15 5.54
N ASN A 175 -33.41 18.13 6.04
CA ASN A 175 -32.06 18.27 6.62
C ASN A 175 -31.05 18.25 5.43
N GLU A 176 -31.22 19.23 4.55
CA GLU A 176 -30.43 19.33 3.36
C GLU A 176 -28.99 19.89 3.49
N GLN A 177 -28.59 20.25 4.70
CA GLN A 177 -27.14 20.65 4.91
C GLN A 177 -26.69 20.43 6.35
N GLU A 178 -25.38 20.39 6.57
CA GLU A 178 -24.87 20.22 7.92
C GLU A 178 -24.70 21.53 8.68
N HIS A 179 -24.37 22.63 8.00
CA HIS A 179 -24.14 23.85 8.74
C HIS A 179 -25.38 24.23 9.53
N PHE A 180 -25.17 24.49 10.81
CA PHE A 180 -26.19 25.10 11.72
C PHE A 180 -27.27 24.12 12.07
N ARG A 181 -27.06 22.86 11.77
CA ARG A 181 -28.06 21.84 12.07
C ARG A 181 -28.27 21.57 13.57
N GLN A 182 -27.26 21.93 14.39
CA GLN A 182 -27.31 21.78 15.84
C GLN A 182 -26.68 22.99 16.54
N VAL A 183 -27.33 23.50 17.59
CA VAL A 183 -26.82 24.70 18.31
C VAL A 183 -25.40 24.48 18.89
N ALA A 184 -25.15 23.41 19.64
CA ALA A 184 -23.80 23.21 20.24
C ALA A 184 -22.78 22.89 19.18
N GLU A 185 -23.20 22.27 18.09
CA GLU A 185 -22.30 22.05 16.99
C GLU A 185 -21.88 23.39 16.40
N ALA A 186 -22.85 24.26 16.11
CA ALA A 186 -22.50 25.57 15.53
C ALA A 186 -21.57 26.39 16.48
N ALA A 187 -21.81 26.30 17.78
CA ALA A 187 -21.06 27.00 18.78
C ALA A 187 -19.61 26.53 18.74
N GLY A 188 -19.37 25.21 18.70
CA GLY A 188 -18.01 24.67 18.53
C GLY A 188 -17.33 25.18 17.26
N TYR A 189 -18.12 25.61 16.28
CA TYR A 189 -17.48 26.18 15.09
C TYR A 189 -17.46 27.73 15.16
N GLY A 190 -17.75 28.32 16.31
CA GLY A 190 -17.76 29.81 16.42
C GLY A 190 -19.02 30.53 15.97
N PHE A 191 -20.16 29.82 15.84
CA PHE A 191 -21.41 30.46 15.43
C PHE A 191 -22.36 30.40 16.60
N ASN A 192 -22.98 31.53 16.91
CA ASN A 192 -23.87 31.62 18.07
C ASN A 192 -25.32 31.72 17.59
N ILE A 193 -26.06 30.62 17.70
CA ILE A 193 -27.47 30.62 17.27
C ILE A 193 -28.32 30.10 18.41
N SER A 194 -29.57 30.56 18.49
CA SER A 194 -30.40 30.14 19.60
C SER A 194 -31.24 28.91 19.25
N ASP A 195 -31.34 28.57 17.97
CA ASP A 195 -32.06 27.38 17.50
C ASP A 195 -31.48 26.94 16.14
N THR A 196 -31.85 25.74 15.69
CA THR A 196 -31.21 25.19 14.50
C THR A 196 -31.81 25.73 13.20
N ILE A 197 -31.02 25.65 12.14
CA ILE A 197 -31.39 26.08 10.81
C ILE A 197 -32.82 25.63 10.49
N SER A 198 -33.56 26.52 9.84
CA SER A 198 -34.95 26.30 9.51
C SER A 198 -35.08 26.15 7.97
N SER A 199 -35.48 24.98 7.51
CA SER A 199 -35.75 24.80 6.09
C SER A 199 -37.14 25.30 5.82
N ASN A 200 -37.27 26.21 4.86
CA ASN A 200 -38.54 26.86 4.61
C ASN A 200 -38.90 26.48 3.20
N VAL A 201 -39.90 25.62 3.08
CA VAL A 201 -40.28 25.02 1.80
C VAL A 201 -41.80 25.14 1.58
N ASP A 202 -42.18 25.44 0.36
CA ASP A 202 -43.59 25.41 -0.03
C ASP A 202 -44.16 23.96 -0.11
N ASP A 203 -45.48 23.89 -0.03
CA ASP A 203 -46.18 22.64 0.06
C ASP A 203 -46.10 21.78 -1.21
N LYS A 204 -46.15 22.43 -2.37
CA LYS A 204 -45.97 21.71 -3.63
C LYS A 204 -44.53 21.12 -3.71
N THR A 205 -43.52 21.94 -3.47
CA THR A 205 -42.12 21.41 -3.52
C THR A 205 -41.96 20.21 -2.57
N ILE A 206 -42.43 20.36 -1.34
CA ILE A 206 -42.21 19.27 -0.39
C ILE A 206 -42.86 17.95 -0.90
N HIS A 207 -44.05 18.00 -1.51
CA HIS A 207 -44.80 16.80 -1.92
C HIS A 207 -44.14 16.13 -3.10
N GLU A 208 -43.65 17.00 -4.00
CA GLU A 208 -43.12 16.53 -5.27
C GLU A 208 -41.66 16.05 -5.21
N MET A 209 -40.93 16.48 -4.18
CA MET A 209 -39.51 16.14 -4.04
C MET A 209 -39.17 15.43 -2.73
N TYR A 210 -39.04 16.20 -1.64
CA TYR A 210 -38.49 15.61 -0.42
C TYR A 210 -39.38 14.52 0.19
N LEU A 211 -40.70 14.71 0.10
CA LEU A 211 -41.62 13.79 0.71
C LEU A 211 -41.75 12.47 -0.10
N TRP A 212 -41.63 12.55 -1.43
CA TRP A 212 -41.89 11.43 -2.31
C TRP A 212 -41.12 10.10 -1.93
N PRO A 213 -39.81 10.17 -1.65
CA PRO A 213 -39.14 8.91 -1.25
C PRO A 213 -39.68 8.38 0.10
N PHE A 214 -40.14 9.29 0.95
CA PHE A 214 -40.71 8.81 2.23
C PHE A 214 -42.08 8.14 2.06
N ALA A 215 -42.90 8.67 1.16
CA ALA A 215 -44.09 7.93 0.69
C ALA A 215 -43.71 6.51 0.18
N ASP A 216 -42.73 6.39 -0.74
CA ASP A 216 -42.24 5.05 -1.14
C ASP A 216 -41.82 4.23 0.13
N ALA A 217 -41.07 4.82 1.07
CA ALA A 217 -40.64 4.06 2.27
C ALA A 217 -41.84 3.51 3.03
N VAL A 218 -42.82 4.39 3.26
CA VAL A 218 -44.00 4.04 4.05
C VAL A 218 -44.73 2.88 3.40
N ARG A 219 -44.97 2.99 2.10
CA ARG A 219 -45.65 1.94 1.32
C ARG A 219 -44.92 0.57 1.25
N ALA A 220 -43.59 0.59 1.23
CA ALA A 220 -42.78 -0.61 1.27
C ALA A 220 -42.79 -1.26 2.67
N GLY A 221 -43.44 -0.61 3.64
CA GLY A 221 -43.61 -1.16 4.98
C GLY A 221 -42.56 -0.80 6.00
N VAL A 222 -41.78 0.28 5.76
CA VAL A 222 -40.75 0.70 6.70
C VAL A 222 -41.32 0.77 8.13
N GLY A 223 -40.57 0.27 9.10
CA GLY A 223 -41.06 0.15 10.49
C GLY A 223 -40.87 1.46 11.27
N ALA A 224 -39.79 2.20 11.02
CA ALA A 224 -39.46 3.39 11.85
C ALA A 224 -39.11 4.57 10.96
N ILE A 225 -39.30 5.77 11.48
CA ILE A 225 -38.86 7.01 10.81
C ILE A 225 -38.04 7.81 11.83
N MET A 226 -36.98 8.48 11.39
CA MET A 226 -36.16 9.24 12.31
C MET A 226 -36.40 10.69 11.91
N CYS A 227 -36.88 11.50 12.84
CA CYS A 227 -37.13 12.93 12.53
C CYS A 227 -35.82 13.73 12.75
N SER A 228 -35.69 14.87 12.10
CA SER A 228 -34.46 15.57 11.87
C SER A 228 -34.12 16.68 12.88
N TYR A 229 -32.83 17.12 12.88
CA TYR A 229 -32.26 18.20 13.67
C TYR A 229 -32.75 19.58 13.26
N ASN A 230 -32.92 19.79 11.95
CA ASN A 230 -33.35 21.12 11.46
C ASN A 230 -34.77 21.49 11.92
N GLN A 231 -35.13 22.76 11.76
CA GLN A 231 -36.55 23.11 11.80
C GLN A 231 -37.10 23.10 10.42
N ILE A 232 -38.42 22.95 10.33
CA ILE A 232 -39.15 23.21 9.09
C ILE A 232 -40.13 24.39 9.39
N ASN A 233 -40.09 25.44 8.58
CA ASN A 233 -40.77 26.70 8.91
C ASN A 233 -40.70 26.99 10.43
N ASN A 234 -39.52 26.89 11.02
CA ASN A 234 -39.32 27.25 12.41
C ASN A 234 -40.13 26.45 13.37
N SER A 235 -40.37 25.18 13.02
CA SER A 235 -40.82 24.23 14.02
C SER A 235 -39.91 22.96 13.99
N TYR A 236 -39.33 22.56 15.13
CA TYR A 236 -38.32 21.48 15.11
C TYR A 236 -38.87 20.22 14.47
N GLY A 237 -37.98 19.61 13.67
CA GLY A 237 -38.20 18.34 13.06
C GLY A 237 -38.95 17.39 13.95
N CYS A 238 -38.63 17.37 15.24
CA CYS A 238 -39.11 16.27 16.10
C CYS A 238 -40.26 16.68 16.98
N GLN A 239 -40.94 17.74 16.56
CA GLN A 239 -42.17 18.21 17.21
C GLN A 239 -43.01 19.08 16.24
N ASN A 240 -42.84 18.80 14.94
CA ASN A 240 -43.53 19.47 13.87
C ASN A 240 -44.74 18.67 13.50
N SER A 241 -45.90 19.20 13.90
CA SER A 241 -47.13 18.40 13.83
C SER A 241 -47.59 18.37 12.35
N TYR A 242 -47.15 19.39 11.60
CA TYR A 242 -47.43 19.39 10.17
C TYR A 242 -46.67 18.24 9.45
N THR A 243 -45.34 18.17 9.59
CA THR A 243 -44.63 17.11 8.91
C THR A 243 -44.99 15.75 9.54
N LEU A 244 -45.20 15.72 10.87
CA LEU A 244 -45.33 14.42 11.57
C LEU A 244 -46.75 13.96 11.57
N ASN A 245 -47.66 14.84 12.06
CA ASN A 245 -49.10 14.44 12.18
C ASN A 245 -49.81 14.46 10.84
N LYS A 246 -49.66 15.59 10.15
CA LYS A 246 -50.30 15.74 8.86
C LYS A 246 -49.66 14.95 7.72
N LEU A 247 -48.39 15.25 7.38
CA LEU A 247 -47.85 14.69 6.14
C LEU A 247 -47.61 13.18 6.31
N LEU A 248 -46.91 12.80 7.39
CA LEU A 248 -46.40 11.46 7.57
C LEU A 248 -47.51 10.55 8.06
N LYS A 249 -48.20 10.97 9.13
CA LYS A 249 -49.17 10.08 9.73
C LYS A 249 -50.59 10.13 9.09
N ALA A 250 -51.11 11.32 8.79
CA ALA A 250 -52.42 11.35 8.16
C ALA A 250 -52.37 11.13 6.64
N GLU A 251 -51.61 11.91 5.89
CA GLU A 251 -51.56 11.73 4.47
C GLU A 251 -50.90 10.39 4.04
N LEU A 252 -49.65 10.15 4.43
CA LEU A 252 -48.97 8.91 4.04
C LEU A 252 -49.47 7.70 4.81
N GLY A 253 -50.24 7.91 5.89
CA GLY A 253 -50.78 6.76 6.65
C GLY A 253 -49.77 5.81 7.31
N PHE A 254 -48.66 6.38 7.76
CA PHE A 254 -47.61 5.68 8.46
C PHE A 254 -48.07 5.02 9.75
N GLN A 255 -47.84 3.71 9.84
CA GLN A 255 -48.29 2.89 10.97
C GLN A 255 -47.17 2.58 12.00
N GLY A 256 -45.91 2.78 11.63
CA GLY A 256 -44.83 2.55 12.61
C GLY A 256 -44.53 3.75 13.46
N PHE A 257 -43.32 3.76 14.00
CA PHE A 257 -42.98 4.76 15.02
C PHE A 257 -41.95 5.75 14.58
N VAL A 258 -42.06 6.95 15.14
CA VAL A 258 -41.16 8.04 14.85
C VAL A 258 -40.21 8.19 16.02
N MET A 259 -38.89 7.99 15.76
CA MET A 259 -37.83 8.25 16.78
C MET A 259 -37.15 9.55 16.52
N SER A 260 -36.61 10.16 17.58
CA SER A 260 -35.85 11.38 17.35
C SER A 260 -34.47 11.10 16.84
N ASP A 261 -33.90 12.07 16.10
CA ASP A 261 -32.45 12.11 16.01
C ASP A 261 -31.83 12.35 17.44
N TRP A 262 -30.52 12.11 17.60
CA TRP A 262 -29.89 12.02 18.90
C TRP A 262 -29.63 13.42 19.41
N GLY A 263 -30.49 13.92 20.29
CA GLY A 263 -30.37 15.35 20.70
C GLY A 263 -31.37 16.19 19.92
N ALA A 264 -32.25 15.53 19.15
CA ALA A 264 -33.22 16.28 18.34
C ALA A 264 -34.59 16.45 19.04
N HIS A 265 -34.70 15.84 20.21
CA HIS A 265 -35.91 15.88 21.03
C HIS A 265 -35.86 17.20 21.82
N HIS A 266 -36.89 18.04 21.72
CA HIS A 266 -36.82 19.36 22.38
C HIS A 266 -37.94 19.72 23.35
N SER A 267 -38.84 18.77 23.65
CA SER A 267 -39.93 18.97 24.62
C SER A 267 -40.57 17.62 24.86
N GLY A 268 -41.14 17.45 26.07
CA GLY A 268 -41.93 16.28 26.40
C GLY A 268 -43.37 16.32 25.90
N VAL A 269 -44.16 17.25 26.43
CA VAL A 269 -45.57 17.41 25.99
C VAL A 269 -45.70 17.80 24.52
N GLY A 270 -44.99 18.83 24.09
CA GLY A 270 -45.17 19.31 22.73
C GLY A 270 -44.84 18.24 21.71
N SER A 271 -43.69 17.57 21.91
CA SER A 271 -43.27 16.47 20.99
C SER A 271 -44.25 15.31 20.98
N ALA A 272 -44.76 14.91 22.13
CA ALA A 272 -45.61 13.70 22.16
C ALA A 272 -46.92 13.96 21.39
N LEU A 273 -47.45 15.18 21.58
CA LEU A 273 -48.71 15.62 20.94
C LEU A 273 -48.47 15.96 19.46
N ALA A 274 -47.24 16.34 19.11
CA ALA A 274 -46.95 16.61 17.73
C ALA A 274 -46.59 15.33 16.89
N GLY A 275 -46.60 14.16 17.54
CA GLY A 275 -46.35 12.91 16.79
C GLY A 275 -45.05 12.12 16.92
N LEU A 276 -44.20 12.45 17.90
CA LEU A 276 -43.00 11.63 18.16
C LEU A 276 -43.46 10.37 18.89
N ASP A 277 -42.71 9.29 18.73
CA ASP A 277 -43.04 8.05 19.37
C ASP A 277 -41.91 7.53 20.23
N MET A 278 -40.70 8.00 19.95
CA MET A 278 -39.55 7.49 20.72
C MET A 278 -38.42 8.53 20.87
N SER A 279 -37.83 8.61 22.05
CA SER A 279 -36.80 9.61 22.38
C SER A 279 -35.43 8.92 22.38
N MET A 280 -34.52 9.38 21.51
CA MET A 280 -33.15 8.79 21.47
C MET A 280 -32.06 9.87 21.60
N PRO A 281 -30.97 9.58 22.35
CA PRO A 281 -30.67 8.37 23.07
C PRO A 281 -31.41 8.25 24.43
N GLY A 282 -32.26 9.24 24.75
CA GLY A 282 -33.15 9.14 25.88
C GLY A 282 -33.06 10.31 26.85
N ASP A 283 -31.91 10.96 26.92
CA ASP A 283 -31.72 12.07 27.80
C ASP A 283 -31.86 13.43 27.06
N ILE A 284 -31.85 14.51 27.82
CA ILE A 284 -31.98 15.86 27.22
C ILE A 284 -30.75 16.23 26.41
N THR A 285 -29.58 16.15 27.03
CA THR A 285 -28.31 16.13 26.35
C THR A 285 -27.57 14.88 26.84
N PHE A 286 -26.53 14.43 26.10
CA PHE A 286 -25.82 13.22 26.44
C PHE A 286 -25.46 13.13 27.93
N ASP A 287 -25.99 12.13 28.63
CA ASP A 287 -25.66 11.88 30.01
C ASP A 287 -26.07 12.96 31.01
N SER A 288 -27.18 13.61 30.77
CA SER A 288 -27.57 14.69 31.63
C SER A 288 -28.41 14.11 32.75
N ALA A 289 -28.69 12.80 32.70
CA ALA A 289 -29.54 12.16 33.72
C ALA A 289 -30.93 12.84 33.89
N THR A 290 -31.29 13.69 32.94
CA THR A 290 -32.65 14.20 32.76
C THR A 290 -33.18 13.70 31.39
N SER A 291 -34.50 13.67 31.23
CA SER A 291 -35.18 13.27 30.01
C SER A 291 -36.47 14.12 29.83
N PHE A 292 -36.79 14.48 28.58
CA PHE A 292 -38.08 15.09 28.28
C PHE A 292 -39.14 14.02 28.44
N TRP A 293 -38.78 12.73 28.26
CA TRP A 293 -39.74 11.65 28.50
C TRP A 293 -39.36 10.82 29.76
N GLY A 294 -39.35 9.48 29.70
CA GLY A 294 -39.09 8.74 30.97
C GLY A 294 -40.04 9.27 32.06
N THR A 295 -39.56 9.42 33.28
CA THR A 295 -40.31 10.05 34.37
C THR A 295 -41.29 11.17 33.93
N ASN A 296 -40.82 12.11 33.09
CA ASN A 296 -41.66 13.22 32.61
C ASN A 296 -42.88 12.83 31.81
N LEU A 297 -42.75 11.80 30.99
CA LEU A 297 -43.89 11.32 30.18
C LEU A 297 -44.89 10.54 31.06
N THR A 298 -44.40 9.69 31.94
CA THR A 298 -45.26 9.08 32.98
C THR A 298 -46.16 10.15 33.69
N ILE A 299 -45.54 11.24 34.14
CA ILE A 299 -46.20 12.36 34.88
C ILE A 299 -47.18 13.08 33.97
N ALA A 300 -46.72 13.39 32.75
CA ALA A 300 -47.56 14.06 31.77
C ALA A 300 -48.85 13.25 31.53
N VAL A 301 -48.81 11.93 31.71
CA VAL A 301 -50.09 11.23 31.60
C VAL A 301 -50.91 11.35 32.91
N LEU A 302 -50.20 11.24 34.04
CA LEU A 302 -50.84 11.22 35.38
C LEU A 302 -51.53 12.55 35.72
N ASN A 303 -51.06 13.64 35.13
CA ASN A 303 -51.59 14.96 35.45
C ASN A 303 -52.56 15.44 34.34
N GLY A 304 -52.93 14.53 33.46
CA GLY A 304 -53.95 14.80 32.46
C GLY A 304 -53.52 15.62 31.24
N THR A 305 -52.22 15.94 31.11
CA THR A 305 -51.78 16.79 29.95
C THR A 305 -51.60 15.99 28.62
N VAL A 306 -51.01 14.80 28.69
CA VAL A 306 -50.91 13.92 27.55
C VAL A 306 -51.95 12.82 27.72
N PRO A 307 -52.84 12.65 26.76
CA PRO A 307 -53.87 11.60 26.87
C PRO A 307 -53.28 10.21 26.91
N GLN A 308 -53.81 9.33 27.75
CA GLN A 308 -53.41 7.96 27.73
C GLN A 308 -53.37 7.38 26.29
N TRP A 309 -54.32 7.73 25.43
CA TRP A 309 -54.40 7.16 24.09
C TRP A 309 -53.17 7.47 23.23
N ARG A 310 -52.54 8.60 23.51
CA ARG A 310 -51.37 9.05 22.79
C ARG A 310 -50.17 8.21 23.15
N VAL A 311 -49.86 8.10 24.46
CA VAL A 311 -48.84 7.12 24.94
C VAL A 311 -49.15 5.66 24.52
N ASP A 312 -50.38 5.20 24.69
CA ASP A 312 -50.73 3.83 24.18
C ASP A 312 -50.43 3.70 22.70
N ASP A 313 -50.73 4.74 21.93
CA ASP A 313 -50.43 4.74 20.51
C ASP A 313 -48.90 4.64 20.17
N MET A 314 -48.04 5.35 20.93
CA MET A 314 -46.59 5.22 20.85
C MET A 314 -46.14 3.73 21.02
N ALA A 315 -46.62 3.13 22.11
CA ALA A 315 -46.34 1.74 22.44
C ALA A 315 -46.83 0.77 21.36
N VAL A 316 -48.04 0.98 20.86
CA VAL A 316 -48.56 0.11 19.80
C VAL A 316 -47.77 0.24 18.51
N ARG A 317 -47.34 1.47 18.16
CA ARG A 317 -46.58 1.60 16.92
C ARG A 317 -45.16 0.93 17.00
N ILE A 318 -44.53 0.97 18.19
CA ILE A 318 -43.20 0.46 18.49
C ILE A 318 -43.34 -1.07 18.47
N MET A 319 -44.23 -1.60 19.28
CA MET A 319 -44.51 -3.02 19.25
C MET A 319 -44.92 -3.49 17.88
N ALA A 320 -45.70 -2.68 17.16
CA ALA A 320 -46.16 -3.16 15.86
C ALA A 320 -44.98 -3.26 14.86
N ALA A 321 -44.05 -2.28 14.91
CA ALA A 321 -42.90 -2.33 13.99
C ALA A 321 -42.05 -3.57 14.31
N TYR A 322 -41.89 -3.85 15.59
CA TYR A 322 -41.13 -4.98 16.10
C TYR A 322 -41.74 -6.32 15.67
N TYR A 323 -43.05 -6.50 15.85
CA TYR A 323 -43.69 -7.75 15.37
C TYR A 323 -43.70 -7.83 13.85
N LYS A 324 -43.91 -6.70 13.17
CA LYS A 324 -43.99 -6.67 11.72
C LYS A 324 -42.77 -7.33 11.03
N VAL A 325 -41.57 -7.07 11.54
CA VAL A 325 -40.38 -7.70 10.95
C VAL A 325 -40.07 -9.10 11.54
N GLY A 326 -40.96 -9.57 12.42
CA GLY A 326 -40.72 -10.75 13.23
C GLY A 326 -39.52 -10.68 14.15
N ARG A 327 -39.17 -9.49 14.64
CA ARG A 327 -38.00 -9.38 15.52
C ARG A 327 -38.11 -10.30 16.74
N ASP A 328 -39.33 -10.62 17.17
CA ASP A 328 -39.52 -11.39 18.39
C ASP A 328 -38.98 -12.82 18.19
N ARG A 329 -39.08 -13.35 16.97
CA ARG A 329 -38.65 -14.69 16.72
C ARG A 329 -37.14 -14.74 16.58
N LEU A 330 -36.45 -13.59 16.60
CA LEU A 330 -35.01 -13.59 16.41
C LEU A 330 -34.23 -12.99 17.55
N TYR A 331 -34.96 -12.55 18.57
CA TYR A 331 -34.36 -11.71 19.62
C TYR A 331 -33.17 -12.37 20.33
N GLN A 332 -32.12 -11.60 20.57
CA GLN A 332 -31.08 -11.93 21.53
C GLN A 332 -30.48 -10.56 21.94
N PRO A 333 -29.96 -10.43 23.17
CA PRO A 333 -29.36 -9.15 23.57
C PRO A 333 -28.17 -8.80 22.67
N PRO A 334 -27.82 -7.52 22.54
CA PRO A 334 -26.71 -7.23 21.67
C PRO A 334 -25.48 -7.94 22.21
N ASN A 335 -24.73 -8.61 21.31
CA ASN A 335 -23.64 -9.45 21.74
C ASN A 335 -22.30 -8.73 21.49
N PHE A 336 -22.35 -7.42 21.35
CA PHE A 336 -21.15 -6.59 21.21
C PHE A 336 -21.45 -5.34 22.02
N SER A 337 -20.43 -4.51 22.25
CA SER A 337 -20.62 -3.19 22.78
C SER A 337 -20.14 -2.15 21.78
N SER A 338 -20.90 -1.06 21.62
CA SER A 338 -20.44 0.06 20.75
C SER A 338 -19.32 0.86 21.40
N TRP A 339 -19.06 0.69 22.68
CA TRP A 339 -18.22 1.65 23.44
C TRP A 339 -16.80 1.18 23.72
N THR A 340 -16.57 -0.12 23.55
CA THR A 340 -15.29 -0.71 23.85
C THR A 340 -15.23 -2.00 23.07
N ARG A 341 -14.00 -2.44 22.80
CA ARG A 341 -13.78 -3.72 22.10
C ARG A 341 -13.30 -4.78 23.07
N ASP A 342 -13.18 -4.41 24.35
CA ASP A 342 -12.78 -5.43 25.36
C ASP A 342 -13.81 -6.56 25.47
N GLU A 343 -13.31 -7.75 25.79
CA GLU A 343 -14.18 -8.86 26.03
C GLU A 343 -15.08 -8.57 27.29
N TYR A 344 -14.46 -8.10 28.37
CA TYR A 344 -15.10 -7.96 29.66
C TYR A 344 -15.14 -6.47 30.00
N GLY A 345 -16.18 -6.05 30.73
CA GLY A 345 -16.32 -4.64 31.11
C GLY A 345 -17.54 -4.49 32.00
N PHE A 346 -17.67 -3.32 32.62
CA PHE A 346 -18.88 -2.99 33.34
C PHE A 346 -20.07 -2.93 32.35
N LYS A 347 -21.20 -3.48 32.78
CA LYS A 347 -22.42 -3.56 31.98
C LYS A 347 -22.90 -2.22 31.47
N TYR A 348 -22.72 -1.16 32.27
CA TYR A 348 -23.22 0.18 31.95
C TYR A 348 -22.02 1.03 31.72
N PHE A 349 -21.68 1.15 30.42
CA PHE A 349 -20.40 1.71 30.02
C PHE A 349 -20.16 3.11 30.61
N TYR A 350 -21.03 4.07 30.32
CA TYR A 350 -20.72 5.46 30.61
C TYR A 350 -20.30 5.67 32.10
N PRO A 351 -21.17 5.32 33.09
CA PRO A 351 -20.77 5.47 34.49
C PRO A 351 -19.83 4.36 35.03
N GLN A 352 -19.54 3.32 34.23
CA GLN A 352 -18.77 2.15 34.66
C GLN A 352 -19.41 1.40 35.89
N GLU A 353 -20.67 0.99 35.74
CA GLU A 353 -21.42 0.41 36.84
C GLU A 353 -22.12 -0.86 36.40
N GLY A 354 -22.69 -1.60 37.35
CA GLY A 354 -23.32 -2.84 37.02
C GLY A 354 -22.35 -3.99 37.18
N PRO A 355 -22.84 -5.19 36.95
CA PRO A 355 -22.02 -6.40 36.95
C PRO A 355 -20.83 -6.23 36.04
N TYR A 356 -19.67 -6.69 36.47
CA TYR A 356 -18.53 -6.76 35.58
C TYR A 356 -18.61 -8.09 34.85
N GLU A 357 -18.80 -8.04 33.54
CA GLU A 357 -19.20 -9.26 32.84
C GLU A 357 -18.74 -9.15 31.38
N LYS A 358 -19.04 -10.18 30.60
CA LYS A 358 -18.85 -10.19 29.14
C LYS A 358 -19.74 -9.12 28.43
N VAL A 359 -19.08 -8.19 27.75
CA VAL A 359 -19.73 -7.14 26.96
C VAL A 359 -19.47 -7.41 25.43
N ASN A 360 -18.49 -8.25 25.08
CA ASN A 360 -18.19 -8.58 23.66
C ASN A 360 -18.07 -10.09 23.39
N HIS A 361 -18.79 -10.58 22.39
CA HIS A 361 -18.71 -11.99 22.01
C HIS A 361 -17.94 -12.24 20.70
N PHE A 362 -17.52 -11.17 20.04
CA PHE A 362 -16.73 -11.21 18.81
C PHE A 362 -17.43 -12.08 17.78
N VAL A 363 -18.73 -11.89 17.60
CA VAL A 363 -19.45 -12.78 16.67
C VAL A 363 -19.14 -12.35 15.23
N ASN A 364 -18.65 -13.31 14.44
CA ASN A 364 -18.37 -13.08 13.01
C ASN A 364 -19.65 -13.16 12.19
N VAL A 365 -20.17 -12.01 11.76
CA VAL A 365 -21.49 -11.95 11.08
C VAL A 365 -21.37 -11.78 9.56
N GLN A 366 -20.15 -11.83 9.01
CA GLN A 366 -19.91 -11.36 7.64
C GLN A 366 -20.35 -12.34 6.56
N ARG A 367 -20.35 -13.65 6.84
CA ARG A 367 -20.66 -14.64 5.85
C ARG A 367 -19.78 -14.41 4.61
N ASN A 368 -20.36 -14.53 3.42
CA ASN A 368 -19.64 -14.22 2.20
C ASN A 368 -20.18 -12.87 1.64
N HIS A 369 -20.58 -11.97 2.52
CA HIS A 369 -21.11 -10.66 2.07
C HIS A 369 -20.14 -9.81 1.27
N SER A 370 -18.85 -10.13 1.30
CA SER A 370 -17.88 -9.44 0.47
C SER A 370 -18.20 -9.55 -1.02
N GLU A 371 -18.92 -10.62 -1.40
CA GLU A 371 -19.34 -10.88 -2.80
C GLU A 371 -20.34 -9.85 -3.22
N VAL A 372 -21.40 -9.68 -2.46
CA VAL A 372 -22.38 -8.67 -2.88
C VAL A 372 -21.69 -7.29 -2.88
N ILE A 373 -20.72 -7.10 -1.96
CA ILE A 373 -20.01 -5.80 -1.87
C ILE A 373 -19.11 -5.56 -3.14
N ARG A 374 -18.31 -6.59 -3.47
CA ARG A 374 -17.50 -6.57 -4.67
C ARG A 374 -18.34 -6.32 -5.95
N LYS A 375 -19.40 -7.11 -6.10
CA LYS A 375 -20.34 -6.91 -7.20
C LYS A 375 -20.98 -5.51 -7.23
N LEU A 376 -21.54 -5.05 -6.14
CA LEU A 376 -22.17 -3.74 -6.17
C LEU A 376 -21.15 -2.59 -6.42
N GLY A 377 -19.92 -2.74 -5.94
CA GLY A 377 -18.90 -1.71 -6.16
C GLY A 377 -18.67 -1.68 -7.67
N ALA A 378 -18.67 -2.84 -8.27
CA ALA A 378 -18.30 -2.91 -9.69
C ALA A 378 -19.46 -2.30 -10.51
N ASP A 379 -20.71 -2.63 -10.13
CA ASP A 379 -21.92 -2.22 -10.83
C ASP A 379 -22.34 -0.76 -10.52
N SER A 380 -21.54 -0.06 -9.72
CA SER A 380 -21.79 1.33 -9.38
C SER A 380 -20.62 2.15 -9.88
N THR A 381 -19.69 1.54 -10.63
CA THR A 381 -18.64 2.30 -11.21
C THR A 381 -19.12 2.90 -12.51
N VAL A 382 -19.33 4.21 -12.54
CA VAL A 382 -19.81 4.93 -13.75
C VAL A 382 -18.67 5.27 -14.73
N LEU A 383 -18.79 4.76 -15.97
CA LEU A 383 -17.78 5.04 -17.01
C LEU A 383 -18.23 6.34 -17.68
N LEU A 384 -17.53 7.43 -17.40
CA LEU A 384 -18.04 8.77 -17.82
C LEU A 384 -17.49 9.11 -19.22
N LYS A 385 -16.27 8.63 -19.47
CA LYS A 385 -15.58 8.88 -20.72
C LYS A 385 -14.79 7.58 -21.04
N ASN A 386 -14.74 7.23 -22.32
CA ASN A 386 -13.87 6.13 -22.77
C ASN A 386 -13.59 6.28 -24.27
N ASN A 387 -12.38 6.74 -24.63
CA ASN A 387 -11.94 6.79 -26.03
C ASN A 387 -11.25 5.51 -26.43
N ASN A 388 -11.98 4.44 -26.33
CA ASN A 388 -11.44 3.13 -26.68
C ASN A 388 -10.12 2.82 -25.89
N ALA A 389 -10.11 3.22 -24.62
CA ALA A 389 -8.99 3.07 -23.70
C ALA A 389 -9.26 1.83 -22.87
N LEU A 390 -10.54 1.55 -22.64
CA LEU A 390 -10.97 0.50 -21.65
C LEU A 390 -11.92 -0.42 -22.35
N PRO A 391 -11.93 -1.73 -21.99
CA PRO A 391 -11.12 -2.36 -20.90
C PRO A 391 -9.62 -2.54 -21.23
N LEU A 392 -8.83 -2.56 -20.17
CA LEU A 392 -7.46 -2.97 -20.24
C LEU A 392 -7.39 -4.46 -20.62
N THR A 393 -6.30 -4.92 -21.21
CA THR A 393 -6.26 -6.34 -21.60
C THR A 393 -5.36 -7.16 -20.70
N GLY A 394 -4.56 -6.47 -19.89
CA GLY A 394 -3.48 -7.11 -19.12
C GLY A 394 -2.18 -7.24 -19.93
N LYS A 395 -2.19 -6.88 -21.21
CA LYS A 395 -0.95 -6.90 -21.98
C LYS A 395 -0.18 -5.56 -21.90
N GLU A 396 -0.68 -4.60 -21.12
CA GLU A 396 0.01 -3.35 -20.90
C GLU A 396 1.38 -3.62 -20.23
N ARG A 397 2.44 -3.12 -20.85
CA ARG A 397 3.80 -3.41 -20.45
C ARG A 397 4.15 -2.77 -19.15
N LYS A 398 3.73 -1.51 -18.93
CA LYS A 398 4.12 -0.81 -17.73
C LYS A 398 2.94 0.06 -17.28
N VAL A 399 2.45 -0.18 -16.08
CA VAL A 399 1.25 0.44 -15.59
C VAL A 399 1.63 1.41 -14.46
N ALA A 400 1.19 2.67 -14.57
CA ALA A 400 1.44 3.62 -13.50
C ALA A 400 0.18 3.95 -12.74
N ILE A 401 0.17 3.56 -11.49
CA ILE A 401 -0.91 3.82 -10.54
C ILE A 401 -0.54 5.12 -9.78
N LEU A 402 -1.34 6.18 -9.95
CA LEU A 402 -0.93 7.49 -9.57
C LEU A 402 -1.98 8.13 -8.73
N GLY A 403 -1.63 8.49 -7.49
CA GLY A 403 -2.48 9.26 -6.60
C GLY A 403 -2.66 8.60 -5.24
N GLU A 404 -2.68 9.44 -4.23
CA GLU A 404 -2.95 8.98 -2.89
C GLU A 404 -4.17 8.07 -2.77
N ASP A 405 -5.26 8.51 -3.42
CA ASP A 405 -6.50 7.72 -3.45
C ASP A 405 -6.36 6.27 -3.98
N ALA A 406 -5.18 5.88 -4.48
CA ALA A 406 -5.00 4.45 -4.91
C ALA A 406 -4.47 3.62 -3.74
N GLY A 407 -3.83 4.30 -2.77
CA GLY A 407 -3.09 3.64 -1.71
C GLY A 407 -3.77 3.47 -0.34
N SER A 408 -2.97 3.10 0.64
CA SER A 408 -3.47 2.72 1.94
C SER A 408 -3.54 3.96 2.82
N ASN A 409 -4.53 3.97 3.72
CA ASN A 409 -4.48 4.89 4.86
C ASN A 409 -3.35 4.45 5.80
N SER A 410 -2.32 5.24 5.95
CA SER A 410 -1.16 4.86 6.77
C SER A 410 -1.49 4.66 8.26
N TYR A 411 -2.70 5.04 8.70
CA TYR A 411 -3.14 4.90 10.09
C TYR A 411 -3.96 3.61 10.17
N GLY A 412 -4.05 2.86 9.06
CA GLY A 412 -4.77 1.57 8.97
C GLY A 412 -6.15 1.94 8.44
N ALA A 413 -6.87 1.01 7.82
CA ALA A 413 -8.13 1.39 7.18
C ALA A 413 -9.15 2.08 8.11
N ASN A 414 -9.15 1.71 9.40
CA ASN A 414 -10.03 2.25 10.45
C ASN A 414 -9.34 3.31 11.38
N GLY A 415 -8.16 3.78 10.98
CA GLY A 415 -7.31 4.57 11.86
C GLY A 415 -7.77 5.99 12.06
N CYS A 416 -8.81 6.44 11.34
CA CYS A 416 -9.41 7.69 11.67
C CYS A 416 -10.77 7.38 12.28
N SER A 417 -11.00 7.85 13.49
CA SER A 417 -12.27 7.74 14.18
C SER A 417 -13.47 8.18 13.27
N ASP A 418 -14.50 7.34 13.17
CA ASP A 418 -15.63 7.67 12.29
C ASP A 418 -15.23 8.08 10.87
N ARG A 419 -14.08 7.57 10.39
CA ARG A 419 -13.52 7.84 9.06
C ARG A 419 -13.24 9.32 8.88
N GLY A 420 -13.00 10.05 9.99
CA GLY A 420 -12.76 11.53 9.92
C GLY A 420 -11.41 11.97 9.37
N CYS A 421 -11.02 11.49 8.18
CA CYS A 421 -9.87 12.01 7.44
C CYS A 421 -10.06 11.60 5.98
N ASP A 422 -9.26 12.16 5.07
CA ASP A 422 -9.27 11.70 3.70
C ASP A 422 -7.88 11.14 3.34
N ASN A 423 -7.46 10.08 4.01
CA ASN A 423 -6.09 9.57 3.81
C ASN A 423 -6.11 8.29 3.07
N GLY A 424 -5.30 8.19 2.02
CA GLY A 424 -5.33 6.93 1.25
C GLY A 424 -6.66 6.80 0.52
N THR A 425 -7.02 5.59 0.10
CA THR A 425 -8.13 5.44 -0.83
C THR A 425 -9.43 5.78 -0.14
N LEU A 426 -10.34 6.48 -0.85
CA LEU A 426 -11.59 6.87 -0.21
C LEU A 426 -12.67 5.82 -0.50
N ALA A 427 -13.09 5.05 0.52
CA ALA A 427 -14.08 3.99 0.35
C ALA A 427 -15.30 4.21 1.27
N MET A 428 -15.16 5.21 2.15
CA MET A 428 -16.22 5.48 3.13
C MET A 428 -16.01 6.87 3.61
N ALA A 429 -17.09 7.65 3.67
CA ALA A 429 -17.02 9.03 4.08
C ALA A 429 -17.26 9.06 5.59
N TRP A 430 -17.45 10.24 6.20
CA TRP A 430 -17.24 10.29 7.65
C TRP A 430 -18.51 10.59 8.43
N GLY A 431 -18.53 10.24 9.72
CA GLY A 431 -19.63 10.57 10.62
C GLY A 431 -20.28 9.32 11.17
N SER A 432 -21.58 9.43 11.43
CA SER A 432 -22.29 8.28 12.01
C SER A 432 -22.64 7.26 10.90
N GLY A 433 -22.55 7.61 9.63
CA GLY A 433 -22.94 6.71 8.56
C GLY A 433 -21.83 5.74 8.17
N THR A 434 -21.13 5.17 9.14
CA THR A 434 -19.92 4.46 8.90
C THR A 434 -19.94 3.10 9.64
N ALA A 435 -19.02 2.24 9.25
CA ALA A 435 -18.89 0.91 9.82
C ALA A 435 -17.39 0.69 9.93
N GLU A 436 -16.93 -0.11 10.88
CA GLU A 436 -15.50 -0.52 10.85
C GLU A 436 -15.24 -1.50 9.68
N PHE A 437 -14.32 -1.18 8.78
CA PHE A 437 -13.93 -2.17 7.76
C PHE A 437 -13.39 -3.43 8.40
N PRO A 438 -13.71 -4.62 7.85
CA PRO A 438 -13.00 -5.81 8.30
C PRO A 438 -11.54 -5.86 7.72
N TYR A 439 -11.35 -5.10 6.63
CA TYR A 439 -10.14 -5.04 5.79
C TYR A 439 -10.48 -3.98 4.71
N LEU A 440 -9.50 -3.52 3.92
CA LEU A 440 -9.90 -2.71 2.75
C LEU A 440 -8.92 -2.97 1.66
N VAL A 441 -9.42 -3.53 0.59
CA VAL A 441 -8.59 -3.80 -0.57
C VAL A 441 -8.46 -2.43 -1.32
N THR A 442 -7.27 -1.85 -1.38
CA THR A 442 -7.00 -0.68 -2.22
C THR A 442 -6.88 -0.93 -3.75
N PRO A 443 -7.13 0.11 -4.55
CA PRO A 443 -6.88 -0.01 -6.00
C PRO A 443 -5.40 -0.38 -6.23
N GLU A 444 -4.51 0.19 -5.41
CA GLU A 444 -3.11 -0.16 -5.56
C GLU A 444 -2.93 -1.69 -5.50
N GLN A 445 -3.43 -2.34 -4.46
CA GLN A 445 -3.31 -3.81 -4.29
C GLN A 445 -3.87 -4.63 -5.44
N ALA A 446 -5.10 -4.27 -5.84
CA ALA A 446 -5.81 -5.07 -6.78
C ALA A 446 -5.24 -4.87 -8.19
N ILE A 447 -4.94 -3.62 -8.56
CA ILE A 447 -4.36 -3.36 -9.90
C ILE A 447 -2.93 -3.94 -9.96
N GLN A 448 -2.09 -3.77 -8.93
CA GLN A 448 -0.78 -4.39 -8.94
C GLN A 448 -0.83 -5.95 -9.09
N ALA A 449 -1.72 -6.60 -8.34
CA ALA A 449 -1.92 -8.06 -8.39
C ALA A 449 -2.31 -8.48 -9.83
N GLU A 450 -3.23 -7.71 -10.45
CA GLU A 450 -3.64 -7.99 -11.82
C GLU A 450 -2.48 -7.95 -12.81
N VAL A 451 -1.69 -6.87 -12.77
CA VAL A 451 -0.53 -6.68 -13.66
C VAL A 451 0.45 -7.83 -13.50
N LEU A 452 0.74 -8.20 -12.25
CA LEU A 452 1.73 -9.23 -11.92
C LEU A 452 1.24 -10.60 -12.38
N LYS A 453 -0.06 -10.80 -12.35
CA LYS A 453 -0.65 -12.01 -12.92
C LYS A 453 -0.28 -12.17 -14.44
N HIS A 454 -0.04 -11.07 -15.13
CA HIS A 454 0.33 -11.09 -16.53
C HIS A 454 1.82 -10.81 -16.74
N LYS A 455 2.61 -10.79 -15.67
CA LYS A 455 4.06 -10.52 -15.77
C LYS A 455 4.39 -9.10 -16.29
N GLY A 456 3.48 -8.15 -16.08
CA GLY A 456 3.82 -6.81 -16.50
C GLY A 456 4.59 -6.08 -15.40
N SER A 457 4.79 -4.77 -15.63
CA SER A 457 5.55 -3.97 -14.72
C SER A 457 4.62 -2.88 -14.17
N VAL A 458 4.77 -2.53 -12.89
CA VAL A 458 3.74 -1.70 -12.23
C VAL A 458 4.29 -1.02 -10.98
N TYR A 459 3.83 0.19 -10.72
CA TYR A 459 4.22 0.94 -9.52
C TYR A 459 3.04 1.81 -9.08
N ALA A 460 3.01 2.13 -7.77
CA ALA A 460 2.06 3.14 -7.28
C ALA A 460 2.79 4.32 -6.74
N ILE A 461 2.40 5.50 -7.16
CA ILE A 461 2.99 6.71 -6.52
C ILE A 461 1.82 7.33 -5.80
N THR A 462 1.94 7.50 -4.51
CA THR A 462 0.76 7.91 -3.75
C THR A 462 0.93 9.20 -2.94
N ASP A 463 1.93 10.03 -3.22
CA ASP A 463 2.03 11.36 -2.64
C ASP A 463 1.72 12.38 -3.76
N ASN A 464 0.60 13.09 -3.63
CA ASN A 464 0.10 13.92 -4.72
C ASN A 464 0.91 15.16 -5.03
N TRP A 465 1.95 15.41 -4.25
CA TRP A 465 2.88 16.49 -4.57
C TRP A 465 4.24 15.91 -4.96
N ALA A 466 4.32 14.61 -5.18
CA ALA A 466 5.58 14.07 -5.78
C ALA A 466 5.52 14.14 -7.28
N LEU A 467 5.26 15.34 -7.81
CA LEU A 467 5.01 15.48 -9.26
C LEU A 467 6.21 15.15 -10.15
N SER A 468 7.38 15.43 -9.63
CA SER A 468 8.59 15.06 -10.31
C SER A 468 8.61 13.55 -10.63
N GLN A 469 8.31 12.72 -9.61
CA GLN A 469 8.27 11.28 -9.80
C GLN A 469 7.07 10.90 -10.66
N VAL A 470 5.93 11.58 -10.49
CA VAL A 470 4.77 11.34 -11.38
C VAL A 470 5.10 11.50 -12.88
N GLU A 471 5.72 12.62 -13.24
CA GLU A 471 6.04 12.92 -14.67
C GLU A 471 7.04 11.92 -15.20
N THR A 472 8.03 11.57 -14.39
CA THR A 472 9.07 10.68 -14.88
C THR A 472 8.45 9.32 -15.18
N LEU A 473 7.53 8.89 -14.34
CA LEU A 473 6.92 7.57 -14.52
C LEU A 473 5.85 7.57 -15.66
N ALA A 474 5.06 8.64 -15.71
CA ALA A 474 3.99 8.75 -16.66
C ALA A 474 4.60 8.63 -18.07
N LYS A 475 5.79 9.20 -18.26
CA LYS A 475 6.51 9.12 -19.53
C LYS A 475 6.91 7.71 -19.94
N GLN A 476 6.94 6.75 -19.03
CA GLN A 476 7.48 5.46 -19.41
C GLN A 476 6.36 4.45 -19.45
N ALA A 477 5.14 4.92 -19.15
CA ALA A 477 4.04 3.98 -18.89
C ALA A 477 3.30 3.69 -20.18
N SER A 478 2.59 2.58 -20.25
CA SER A 478 1.66 2.28 -21.36
C SER A 478 0.28 2.89 -21.06
N VAL A 479 -0.05 3.00 -19.77
CA VAL A 479 -1.29 3.57 -19.28
C VAL A 479 -1.00 4.13 -17.88
N SER A 480 -1.50 5.34 -17.61
CA SER A 480 -1.47 5.93 -16.28
C SER A 480 -2.87 5.91 -15.70
N LEU A 481 -3.07 5.21 -14.56
CA LEU A 481 -4.34 5.18 -13.84
C LEU A 481 -4.22 6.22 -12.71
N VAL A 482 -4.92 7.36 -12.83
CA VAL A 482 -4.79 8.45 -11.84
C VAL A 482 -5.99 8.48 -10.92
N PHE A 483 -5.73 8.40 -9.62
CA PHE A 483 -6.75 8.34 -8.59
C PHE A 483 -6.90 9.63 -7.79
N VAL A 484 -8.13 10.11 -7.74
CA VAL A 484 -8.45 11.39 -7.04
C VAL A 484 -9.75 11.29 -6.24
N ASN A 485 -9.92 12.13 -5.23
CA ASN A 485 -11.13 12.01 -4.42
C ASN A 485 -11.62 13.38 -3.92
N SER A 486 -12.82 13.38 -3.35
CA SER A 486 -13.37 14.56 -2.68
C SER A 486 -14.30 13.99 -1.59
N ASP A 487 -14.07 14.42 -0.34
CA ASP A 487 -14.67 13.78 0.85
C ASP A 487 -15.67 14.74 1.49
N ALA A 488 -16.48 14.24 2.42
CA ALA A 488 -17.47 15.04 3.19
C ALA A 488 -18.06 14.11 4.21
N GLY A 489 -18.87 14.68 5.08
CA GLY A 489 -19.47 13.88 6.13
C GLY A 489 -20.43 14.63 7.01
N GLU A 490 -20.80 14.02 8.16
CA GLU A 490 -21.73 14.61 9.08
C GLU A 490 -21.05 15.84 9.75
N GLY A 491 -21.80 16.92 9.99
CA GLY A 491 -21.22 18.16 10.53
C GLY A 491 -20.47 18.15 11.87
N TYR A 492 -20.61 17.10 12.67
CA TYR A 492 -19.86 17.06 13.93
C TYR A 492 -18.36 16.82 13.74
N ILE A 493 -17.92 16.51 12.51
CA ILE A 493 -16.51 16.31 12.22
C ILE A 493 -16.10 17.28 11.14
N SER A 494 -14.97 17.96 11.37
CA SER A 494 -14.37 18.89 10.40
C SER A 494 -13.04 18.31 9.88
N VAL A 495 -12.92 18.11 8.59
CA VAL A 495 -11.63 17.69 8.01
C VAL A 495 -11.13 18.84 7.12
N ASP A 496 -9.94 19.35 7.40
CA ASP A 496 -9.32 20.44 6.65
C ASP A 496 -10.28 21.63 6.56
N GLY A 497 -10.98 21.90 7.66
CA GLY A 497 -11.94 22.97 7.66
C GLY A 497 -13.23 22.75 6.91
N ASN A 498 -13.44 21.54 6.34
CA ASN A 498 -14.75 21.18 5.76
C ASN A 498 -15.68 20.70 6.91
N GLU A 499 -16.65 21.52 7.33
CA GLU A 499 -17.45 21.20 8.50
C GLU A 499 -18.67 20.42 8.08
N GLY A 500 -18.43 19.14 7.76
CA GLY A 500 -19.49 18.25 7.28
C GLY A 500 -19.61 18.50 5.78
N ASP A 501 -20.37 19.54 5.45
CA ASP A 501 -20.50 20.03 4.05
C ASP A 501 -19.11 20.26 3.45
N ARG A 502 -18.91 19.92 2.19
CA ARG A 502 -17.69 20.31 1.45
C ARG A 502 -17.67 21.86 1.22
N ASN A 503 -16.51 22.46 1.41
CA ASN A 503 -16.33 23.84 1.03
C ASN A 503 -16.31 24.11 -0.47
N ASN A 504 -15.93 23.10 -1.27
CA ASN A 504 -16.00 23.27 -2.71
C ASN A 504 -16.18 21.88 -3.38
N LEU A 505 -16.21 21.89 -4.72
CA LEU A 505 -16.50 20.73 -5.51
C LEU A 505 -15.20 20.28 -6.22
N THR A 506 -14.09 20.87 -5.80
CA THR A 506 -12.76 20.69 -6.41
C THR A 506 -12.08 19.45 -5.81
N LEU A 507 -11.31 18.72 -6.62
CA LEU A 507 -10.61 17.50 -6.10
C LEU A 507 -9.70 17.88 -4.99
N TRP A 508 -9.68 17.00 -3.97
CA TRP A 508 -8.85 17.14 -2.81
C TRP A 508 -7.44 16.70 -3.08
N LYS A 509 -6.55 17.10 -2.19
CA LYS A 509 -5.14 16.73 -2.26
C LYS A 509 -4.55 16.84 -3.63
N ASN A 510 -4.62 18.05 -4.22
CA ASN A 510 -3.88 18.36 -5.48
C ASN A 510 -4.36 17.59 -6.71
N GLY A 511 -5.58 17.06 -6.63
CA GLY A 511 -6.10 16.17 -7.67
C GLY A 511 -5.94 16.73 -9.07
N ASP A 512 -6.35 17.98 -9.31
CA ASP A 512 -6.28 18.50 -10.72
C ASP A 512 -4.83 18.54 -11.22
N ASN A 513 -3.90 19.00 -10.38
CA ASN A 513 -2.51 19.11 -10.77
C ASN A 513 -1.91 17.75 -11.02
N LEU A 514 -2.39 16.74 -10.32
CA LEU A 514 -1.89 15.37 -10.47
C LEU A 514 -2.26 14.87 -11.83
N ILE A 515 -3.51 15.10 -12.21
CA ILE A 515 -4.08 14.68 -13.50
C ILE A 515 -3.31 15.37 -14.63
N LYS A 516 -3.11 16.68 -14.50
CA LYS A 516 -2.39 17.42 -15.53
C LYS A 516 -0.93 16.99 -15.61
N ALA A 517 -0.30 16.68 -14.47
CA ALA A 517 1.11 16.28 -14.46
C ALA A 517 1.19 14.97 -15.20
N ALA A 518 0.26 14.03 -14.96
CA ALA A 518 0.24 12.76 -15.72
C ALA A 518 -0.18 12.97 -17.15
N ALA A 519 -1.32 13.61 -17.41
CA ALA A 519 -1.73 13.80 -18.84
C ALA A 519 -0.73 14.56 -19.74
N ASN A 520 0.05 15.46 -19.15
CA ASN A 520 1.02 16.18 -19.94
C ASN A 520 2.11 15.18 -20.42
N ASN A 521 2.15 13.98 -19.82
CA ASN A 521 3.20 13.02 -20.14
C ASN A 521 2.87 11.62 -20.67
N CYS A 522 1.62 11.05 -20.46
CA CYS A 522 1.13 9.72 -21.01
C CYS A 522 -0.01 10.16 -21.91
N ASN A 523 -0.04 9.56 -23.09
CA ASN A 523 -1.13 9.75 -24.02
C ASN A 523 -2.23 8.75 -23.65
N ASN A 524 -2.10 8.05 -22.54
CA ASN A 524 -3.15 7.08 -22.13
C ASN A 524 -3.46 7.19 -20.62
N THR A 525 -3.96 8.37 -20.23
CA THR A 525 -4.16 8.74 -18.84
C THR A 525 -5.62 8.54 -18.57
N ILE A 526 -5.90 7.79 -17.50
CA ILE A 526 -7.24 7.30 -17.22
C ILE A 526 -7.57 7.74 -15.81
N VAL A 527 -8.67 8.49 -15.61
CA VAL A 527 -8.94 9.04 -14.25
C VAL A 527 -10.01 8.21 -13.53
N VAL A 528 -9.75 7.87 -12.25
CA VAL A 528 -10.72 7.22 -11.37
C VAL A 528 -11.03 8.17 -10.18
N ILE A 529 -12.32 8.51 -10.01
CA ILE A 529 -12.73 9.41 -8.95
C ILE A 529 -13.48 8.62 -7.86
N HIS A 530 -13.06 8.80 -6.61
CA HIS A 530 -13.85 8.30 -5.45
C HIS A 530 -14.33 9.56 -4.76
N SER A 531 -15.64 9.71 -4.59
CA SER A 531 -16.11 10.93 -3.99
C SER A 531 -17.54 10.78 -3.52
N VAL A 532 -17.98 11.75 -2.68
CA VAL A 532 -19.30 11.69 -2.03
C VAL A 532 -20.41 12.17 -2.97
N GLY A 533 -20.00 12.73 -4.12
CA GLY A 533 -20.87 13.34 -5.10
C GLY A 533 -20.08 14.00 -6.23
N PRO A 534 -20.73 14.91 -6.98
CA PRO A 534 -20.01 15.37 -8.17
C PRO A 534 -18.80 16.25 -7.82
N VAL A 535 -17.84 16.31 -8.76
CA VAL A 535 -16.69 17.13 -8.65
C VAL A 535 -16.47 17.87 -9.93
N LEU A 536 -15.73 18.96 -9.82
CA LEU A 536 -15.47 19.81 -10.96
C LEU A 536 -14.38 19.15 -11.78
N VAL A 537 -14.76 18.87 -13.01
CA VAL A 537 -13.97 18.14 -13.96
C VAL A 537 -13.48 19.07 -15.10
N ASP A 538 -14.01 20.32 -15.22
CA ASP A 538 -13.71 21.25 -16.37
C ASP A 538 -12.23 21.42 -16.75
N GLU A 539 -11.33 21.56 -15.80
CA GLU A 539 -9.91 21.71 -16.15
C GLU A 539 -9.21 20.58 -16.91
N TRP A 540 -9.75 19.36 -17.03
CA TRP A 540 -8.93 18.27 -17.58
C TRP A 540 -9.70 17.20 -18.29
N TYR A 541 -11.03 17.19 -18.21
CA TYR A 541 -11.84 16.09 -18.77
C TYR A 541 -11.72 15.96 -20.30
N ASP A 542 -11.45 17.11 -20.95
CA ASP A 542 -11.32 17.18 -22.43
C ASP A 542 -9.85 17.29 -22.83
N HIS A 543 -8.94 17.10 -21.90
CA HIS A 543 -7.52 16.94 -22.26
C HIS A 543 -7.34 15.83 -23.33
N PRO A 544 -6.57 16.08 -24.41
CA PRO A 544 -6.47 15.01 -25.43
C PRO A 544 -5.86 13.71 -24.89
N ASN A 545 -5.18 13.78 -23.75
CA ASN A 545 -4.45 12.66 -23.21
C ASN A 545 -5.21 11.88 -22.14
N VAL A 546 -6.34 12.49 -21.71
CA VAL A 546 -7.26 11.82 -20.78
C VAL A 546 -8.23 10.98 -21.61
N THR A 547 -7.93 9.69 -21.65
CA THR A 547 -8.65 8.77 -22.51
C THR A 547 -9.81 8.05 -21.88
N ALA A 548 -9.95 8.11 -20.55
CA ALA A 548 -11.13 7.48 -19.94
C ALA A 548 -11.28 8.12 -18.56
N ILE A 549 -12.50 8.14 -18.05
CA ILE A 549 -12.76 8.72 -16.70
C ILE A 549 -13.89 7.90 -16.05
N LEU A 550 -13.67 7.51 -14.79
CA LEU A 550 -14.65 6.70 -14.06
C LEU A 550 -14.94 7.36 -12.75
N TRP A 551 -16.20 7.33 -12.34
CA TRP A 551 -16.55 7.72 -10.99
C TRP A 551 -17.05 6.46 -10.27
N ALA A 552 -16.40 6.17 -9.14
CA ALA A 552 -16.64 4.92 -8.41
C ALA A 552 -17.26 5.17 -6.99
N GLY A 553 -17.57 6.41 -6.65
CA GLY A 553 -18.33 6.65 -5.38
C GLY A 553 -17.49 6.24 -4.16
N LEU A 554 -18.06 5.41 -3.28
CA LEU A 554 -17.50 5.02 -2.02
C LEU A 554 -17.76 3.52 -1.91
N PRO A 555 -16.84 2.69 -2.38
CA PRO A 555 -17.18 1.29 -2.62
C PRO A 555 -17.20 0.37 -1.45
N GLY A 556 -16.83 0.82 -0.22
CA GLY A 556 -16.72 -0.13 0.90
C GLY A 556 -15.51 -1.08 0.75
N GLN A 557 -15.52 -2.24 1.40
CA GLN A 557 -14.29 -2.99 1.73
C GLN A 557 -13.55 -3.61 0.52
N GLU A 558 -14.27 -3.84 -0.59
CA GLU A 558 -13.70 -4.55 -1.76
C GLU A 558 -13.31 -3.54 -2.87
N SER A 559 -13.11 -2.28 -2.50
CA SER A 559 -12.96 -1.20 -3.48
C SER A 559 -12.05 -1.54 -4.62
N GLY A 560 -10.81 -1.95 -4.29
CA GLY A 560 -9.83 -2.26 -5.34
C GLY A 560 -10.27 -3.38 -6.29
N ASN A 561 -10.96 -4.39 -5.77
CA ASN A 561 -11.41 -5.54 -6.57
C ASN A 561 -12.61 -5.20 -7.47
N SER A 562 -13.59 -4.48 -6.92
CA SER A 562 -14.65 -3.84 -7.71
C SER A 562 -14.09 -3.12 -8.96
N LEU A 563 -13.17 -2.19 -8.76
CA LEU A 563 -12.57 -1.43 -9.84
C LEU A 563 -11.82 -2.31 -10.86
N ALA A 564 -10.95 -3.20 -10.36
CA ALA A 564 -10.20 -4.08 -11.28
C ALA A 564 -11.18 -4.89 -12.13
N ASP A 565 -12.26 -5.37 -11.52
CA ASP A 565 -13.25 -6.12 -12.28
C ASP A 565 -13.73 -5.28 -13.45
N VAL A 566 -14.01 -4.00 -13.20
CA VAL A 566 -14.36 -3.07 -14.26
C VAL A 566 -13.22 -2.72 -15.25
N LEU A 567 -12.09 -2.26 -14.74
CA LEU A 567 -10.95 -1.92 -15.64
C LEU A 567 -10.55 -3.09 -16.56
N TYR A 568 -10.55 -4.32 -16.06
CA TYR A 568 -10.06 -5.46 -16.89
C TYR A 568 -11.19 -6.23 -17.57
N GLY A 569 -12.40 -5.64 -17.52
CA GLY A 569 -13.52 -6.12 -18.32
C GLY A 569 -14.15 -7.41 -17.87
N ARG A 570 -13.87 -7.88 -16.65
CA ARG A 570 -14.69 -8.96 -16.07
C ARG A 570 -16.15 -8.49 -15.87
N VAL A 571 -16.31 -7.21 -15.54
CA VAL A 571 -17.63 -6.62 -15.43
C VAL A 571 -17.71 -5.52 -16.49
N ASN A 572 -18.71 -5.61 -17.37
CA ASN A 572 -19.02 -4.49 -18.28
C ASN A 572 -19.67 -3.38 -17.43
N PRO A 573 -19.07 -2.16 -17.35
CA PRO A 573 -19.81 -1.22 -16.44
C PRO A 573 -21.20 -0.89 -16.95
N GLY A 574 -22.21 -0.86 -16.07
CA GLY A 574 -23.58 -0.49 -16.42
C GLY A 574 -24.14 0.67 -15.57
N ALA A 575 -23.32 1.21 -14.67
CA ALA A 575 -23.76 2.25 -13.77
C ALA A 575 -24.03 3.51 -14.56
N LYS A 576 -24.91 4.35 -14.00
CA LYS A 576 -25.33 5.61 -14.63
C LYS A 576 -25.25 6.70 -13.57
N SER A 577 -24.78 7.89 -13.93
CA SER A 577 -24.66 8.93 -12.96
C SER A 577 -26.02 9.24 -12.28
N PRO A 578 -26.10 9.15 -10.95
CA PRO A 578 -27.34 9.47 -10.21
C PRO A 578 -27.46 10.99 -9.85
N PHE A 579 -26.59 11.82 -10.43
CA PHE A 579 -26.63 13.28 -10.24
C PHE A 579 -25.89 13.98 -11.42
N THR A 580 -25.90 15.32 -11.41
CA THR A 580 -25.38 16.11 -12.52
C THR A 580 -23.91 16.52 -12.28
N TRP A 581 -23.09 16.42 -13.34
CA TRP A 581 -21.72 16.96 -13.34
C TRP A 581 -21.70 18.27 -14.06
N GLY A 582 -21.76 19.39 -13.31
CA GLY A 582 -21.77 20.69 -13.94
C GLY A 582 -20.38 21.26 -14.17
N LYS A 583 -20.31 22.37 -14.93
CA LYS A 583 -19.04 23.00 -15.22
C LYS A 583 -18.56 23.82 -14.04
N THR A 584 -19.46 24.34 -13.22
CA THR A 584 -19.06 25.22 -12.13
C THR A 584 -19.97 24.91 -10.95
N ARG A 585 -19.54 25.31 -9.75
CA ARG A 585 -20.40 25.28 -8.57
C ARG A 585 -21.69 26.04 -8.86
N GLU A 586 -21.55 27.16 -9.58
CA GLU A 586 -22.65 28.11 -9.72
C GLU A 586 -23.76 27.54 -10.60
N ALA A 587 -23.36 26.73 -11.54
CA ALA A 587 -24.31 26.08 -12.48
C ALA A 587 -25.39 25.23 -11.78
N TYR A 588 -25.13 24.77 -10.55
CA TYR A 588 -26.13 24.01 -9.75
C TYR A 588 -27.09 24.91 -8.97
N GLY A 589 -26.74 26.20 -8.83
CA GLY A 589 -27.42 27.16 -7.94
C GLY A 589 -27.43 26.57 -6.56
N ASP A 590 -28.58 26.60 -5.88
CA ASP A 590 -28.79 25.76 -4.67
C ASP A 590 -27.73 25.97 -3.57
N TYR A 591 -27.59 27.21 -3.16
CA TYR A 591 -26.61 27.58 -2.21
C TYR A 591 -26.88 27.22 -0.72
N LEU A 592 -25.85 26.60 -0.10
CA LEU A 592 -25.84 26.30 1.33
C LEU A 592 -25.76 27.60 2.13
N VAL A 593 -26.39 27.59 3.29
CA VAL A 593 -26.45 28.74 4.11
C VAL A 593 -25.23 28.54 4.98
N ARG A 594 -24.28 29.47 4.86
CA ARG A 594 -22.98 29.31 5.51
C ARG A 594 -22.65 30.48 6.40
N GLU A 595 -23.59 31.41 6.59
CA GLU A 595 -23.39 32.56 7.47
C GLU A 595 -24.68 32.80 8.23
N LEU A 596 -24.63 33.47 9.38
CA LEU A 596 -25.86 33.78 10.08
C LEU A 596 -26.69 34.79 9.27
N ASN A 597 -27.94 34.49 8.94
CA ASN A 597 -28.71 35.49 8.19
C ASN A 597 -29.95 35.94 8.93
N ASN A 598 -30.07 35.54 10.20
CA ASN A 598 -31.20 35.97 11.06
C ASN A 598 -30.64 36.31 12.44
N GLY A 599 -29.67 37.24 12.48
CA GLY A 599 -29.01 37.61 13.72
C GLY A 599 -28.42 36.38 14.40
N ASN A 600 -28.63 36.28 15.73
CA ASN A 600 -28.33 35.08 16.49
C ASN A 600 -29.51 34.15 16.64
N GLY A 601 -30.57 34.36 15.83
CA GLY A 601 -31.65 33.39 15.84
C GLY A 601 -31.28 32.20 14.95
N ALA A 602 -32.24 31.31 14.70
CA ALA A 602 -32.01 30.23 13.73
C ALA A 602 -31.79 30.80 12.33
N PRO A 603 -30.68 30.40 11.67
CA PRO A 603 -30.54 30.73 10.26
C PRO A 603 -31.75 30.20 9.49
N GLN A 604 -32.11 30.92 8.43
CA GLN A 604 -33.30 30.63 7.66
C GLN A 604 -32.76 30.17 6.34
N ASP A 605 -33.11 28.95 6.01
CA ASP A 605 -32.79 28.33 4.73
C ASP A 605 -34.06 28.26 3.85
N ASP A 606 -34.25 29.27 3.00
CA ASP A 606 -35.40 29.30 2.09
C ASP A 606 -35.19 28.49 0.84
N PHE A 607 -36.10 27.54 0.56
CA PHE A 607 -35.89 26.69 -0.64
C PHE A 607 -36.48 27.34 -1.90
N SER A 608 -36.00 28.55 -2.22
CA SER A 608 -36.56 29.40 -3.28
C SER A 608 -36.59 28.77 -4.65
N GLU A 609 -35.56 27.98 -4.96
CA GLU A 609 -35.59 27.22 -6.23
C GLU A 609 -36.77 26.27 -6.41
N GLY A 610 -37.56 26.01 -5.37
CA GLY A 610 -38.65 25.03 -5.55
C GLY A 610 -38.14 23.63 -5.91
N VAL A 611 -38.74 22.99 -6.91
CA VAL A 611 -38.36 21.62 -7.29
C VAL A 611 -37.10 21.59 -8.15
N PHE A 612 -36.56 22.77 -8.49
CA PHE A 612 -35.46 22.87 -9.47
C PHE A 612 -34.07 22.63 -8.87
N ILE A 613 -33.82 21.37 -8.50
CA ILE A 613 -32.50 20.94 -7.96
C ILE A 613 -31.87 20.03 -8.98
N ASP A 614 -30.55 19.93 -8.92
CA ASP A 614 -29.74 19.08 -9.81
C ASP A 614 -30.25 19.20 -11.26
N TYR A 615 -30.45 18.10 -11.99
CA TYR A 615 -30.77 18.21 -13.40
C TYR A 615 -32.03 19.05 -13.75
N ARG A 616 -33.06 19.01 -12.90
CA ARG A 616 -34.21 19.93 -13.10
C ARG A 616 -33.80 21.41 -13.25
N GLY A 617 -32.89 21.88 -12.36
CA GLY A 617 -32.35 23.23 -12.47
C GLY A 617 -31.47 23.44 -13.70
N PHE A 618 -30.57 22.51 -14.01
CA PHE A 618 -29.77 22.65 -15.24
C PHE A 618 -30.71 22.80 -16.41
N ASP A 619 -31.70 21.90 -16.52
CA ASP A 619 -32.63 21.94 -17.68
C ASP A 619 -33.41 23.27 -17.73
N LYS A 620 -33.92 23.75 -16.59
CA LYS A 620 -34.65 25.03 -16.54
C LYS A 620 -33.78 26.13 -17.12
N ARG A 621 -32.53 26.20 -16.67
CA ARG A 621 -31.70 27.32 -17.04
C ARG A 621 -31.05 27.12 -18.40
N ASN A 622 -31.36 26.02 -19.09
CA ASN A 622 -30.68 25.70 -20.38
C ASN A 622 -29.15 25.63 -20.18
N GLU A 623 -28.70 25.10 -19.07
CA GLU A 623 -27.27 24.93 -18.81
C GLU A 623 -26.83 23.50 -19.23
N THR A 624 -25.72 23.34 -19.96
CA THR A 624 -25.28 21.98 -20.41
C THR A 624 -24.31 21.35 -19.41
N PRO A 625 -24.74 20.25 -18.74
CA PRO A 625 -23.80 19.49 -17.87
C PRO A 625 -22.62 18.97 -18.71
N ILE A 626 -21.46 18.90 -18.08
CA ILE A 626 -20.41 18.05 -18.65
C ILE A 626 -20.92 16.64 -18.78
N TYR A 627 -21.45 16.07 -17.70
CA TYR A 627 -22.04 14.75 -17.76
C TYR A 627 -23.39 14.88 -17.09
N GLU A 628 -24.44 14.48 -17.81
CA GLU A 628 -25.83 14.65 -17.32
C GLU A 628 -26.27 13.49 -16.40
N PHE A 629 -27.28 13.76 -15.59
CA PHE A 629 -27.97 12.75 -14.75
C PHE A 629 -28.40 11.63 -15.68
N GLY A 630 -28.12 10.39 -15.34
CA GLY A 630 -28.54 9.28 -16.19
C GLY A 630 -27.38 8.85 -17.09
N HIS A 631 -26.34 9.69 -17.22
CA HIS A 631 -25.21 9.35 -18.17
C HIS A 631 -24.26 8.23 -17.67
N GLY A 632 -23.98 7.23 -18.50
CA GLY A 632 -22.97 6.20 -18.20
C GLY A 632 -22.62 5.48 -19.52
N LEU A 633 -21.33 5.24 -19.76
CA LEU A 633 -20.97 4.46 -20.93
C LEU A 633 -20.91 2.99 -20.60
N SER A 634 -20.80 2.18 -21.63
CA SER A 634 -20.63 0.73 -21.50
C SER A 634 -19.57 0.22 -22.49
N TYR A 635 -19.09 -1.02 -22.29
CA TYR A 635 -18.16 -1.59 -23.25
C TYR A 635 -18.94 -2.17 -24.44
N THR A 636 -20.25 -2.02 -24.41
CA THR A 636 -21.04 -2.37 -25.60
C THR A 636 -21.93 -1.20 -25.96
N THR A 637 -22.79 -1.35 -26.97
CA THR A 637 -23.71 -0.26 -27.34
C THR A 637 -25.14 -0.83 -27.32
N PHE A 638 -26.13 0.06 -27.17
CA PHE A 638 -27.53 -0.35 -27.09
C PHE A 638 -28.30 0.59 -27.97
N ASN A 639 -29.36 0.08 -28.56
CA ASN A 639 -30.25 0.88 -29.39
C ASN A 639 -31.69 0.80 -28.79
N TYR A 640 -32.39 1.94 -28.71
CA TYR A 640 -33.81 1.98 -28.28
C TYR A 640 -34.68 2.23 -29.48
N SER A 641 -35.74 1.44 -29.64
CA SER A 641 -36.70 1.61 -30.76
C SER A 641 -38.13 1.10 -30.38
N GLY A 642 -39.11 1.44 -31.24
CA GLY A 642 -40.47 0.89 -31.09
C GLY A 642 -41.10 1.38 -29.79
N LEU A 643 -41.11 2.71 -29.53
CA LEU A 643 -41.88 3.23 -28.40
C LEU A 643 -43.43 3.05 -28.60
N HIS A 644 -44.10 2.34 -27.69
CA HIS A 644 -45.58 2.27 -27.69
C HIS A 644 -46.23 2.64 -26.33
N ILE A 645 -47.50 3.04 -26.39
CA ILE A 645 -48.21 3.59 -25.24
C ILE A 645 -49.55 2.89 -25.27
N GLN A 646 -49.97 2.38 -24.12
CA GLN A 646 -51.24 1.78 -24.07
C GLN A 646 -52.03 2.28 -22.86
N VAL A 647 -53.23 2.82 -23.06
CA VAL A 647 -54.08 3.21 -21.91
C VAL A 647 -54.62 1.94 -21.24
N LEU A 648 -54.65 1.90 -19.91
CA LEU A 648 -55.17 0.74 -19.16
C LEU A 648 -56.51 1.03 -18.42
N ASN A 649 -57.33 -0.01 -18.12
CA ASN A 649 -58.55 0.13 -17.29
C ASN A 649 -58.14 0.10 -15.80
N ALA A 650 -58.48 1.16 -15.04
CA ALA A 650 -58.21 1.14 -13.57
C ALA A 650 -59.35 1.68 -12.68
N VAL A 656 -62.20 2.78 0.62
CA VAL A 656 -61.38 3.82 1.28
C VAL A 656 -62.24 4.66 2.21
N ALA A 657 -61.91 4.69 3.49
CA ALA A 657 -62.77 5.27 4.50
C ALA A 657 -62.72 6.81 4.47
N THR A 658 -63.77 7.47 4.94
CA THR A 658 -63.74 8.94 4.97
C THR A 658 -63.48 9.47 6.38
N GLU A 659 -63.45 8.57 7.38
CA GLU A 659 -63.25 8.93 8.81
C GLU A 659 -62.48 7.85 9.53
N THR A 660 -61.70 8.24 10.53
CA THR A 660 -60.98 7.26 11.36
C THR A 660 -61.91 6.76 12.47
N GLY A 661 -61.53 5.71 13.21
CA GLY A 661 -62.26 5.38 14.47
C GLY A 661 -61.88 6.42 15.54
N ALA A 662 -62.47 6.32 16.74
CA ALA A 662 -62.07 7.18 17.88
C ALA A 662 -60.76 6.57 18.42
N ALA A 663 -59.97 7.38 19.12
CA ALA A 663 -58.70 6.94 19.69
C ALA A 663 -58.90 5.92 20.81
N PRO A 664 -58.33 4.71 20.66
CA PRO A 664 -58.41 3.63 21.64
C PRO A 664 -57.40 3.76 22.80
N THR A 665 -57.65 3.09 23.92
CA THR A 665 -56.73 3.10 25.02
C THR A 665 -56.66 1.63 25.37
N PHE A 666 -55.48 1.13 25.72
CA PHE A 666 -55.31 -0.29 25.99
C PHE A 666 -54.73 -0.46 27.37
N GLY A 667 -55.42 -1.17 28.27
CA GLY A 667 -54.90 -1.29 29.64
C GLY A 667 -55.32 -0.05 30.44
N GLN A 668 -54.91 0.00 31.72
CA GLN A 668 -55.43 1.00 32.68
C GLN A 668 -54.27 1.81 33.27
N VAL A 669 -54.55 3.04 33.68
CA VAL A 669 -53.62 3.84 34.46
C VAL A 669 -54.15 3.89 35.89
N GLY A 670 -53.26 3.68 36.85
CA GLY A 670 -53.62 3.72 38.27
C GLY A 670 -53.11 4.96 38.94
N ASN A 671 -52.77 4.87 40.24
CA ASN A 671 -52.36 6.04 41.04
C ASN A 671 -50.88 6.33 40.81
N ALA A 672 -50.49 7.57 41.05
CA ALA A 672 -49.08 7.96 41.07
C ALA A 672 -48.17 6.96 41.88
N SER A 673 -48.67 6.48 43.01
CA SER A 673 -47.87 5.62 43.86
C SER A 673 -47.59 4.28 43.17
N ASP A 674 -48.38 3.90 42.17
CA ASP A 674 -48.01 2.72 41.36
C ASP A 674 -46.69 2.91 40.55
N TYR A 675 -46.27 4.16 40.34
CA TYR A 675 -45.16 4.51 39.42
C TYR A 675 -43.89 5.08 40.08
N VAL A 676 -43.83 4.95 41.40
CA VAL A 676 -42.70 5.40 42.20
C VAL A 676 -41.56 4.39 42.01
N TYR A 677 -40.31 4.83 42.07
CA TYR A 677 -39.20 3.85 41.97
C TYR A 677 -39.43 2.62 42.83
N PRO A 678 -39.34 1.39 42.25
CA PRO A 678 -39.43 0.19 43.05
C PRO A 678 -38.37 0.25 44.12
N GLU A 679 -38.70 -0.27 45.29
CA GLU A 679 -37.87 -0.09 46.46
C GLU A 679 -36.59 -0.93 46.43
N GLY A 680 -36.69 -2.16 45.90
CA GLY A 680 -35.50 -3.04 45.82
C GLY A 680 -34.60 -2.86 44.59
N LEU A 681 -34.56 -1.66 44.00
CA LEU A 681 -33.84 -1.41 42.73
C LEU A 681 -32.71 -0.38 42.85
N THR A 682 -31.50 -0.78 42.44
CA THR A 682 -30.34 0.14 42.43
C THR A 682 -30.41 1.03 41.19
N ARG A 683 -30.38 2.35 41.37
CA ARG A 683 -30.52 3.25 40.23
C ARG A 683 -29.15 3.58 39.62
N ILE A 684 -28.91 3.10 38.40
CA ILE A 684 -27.61 3.26 37.76
C ILE A 684 -27.37 4.75 37.45
N SER A 685 -26.19 5.31 37.70
CA SER A 685 -25.99 6.75 37.39
C SER A 685 -26.17 7.05 35.87
N LYS A 686 -26.80 8.20 35.59
CA LYS A 686 -27.13 8.67 34.25
C LYS A 686 -28.28 7.88 33.58
N PHE A 687 -28.61 6.70 34.11
CA PHE A 687 -29.60 5.81 33.49
C PHE A 687 -30.97 6.53 33.56
N ILE A 688 -31.71 6.52 32.45
CA ILE A 688 -33.05 7.12 32.36
C ILE A 688 -34.11 6.05 32.65
N TYR A 689 -34.91 6.31 33.70
CA TYR A 689 -36.04 5.45 34.09
C TYR A 689 -37.45 6.08 33.90
N PRO A 690 -38.51 5.24 33.90
CA PRO A 690 -39.87 5.80 33.71
C PRO A 690 -40.50 6.26 35.02
N TRP A 691 -39.76 6.16 36.12
CA TRP A 691 -40.31 6.19 37.49
C TRP A 691 -40.27 7.57 38.16
N LEU A 692 -41.11 7.72 39.18
CA LEU A 692 -41.19 8.98 39.91
C LEU A 692 -40.51 8.80 41.25
N ASN A 693 -39.87 9.87 41.72
CA ASN A 693 -39.28 9.89 43.05
C ASN A 693 -40.29 9.77 44.20
N SER A 694 -41.37 10.58 44.14
CA SER A 694 -42.45 10.56 45.13
C SER A 694 -43.76 10.67 44.36
N THR A 695 -44.90 10.57 45.05
CA THR A 695 -46.23 10.93 44.51
C THR A 695 -46.42 12.43 44.30
N ASP A 696 -45.49 13.28 44.76
CA ASP A 696 -45.60 14.69 44.38
C ASP A 696 -45.20 14.82 42.87
N LEU A 697 -46.16 14.94 41.96
CA LEU A 697 -45.90 15.08 40.54
C LEU A 697 -44.93 16.20 40.23
N LYS A 698 -45.25 17.40 40.71
CA LYS A 698 -44.47 18.59 40.40
C LYS A 698 -43.01 18.47 40.79
N ALA A 699 -42.73 17.89 41.96
CA ALA A 699 -41.36 17.79 42.46
C ALA A 699 -40.65 16.62 41.76
N SER A 700 -41.38 15.54 41.46
CA SER A 700 -40.83 14.38 40.75
C SER A 700 -40.33 14.72 39.32
N SER A 701 -40.99 15.69 38.71
CA SER A 701 -40.67 16.12 37.39
C SER A 701 -39.43 16.99 37.36
N GLY A 702 -39.16 17.72 38.45
CA GLY A 702 -38.19 18.83 38.41
C GLY A 702 -38.24 19.84 37.23
N ASP A 703 -39.41 20.15 36.70
CA ASP A 703 -39.46 20.93 35.48
C ASP A 703 -39.76 22.35 35.92
N PRO A 704 -38.84 23.30 35.66
CA PRO A 704 -39.06 24.67 36.07
C PRO A 704 -40.38 25.16 35.55
N TYR A 705 -40.88 24.57 34.45
CA TYR A 705 -42.12 25.03 33.86
C TYR A 705 -43.36 24.20 34.18
N TYR A 706 -43.24 23.22 35.09
CA TYR A 706 -44.37 22.37 35.52
C TYR A 706 -45.64 23.16 35.83
N GLY A 707 -46.73 22.82 35.19
CA GLY A 707 -48.03 23.41 35.47
C GLY A 707 -48.12 24.89 35.15
N VAL A 708 -47.05 25.46 34.60
CA VAL A 708 -47.07 26.84 34.09
C VAL A 708 -47.82 27.03 32.76
N ASP A 709 -48.94 27.77 32.84
CA ASP A 709 -49.79 28.15 31.69
C ASP A 709 -50.12 26.98 30.80
N THR A 710 -50.42 25.83 31.42
CA THR A 710 -50.37 24.55 30.70
C THR A 710 -51.29 24.48 29.49
N ALA A 711 -52.54 24.95 29.67
CA ALA A 711 -53.55 24.95 28.61
C ALA A 711 -53.10 25.74 27.37
N GLU A 712 -52.36 26.84 27.58
CA GLU A 712 -51.97 27.73 26.50
C GLU A 712 -50.93 27.02 25.62
N HIS A 713 -50.17 26.10 26.22
CA HIS A 713 -49.09 25.43 25.50
C HIS A 713 -49.50 24.07 24.91
N VAL A 714 -50.76 23.69 25.16
CA VAL A 714 -51.37 22.52 24.54
C VAL A 714 -52.21 23.02 23.36
N PRO A 715 -51.74 22.77 22.11
CA PRO A 715 -52.45 23.33 20.93
C PRO A 715 -53.86 22.77 20.74
N GLU A 716 -54.75 23.62 20.20
CA GLU A 716 -56.14 23.26 19.88
C GLU A 716 -56.16 21.95 19.09
N GLY A 717 -56.96 20.98 19.54
CA GLY A 717 -57.08 19.70 18.86
C GLY A 717 -56.12 18.64 19.35
N ALA A 718 -55.06 19.05 20.07
CA ALA A 718 -53.98 18.13 20.47
C ALA A 718 -54.39 16.99 21.42
N THR A 719 -55.53 17.13 22.09
CA THR A 719 -56.02 16.11 23.03
C THR A 719 -57.30 15.49 22.51
N ASP A 720 -57.68 15.87 21.30
CA ASP A 720 -58.94 15.42 20.71
C ASP A 720 -58.90 13.97 20.23
N GLY A 721 -59.41 13.03 21.05
CA GLY A 721 -59.45 11.59 20.69
C GLY A 721 -60.62 11.11 19.84
N SER A 722 -61.44 12.02 19.30
CA SER A 722 -62.62 11.61 18.56
C SER A 722 -62.30 11.27 17.08
N PRO A 723 -63.24 10.63 16.36
CA PRO A 723 -62.95 10.25 14.96
C PRO A 723 -62.56 11.47 14.15
N GLN A 724 -61.63 11.28 13.21
CA GLN A 724 -61.10 12.38 12.39
C GLN A 724 -61.44 12.21 10.91
N PRO A 725 -61.53 13.35 10.16
CA PRO A 725 -61.72 13.14 8.71
C PRO A 725 -60.51 12.47 8.07
N VAL A 726 -60.71 11.67 7.04
CA VAL A 726 -59.55 11.15 6.29
C VAL A 726 -59.15 12.20 5.24
N LEU A 727 -57.86 12.57 5.19
CA LEU A 727 -57.44 13.54 4.17
C LEU A 727 -57.70 12.99 2.77
N PRO A 728 -58.05 13.89 1.82
CA PRO A 728 -58.28 13.51 0.40
C PRO A 728 -57.10 12.68 -0.17
N ALA A 729 -55.86 13.06 0.19
CA ALA A 729 -54.66 12.43 -0.37
C ALA A 729 -54.20 11.23 0.47
N GLY A 730 -55.00 10.92 1.50
CA GLY A 730 -54.66 9.90 2.49
C GLY A 730 -55.50 8.65 2.30
N GLY A 731 -55.52 7.83 3.34
CA GLY A 731 -56.40 6.70 3.43
C GLY A 731 -55.80 5.43 2.91
N GLY A 732 -54.50 5.42 2.68
CA GLY A 732 -53.81 4.19 2.30
C GLY A 732 -52.37 4.31 2.75
N SER A 733 -51.54 3.41 2.24
CA SER A 733 -50.14 3.35 2.58
C SER A 733 -49.31 4.08 1.55
N GLY A 734 -48.75 5.22 1.95
CA GLY A 734 -48.00 6.08 1.01
C GLY A 734 -48.89 6.98 0.17
N GLY A 735 -50.08 7.23 0.72
CA GLY A 735 -51.12 8.00 0.07
C GLY A 735 -52.33 7.14 -0.31
N ASN A 736 -53.44 7.82 -0.56
CA ASN A 736 -54.64 7.23 -1.12
C ASN A 736 -54.32 6.17 -2.17
N PRO A 737 -54.95 4.98 -2.11
CA PRO A 737 -54.46 3.93 -3.01
C PRO A 737 -54.72 4.15 -4.49
N ARG A 738 -55.65 5.05 -4.79
CA ARG A 738 -55.93 5.46 -6.15
C ARG A 738 -54.69 6.06 -6.86
N LEU A 739 -53.75 6.60 -6.07
CA LEU A 739 -52.51 7.18 -6.58
C LEU A 739 -51.68 6.15 -7.25
N TYR A 740 -51.93 4.90 -6.89
CA TYR A 740 -51.14 3.77 -7.38
C TYR A 740 -51.84 2.98 -8.45
N ASP A 741 -53.03 3.42 -8.86
CA ASP A 741 -53.67 2.85 -10.07
C ASP A 741 -52.71 3.05 -11.26
N GLU A 742 -52.53 2.01 -12.07
CA GLU A 742 -51.68 2.06 -13.22
C GLU A 742 -52.49 2.56 -14.42
N LEU A 743 -52.10 3.67 -15.03
CA LEU A 743 -53.01 4.24 -16.04
C LEU A 743 -52.52 4.05 -17.45
N ILE A 744 -51.19 3.98 -17.63
CA ILE A 744 -50.59 3.82 -18.94
C ILE A 744 -49.51 2.72 -18.94
N ARG A 745 -49.49 1.86 -19.94
CA ARG A 745 -48.37 0.95 -20.16
C ARG A 745 -47.43 1.50 -21.24
N VAL A 746 -46.14 1.42 -20.95
CA VAL A 746 -45.13 1.83 -21.92
C VAL A 746 -44.25 0.64 -22.29
N SER A 747 -43.91 0.48 -23.55
CA SER A 747 -42.98 -0.53 -23.96
C SER A 747 -42.00 -0.04 -25.03
N VAL A 748 -40.79 -0.57 -25.01
CA VAL A 748 -39.78 -0.16 -25.95
C VAL A 748 -38.89 -1.37 -26.15
N THR A 749 -38.32 -1.50 -27.34
CA THR A 749 -37.33 -2.57 -27.59
C THR A 749 -35.92 -2.08 -27.31
N VAL A 750 -35.20 -2.82 -26.50
CA VAL A 750 -33.83 -2.44 -26.20
C VAL A 750 -32.96 -3.55 -26.80
N LYS A 751 -32.01 -3.15 -27.63
CA LYS A 751 -31.15 -4.12 -28.27
C LYS A 751 -29.64 -3.91 -27.98
N ASN A 752 -28.91 -5.01 -27.75
CA ASN A 752 -27.45 -4.90 -27.61
C ASN A 752 -26.83 -4.93 -29.01
N THR A 753 -26.38 -3.78 -29.51
CA THR A 753 -25.86 -3.77 -30.88
C THR A 753 -24.34 -3.89 -30.91
N GLY A 754 -23.72 -4.32 -29.80
CA GLY A 754 -22.25 -4.29 -29.71
C GLY A 754 -21.66 -5.68 -29.72
N ARG A 755 -20.40 -5.83 -29.29
CA ARG A 755 -19.70 -7.12 -29.39
C ARG A 755 -19.64 -7.90 -28.10
N VAL A 756 -20.01 -7.26 -26.98
CA VAL A 756 -19.90 -7.95 -25.66
C VAL A 756 -21.18 -7.81 -24.88
N ALA A 757 -21.44 -8.81 -24.04
CA ALA A 757 -22.56 -8.72 -23.12
C ALA A 757 -22.48 -7.49 -22.22
N GLY A 758 -23.64 -6.96 -21.87
CA GLY A 758 -23.67 -5.87 -20.90
C GLY A 758 -25.09 -5.55 -20.44
N ASP A 759 -25.19 -4.62 -19.51
CA ASP A 759 -26.45 -4.22 -18.94
C ASP A 759 -26.80 -2.89 -19.59
N ALA A 760 -28.00 -2.76 -20.09
CA ALA A 760 -28.50 -1.41 -20.37
C ALA A 760 -29.35 -0.84 -19.21
N VAL A 761 -29.41 0.48 -19.10
CA VAL A 761 -30.32 1.08 -18.15
C VAL A 761 -31.34 1.97 -18.89
N PRO A 762 -32.38 1.34 -19.47
CA PRO A 762 -33.41 2.21 -20.09
C PRO A 762 -33.98 3.21 -19.07
N GLN A 763 -34.24 4.43 -19.50
CA GLN A 763 -34.78 5.45 -18.60
C GLN A 763 -35.98 6.10 -19.22
N LEU A 764 -37.04 6.20 -18.45
CA LEU A 764 -38.35 6.71 -18.92
C LEU A 764 -38.65 8.02 -18.14
N TYR A 765 -38.67 9.13 -18.88
CA TYR A 765 -39.00 10.46 -18.34
C TYR A 765 -40.39 10.94 -18.79
N VAL A 766 -40.99 11.85 -18.04
CA VAL A 766 -42.22 12.46 -18.53
C VAL A 766 -42.09 13.97 -18.52
N SER A 767 -42.91 14.65 -19.33
CA SER A 767 -43.02 16.10 -19.28
C SER A 767 -44.44 16.17 -18.82
N LEU A 768 -44.64 16.70 -17.64
CA LEU A 768 -45.97 16.87 -17.12
C LEU A 768 -46.69 18.13 -17.68
N GLY A 769 -45.93 19.04 -18.27
CA GLY A 769 -46.48 20.28 -18.89
C GLY A 769 -46.79 21.37 -17.88
N GLY A 770 -46.98 22.59 -18.37
CA GLY A 770 -47.28 23.70 -17.48
C GLY A 770 -46.13 24.67 -17.45
N PRO A 771 -46.40 25.97 -17.24
CA PRO A 771 -45.28 26.94 -17.30
C PRO A 771 -44.23 26.78 -16.17
N ASN A 772 -44.60 26.18 -15.04
CA ASN A 772 -43.54 26.10 -14.05
C ASN A 772 -43.12 24.65 -13.68
N GLU A 773 -43.27 23.73 -14.61
CA GLU A 773 -42.85 22.33 -14.44
C GLU A 773 -41.49 22.07 -15.10
N PRO A 774 -40.64 21.28 -14.44
CA PRO A 774 -39.42 20.82 -15.17
C PRO A 774 -39.73 20.25 -16.56
N LYS A 775 -38.83 20.47 -17.52
CA LYS A 775 -38.98 19.93 -18.89
C LYS A 775 -39.13 18.40 -18.92
N VAL A 776 -38.30 17.70 -18.14
CA VAL A 776 -38.47 16.23 -17.96
C VAL A 776 -38.19 15.87 -16.51
N VAL A 777 -38.90 14.88 -16.01
CA VAL A 777 -38.66 14.31 -14.70
C VAL A 777 -38.67 12.79 -14.89
N LEU A 778 -37.75 12.11 -14.25
CA LEU A 778 -37.64 10.62 -14.32
C LEU A 778 -38.86 9.97 -13.70
N ARG A 779 -39.39 8.93 -14.33
CA ARG A 779 -40.40 8.12 -13.67
C ARG A 779 -40.07 6.68 -13.54
N LYS A 780 -39.52 6.06 -14.58
CA LYS A 780 -39.30 4.59 -14.58
C LYS A 780 -37.92 4.26 -15.12
N PHE A 781 -37.38 3.13 -14.70
CA PHE A 781 -36.08 2.65 -15.14
C PHE A 781 -35.94 1.17 -14.83
N ASP A 782 -34.98 0.50 -15.45
CA ASP A 782 -34.66 -0.85 -15.02
C ASP A 782 -33.26 -1.08 -15.57
N ARG A 783 -32.69 -2.22 -15.21
CA ARG A 783 -31.37 -2.56 -15.63
C ARG A 783 -31.46 -3.97 -16.23
N LEU A 784 -31.12 -4.07 -17.51
CA LEU A 784 -31.37 -5.27 -18.33
C LEU A 784 -30.06 -5.83 -18.92
N THR A 785 -29.83 -7.10 -18.63
CA THR A 785 -28.66 -7.79 -19.08
C THR A 785 -28.97 -8.36 -20.49
N LEU A 786 -28.10 -8.03 -21.46
CA LEU A 786 -28.27 -8.39 -22.85
C LEU A 786 -26.96 -8.93 -23.45
N LYS A 787 -27.04 -10.09 -24.08
CA LYS A 787 -25.94 -10.62 -24.88
C LYS A 787 -25.83 -9.83 -26.15
N PRO A 788 -24.66 -9.91 -26.85
CA PRO A 788 -24.50 -9.20 -28.16
C PRO A 788 -25.64 -9.56 -29.12
N SER A 789 -26.27 -8.56 -29.75
CA SER A 789 -27.46 -8.77 -30.61
C SER A 789 -28.78 -9.07 -29.94
N GLU A 790 -28.77 -9.35 -28.65
CA GLU A 790 -30.02 -9.69 -28.06
C GLU A 790 -30.92 -8.45 -27.90
N GLU A 791 -32.22 -8.70 -28.04
CA GLU A 791 -33.29 -7.71 -27.92
C GLU A 791 -34.22 -8.17 -26.83
N THR A 792 -34.91 -7.22 -26.25
CA THR A 792 -35.90 -7.50 -25.25
C THR A 792 -36.83 -6.27 -25.31
N VAL A 793 -38.07 -6.51 -24.93
CA VAL A 793 -39.10 -5.53 -24.85
C VAL A 793 -39.18 -5.11 -23.37
N TRP A 794 -38.76 -3.89 -23.07
CA TRP A 794 -38.92 -3.32 -21.76
C TRP A 794 -40.31 -2.67 -21.59
N THR A 795 -41.06 -3.10 -20.58
CA THR A 795 -42.44 -2.72 -20.36
C THR A 795 -42.53 -2.21 -18.95
N THR A 796 -43.16 -1.06 -18.74
CA THR A 796 -43.39 -0.53 -17.40
C THR A 796 -44.74 0.20 -17.42
N THR A 797 -45.16 0.71 -16.28
CA THR A 797 -46.43 1.41 -16.21
C THR A 797 -46.29 2.70 -15.46
N LEU A 798 -47.09 3.69 -15.85
CA LEU A 798 -47.17 4.96 -15.15
C LEU A 798 -48.41 4.91 -14.31
N THR A 799 -48.29 5.30 -13.04
CA THR A 799 -49.42 5.38 -12.16
C THR A 799 -50.10 6.76 -12.19
N ARG A 800 -51.17 6.91 -11.41
CA ARG A 800 -51.83 8.21 -11.36
C ARG A 800 -50.88 9.26 -10.71
N ARG A 801 -50.19 8.83 -9.65
CA ARG A 801 -49.21 9.64 -8.96
C ARG A 801 -48.15 10.10 -9.93
N ASP A 802 -47.73 9.17 -10.78
CA ASP A 802 -46.67 9.47 -11.77
C ASP A 802 -47.03 10.64 -12.69
N LEU A 803 -48.33 10.86 -12.92
CA LEU A 803 -48.79 11.82 -13.90
C LEU A 803 -49.36 13.09 -13.24
N SER A 804 -49.32 13.11 -11.92
CA SER A 804 -50.01 14.16 -11.14
C SER A 804 -49.04 15.28 -10.67
N ASN A 805 -49.60 16.43 -10.34
CA ASN A 805 -48.88 17.45 -9.64
C ASN A 805 -49.57 17.70 -8.30
N TRP A 806 -48.83 18.20 -7.31
CA TRP A 806 -49.48 18.53 -6.05
C TRP A 806 -50.29 19.86 -6.16
N ASP A 807 -51.60 19.78 -5.98
CA ASP A 807 -52.42 20.99 -6.02
C ASP A 807 -52.66 21.48 -4.57
N VAL A 808 -52.03 22.58 -4.19
CA VAL A 808 -52.12 23.07 -2.82
C VAL A 808 -53.54 23.46 -2.38
N ALA A 809 -54.35 23.98 -3.30
CA ALA A 809 -55.78 24.28 -2.98
C ALA A 809 -56.62 23.04 -2.74
N ALA A 810 -56.51 22.01 -3.59
CA ALA A 810 -57.23 20.74 -3.33
C ALA A 810 -56.65 19.99 -2.14
N GLN A 811 -55.39 20.30 -1.75
CA GLN A 811 -54.60 19.36 -0.93
C GLN A 811 -54.63 17.95 -1.50
N ASP A 812 -54.33 17.81 -2.79
CA ASP A 812 -54.37 16.50 -3.34
C ASP A 812 -53.55 16.45 -4.60
N TRP A 813 -53.26 15.22 -5.05
CA TRP A 813 -52.54 15.06 -6.29
C TRP A 813 -53.61 15.12 -7.39
N VAL A 814 -53.30 15.83 -8.47
CA VAL A 814 -54.22 16.12 -9.54
C VAL A 814 -53.48 15.92 -10.88
N ILE A 815 -54.08 15.31 -11.88
CA ILE A 815 -53.44 15.25 -13.21
C ILE A 815 -53.86 16.54 -13.92
N THR A 816 -52.94 17.48 -14.12
CA THR A 816 -53.34 18.77 -14.75
C THR A 816 -53.75 18.66 -16.22
N SER A 817 -54.44 19.69 -16.70
CA SER A 817 -54.97 19.62 -18.07
C SER A 817 -53.90 19.85 -19.18
N TYR A 818 -52.70 20.27 -18.80
CA TYR A 818 -51.59 20.43 -19.75
C TYR A 818 -51.25 19.08 -20.39
N PRO A 819 -50.99 19.05 -21.69
CA PRO A 819 -50.61 17.79 -22.40
C PRO A 819 -49.31 17.23 -21.86
N LYS A 820 -49.23 15.93 -21.64
CA LYS A 820 -48.02 15.30 -21.11
C LYS A 820 -47.37 14.48 -22.21
N LYS A 821 -46.05 14.28 -22.17
CA LYS A 821 -45.34 13.38 -23.11
C LYS A 821 -44.50 12.42 -22.33
N VAL A 822 -44.22 11.26 -22.92
CA VAL A 822 -43.24 10.31 -22.39
C VAL A 822 -42.00 10.39 -23.28
N HIS A 823 -40.80 10.30 -22.68
CA HIS A 823 -39.50 10.25 -23.40
C HIS A 823 -38.66 9.08 -22.85
N VAL A 824 -38.10 8.27 -23.73
CA VAL A 824 -37.38 7.08 -23.33
C VAL A 824 -36.02 7.12 -24.03
N GLY A 825 -34.97 6.84 -23.28
CA GLY A 825 -33.66 6.84 -23.84
C GLY A 825 -32.65 6.41 -22.83
N SER A 826 -31.42 6.92 -22.93
CA SER A 826 -30.35 6.34 -22.18
C SER A 826 -29.79 7.32 -21.15
N SER A 827 -30.25 8.58 -21.18
CA SER A 827 -29.92 9.54 -20.14
C SER A 827 -30.96 10.69 -20.14
N SER A 828 -30.87 11.64 -19.23
CA SER A 828 -31.82 12.76 -19.24
C SER A 828 -31.63 13.71 -20.41
N ARG A 829 -30.50 13.61 -21.12
CA ARG A 829 -30.27 14.39 -22.34
C ARG A 829 -30.20 13.54 -23.61
N GLN A 830 -30.29 12.21 -23.52
CA GLN A 830 -30.20 11.34 -24.68
C GLN A 830 -31.49 10.56 -24.80
N LEU A 831 -32.48 11.23 -25.38
CA LEU A 831 -33.83 10.74 -25.42
C LEU A 831 -34.29 10.73 -26.89
N PRO A 832 -33.99 9.62 -27.61
CA PRO A 832 -34.36 9.54 -29.05
C PRO A 832 -35.84 9.28 -29.27
N LEU A 833 -36.53 8.67 -28.31
CA LEU A 833 -37.95 8.24 -28.50
C LEU A 833 -38.89 9.14 -27.70
N HIS A 834 -39.97 9.66 -28.32
CA HIS A 834 -40.94 10.54 -27.67
C HIS A 834 -42.36 10.13 -28.05
N ALA A 835 -43.31 10.20 -27.11
CA ALA A 835 -44.72 10.01 -27.50
C ALA A 835 -45.62 10.93 -26.68
N ALA A 836 -46.56 11.61 -27.33
CA ALA A 836 -47.62 12.33 -26.60
C ALA A 836 -48.47 11.34 -25.78
N LEU A 837 -48.92 11.73 -24.57
CA LEU A 837 -49.86 10.86 -23.79
C LEU A 837 -51.31 11.24 -24.04
N PRO A 838 -52.25 10.26 -24.05
CA PRO A 838 -53.65 10.71 -24.17
C PRO A 838 -54.16 11.16 -22.81
N LYS A 839 -55.20 11.99 -22.83
CA LYS A 839 -55.90 12.39 -21.59
C LYS A 839 -56.26 11.13 -20.77
N VAL A 840 -55.80 11.10 -19.52
CA VAL A 840 -56.23 10.07 -18.54
C VAL A 840 -56.56 10.80 -17.24
N GLN A 841 -57.42 10.24 -16.38
CA GLN A 841 -57.60 10.79 -15.00
C GLN A 841 -57.74 9.70 -13.94
N LEU B 3 54.49 6.99 8.64
CA LEU B 3 53.33 6.53 7.76
C LEU B 3 53.55 5.14 7.11
N ALA B 4 52.52 4.30 7.08
CA ALA B 4 52.63 3.02 6.43
C ALA B 4 53.07 3.15 4.94
N PHE B 5 53.86 2.19 4.49
CA PHE B 5 54.46 2.30 3.22
C PHE B 5 54.12 1.01 2.44
N SER B 6 53.95 1.14 1.12
CA SER B 6 53.63 0.00 0.25
C SER B 6 54.85 -0.34 -0.62
N PRO B 7 55.53 -1.47 -0.34
CA PRO B 7 56.79 -1.80 -1.05
C PRO B 7 56.55 -2.08 -2.53
N PRO B 8 57.54 -1.78 -3.39
CA PRO B 8 57.26 -2.03 -4.81
C PRO B 8 57.30 -3.55 -5.16
N PHE B 9 56.52 -4.02 -6.14
CA PHE B 9 56.73 -5.33 -6.75
C PHE B 9 56.58 -5.25 -8.28
N TYR B 10 57.63 -5.65 -9.00
CA TYR B 10 57.74 -5.44 -10.45
C TYR B 10 58.68 -6.44 -11.04
N PRO B 11 58.51 -6.77 -12.33
CA PRO B 11 57.55 -6.24 -13.31
C PRO B 11 56.13 -6.73 -13.06
N SER B 12 55.17 -6.17 -13.79
CA SER B 12 53.77 -6.61 -13.76
C SER B 12 53.59 -7.93 -14.48
N PRO B 13 53.19 -8.98 -13.77
CA PRO B 13 53.28 -10.31 -14.45
C PRO B 13 52.46 -10.40 -15.70
N TRP B 14 52.98 -11.06 -16.73
CA TRP B 14 52.17 -11.17 -17.97
C TRP B 14 51.28 -12.44 -17.94
N ALA B 15 50.12 -12.43 -18.59
CA ALA B 15 49.30 -13.65 -18.70
C ALA B 15 50.11 -14.80 -19.28
N ASN B 16 49.72 -16.04 -19.00
CA ASN B 16 50.45 -17.19 -19.57
C ASN B 16 49.64 -18.43 -19.99
N GLY B 17 48.32 -18.31 -20.22
CA GLY B 17 47.50 -19.51 -20.55
C GLY B 17 47.33 -20.53 -19.41
N GLN B 18 47.45 -20.05 -18.18
CA GLN B 18 47.36 -20.93 -17.01
C GLN B 18 46.02 -21.65 -17.04
N GLY B 19 46.08 -22.97 -16.86
CA GLY B 19 44.93 -23.77 -16.40
C GLY B 19 43.76 -23.75 -17.37
N GLU B 20 42.60 -23.44 -16.84
CA GLU B 20 41.39 -23.30 -17.64
C GLU B 20 41.48 -22.10 -18.61
N TRP B 21 42.54 -21.30 -18.56
CA TRP B 21 42.68 -20.15 -19.47
C TRP B 21 43.37 -20.44 -20.80
N ALA B 22 43.83 -21.65 -21.02
CA ALA B 22 44.73 -21.95 -22.20
C ALA B 22 44.12 -21.58 -23.55
N GLU B 23 42.88 -22.01 -23.82
CA GLU B 23 42.18 -21.68 -25.05
C GLU B 23 41.88 -20.18 -25.20
N ALA B 24 41.31 -19.58 -24.15
CA ALA B 24 40.94 -18.16 -24.21
C ALA B 24 42.22 -17.36 -24.49
N TYR B 25 43.28 -17.69 -23.76
CA TYR B 25 44.60 -17.05 -23.98
C TYR B 25 45.10 -17.13 -25.44
N GLN B 26 45.12 -18.36 -25.99
CA GLN B 26 45.54 -18.54 -27.39
C GLN B 26 44.73 -17.71 -28.36
N ARG B 27 43.41 -17.67 -28.17
CA ARG B 27 42.58 -16.84 -29.05
C ARG B 27 42.83 -15.34 -28.82
N ALA B 28 42.96 -14.92 -27.58
CA ALA B 28 43.40 -13.54 -27.28
C ALA B 28 44.72 -13.15 -28.02
N VAL B 29 45.72 -14.01 -27.92
CA VAL B 29 47.02 -13.74 -28.56
C VAL B 29 46.83 -13.71 -30.09
N ALA B 30 46.00 -14.60 -30.63
CA ALA B 30 45.86 -14.63 -32.12
C ALA B 30 45.28 -13.32 -32.58
N ILE B 31 44.31 -12.76 -31.83
CA ILE B 31 43.62 -11.50 -32.31
C ILE B 31 44.42 -10.21 -31.95
N VAL B 32 45.05 -10.23 -30.77
CA VAL B 32 45.87 -9.05 -30.39
C VAL B 32 47.06 -8.88 -31.38
N SER B 33 47.59 -10.01 -31.87
CA SER B 33 48.68 -10.02 -32.84
C SER B 33 48.37 -9.29 -34.13
N GLN B 34 47.10 -9.20 -34.46
CA GLN B 34 46.67 -8.45 -35.62
C GLN B 34 46.40 -6.99 -35.33
N MET B 35 46.50 -6.56 -34.08
CA MET B 35 46.07 -5.12 -33.76
C MET B 35 47.18 -4.08 -33.89
N THR B 36 46.82 -2.88 -34.26
CA THR B 36 47.71 -1.76 -34.17
C THR B 36 47.71 -1.23 -32.70
N LEU B 37 48.75 -0.45 -32.35
CA LEU B 37 48.88 0.15 -31.03
C LEU B 37 47.61 0.90 -30.59
N ASP B 38 47.09 1.77 -31.46
CA ASP B 38 45.82 2.49 -31.11
C ASP B 38 44.58 1.60 -30.92
N GLU B 39 44.55 0.45 -31.59
CA GLU B 39 43.47 -0.49 -31.35
C GLU B 39 43.61 -1.11 -29.95
N LYS B 40 44.81 -1.56 -29.64
CA LYS B 40 45.06 -2.14 -28.35
C LYS B 40 44.68 -1.13 -27.23
N VAL B 41 45.06 0.11 -27.43
CA VAL B 41 44.80 1.17 -26.44
C VAL B 41 43.30 1.41 -26.29
N ASN B 42 42.56 1.46 -27.40
CA ASN B 42 41.07 1.36 -27.37
C ASN B 42 40.52 0.29 -26.42
N LEU B 43 41.10 -0.92 -26.42
CA LEU B 43 40.55 -1.91 -25.49
C LEU B 43 40.68 -1.49 -24.03
N THR B 44 41.67 -0.66 -23.71
CA THR B 44 42.05 -0.44 -22.32
C THR B 44 41.37 0.77 -21.69
N THR B 45 40.72 1.62 -22.49
CA THR B 45 40.29 2.93 -22.01
C THR B 45 38.82 3.19 -22.32
N GLY B 46 38.04 3.42 -21.29
CA GLY B 46 36.64 3.83 -21.43
C GLY B 46 36.57 5.06 -22.32
N THR B 47 35.40 5.35 -22.89
CA THR B 47 35.35 6.48 -23.83
C THR B 47 34.81 7.75 -23.16
N GLY B 48 34.65 7.74 -21.83
CA GLY B 48 34.35 9.00 -21.10
C GLY B 48 32.96 8.97 -20.49
N TRP B 49 32.74 9.71 -19.41
CA TRP B 49 31.55 9.50 -18.62
C TRP B 49 30.30 9.87 -19.35
N GLU B 50 29.39 8.91 -19.47
CA GLU B 50 28.09 9.11 -20.17
C GLU B 50 28.23 9.48 -21.65
N LEU B 51 29.34 9.09 -22.29
CA LEU B 51 29.50 9.29 -23.74
C LEU B 51 28.75 8.28 -24.58
N GLU B 52 28.57 7.06 -24.05
CA GLU B 52 27.93 5.96 -24.79
C GLU B 52 26.71 5.38 -24.04
N LYS B 53 26.50 4.06 -24.02
CA LYS B 53 25.30 3.53 -23.35
C LYS B 53 25.51 3.07 -21.90
N CYS B 54 26.67 2.49 -21.61
CA CYS B 54 26.84 1.82 -20.37
C CYS B 54 27.64 2.62 -19.39
N VAL B 55 27.44 2.26 -18.12
CA VAL B 55 28.11 2.89 -17.00
C VAL B 55 29.58 3.01 -17.31
N GLY B 56 30.18 1.96 -17.88
CA GLY B 56 31.54 2.04 -18.47
C GLY B 56 31.45 1.42 -19.87
N GLN B 57 32.27 1.94 -20.79
CA GLN B 57 32.23 1.46 -22.18
C GLN B 57 33.53 1.79 -22.88
N THR B 58 34.06 0.81 -23.59
CA THR B 58 35.26 0.99 -24.42
C THR B 58 34.87 1.16 -25.87
N GLY B 59 35.80 1.69 -26.67
CA GLY B 59 35.51 1.89 -28.10
C GLY B 59 35.52 0.64 -28.95
N GLY B 60 36.12 -0.44 -28.45
CA GLY B 60 36.28 -1.60 -29.29
C GLY B 60 37.36 -1.49 -30.36
N VAL B 61 37.32 -2.45 -31.28
CA VAL B 61 38.26 -2.52 -32.41
C VAL B 61 37.41 -2.75 -33.66
N PRO B 62 36.86 -1.65 -34.22
CA PRO B 62 35.90 -1.88 -35.32
C PRO B 62 36.50 -2.71 -36.46
N ARG B 63 37.74 -2.41 -36.85
CA ARG B 63 38.36 -3.06 -38.00
C ARG B 63 38.46 -4.57 -37.80
N LEU B 64 38.40 -5.03 -36.55
CA LEU B 64 38.47 -6.47 -36.30
C LEU B 64 37.16 -7.10 -35.83
N ASN B 65 36.06 -6.38 -36.00
CA ASN B 65 34.72 -6.81 -35.59
C ASN B 65 34.60 -7.04 -34.06
N ILE B 66 35.34 -6.26 -33.27
CA ILE B 66 35.23 -6.41 -31.83
C ILE B 66 34.46 -5.15 -31.37
N GLY B 67 33.24 -5.37 -30.91
CA GLY B 67 32.35 -4.29 -30.54
C GLY B 67 32.90 -3.75 -29.22
N GLY B 68 32.63 -2.46 -28.97
CA GLY B 68 33.05 -1.86 -27.70
C GLY B 68 32.50 -2.63 -26.51
N MET B 69 33.23 -2.62 -25.41
CA MET B 69 32.80 -3.46 -24.29
C MET B 69 31.95 -2.61 -23.35
N CYS B 70 30.78 -3.18 -23.05
CA CYS B 70 29.77 -2.48 -22.27
C CYS B 70 29.80 -3.09 -20.85
N LEU B 71 30.11 -2.23 -19.87
CA LEU B 71 30.25 -2.63 -18.50
C LEU B 71 29.11 -1.96 -17.72
N GLN B 72 28.32 -2.73 -16.99
CA GLN B 72 27.18 -2.21 -16.26
C GLN B 72 27.06 -2.78 -14.85
N ASP B 73 26.75 -1.90 -13.90
CA ASP B 73 26.36 -2.27 -12.54
C ASP B 73 25.10 -3.17 -12.63
N SER B 74 24.68 -3.91 -11.60
CA SER B 74 25.20 -3.90 -10.23
C SER B 74 25.34 -5.37 -9.87
N PRO B 75 25.87 -5.65 -8.68
CA PRO B 75 25.95 -7.01 -8.15
C PRO B 75 24.58 -7.69 -7.97
N LEU B 76 23.49 -6.91 -8.08
CA LEU B 76 22.16 -7.49 -7.81
C LEU B 76 21.11 -7.36 -8.90
N GLY B 77 21.52 -6.93 -10.09
CA GLY B 77 20.64 -6.77 -11.24
C GLY B 77 21.14 -5.65 -12.12
N ILE B 78 20.63 -5.53 -13.34
CA ILE B 78 21.08 -4.50 -14.25
C ILE B 78 20.73 -3.14 -13.69
N ARG B 79 21.72 -2.27 -13.47
CA ARG B 79 21.42 -0.89 -13.06
C ARG B 79 20.96 -0.02 -14.23
N ASP B 80 20.10 0.96 -13.95
CA ASP B 80 19.89 2.11 -14.91
C ASP B 80 19.25 1.67 -16.24
N SER B 81 18.42 0.63 -16.22
CA SER B 81 17.89 0.09 -17.45
C SER B 81 16.37 -0.05 -17.33
N ASP B 82 15.77 -0.96 -18.12
CA ASP B 82 14.33 -1.19 -17.93
C ASP B 82 14.00 -2.64 -18.22
N TYR B 83 12.84 -3.08 -17.71
CA TYR B 83 12.35 -4.40 -17.91
C TYR B 83 13.37 -5.48 -17.44
N ASN B 84 14.00 -5.21 -16.29
CA ASN B 84 15.03 -6.10 -15.72
C ASN B 84 14.50 -6.52 -14.35
N SER B 85 15.12 -7.54 -13.72
CA SER B 85 14.71 -8.03 -12.41
C SER B 85 15.55 -7.31 -11.33
N ALA B 86 15.07 -7.29 -10.08
CA ALA B 86 15.83 -6.75 -8.97
C ALA B 86 16.02 -7.88 -7.97
N PHE B 87 17.23 -8.40 -7.88
CA PHE B 87 17.47 -9.63 -7.09
C PHE B 87 17.76 -9.25 -5.62
N PRO B 88 17.70 -10.23 -4.70
CA PRO B 88 18.12 -9.93 -3.34
C PRO B 88 19.61 -9.52 -3.31
N ALA B 89 20.00 -8.83 -2.27
CA ALA B 89 21.38 -8.38 -2.11
C ALA B 89 22.35 -9.58 -1.83
N GLY B 90 23.66 -9.31 -1.97
CA GLY B 90 24.65 -10.35 -1.69
C GLY B 90 24.48 -10.85 -0.27
N VAL B 91 24.18 -9.96 0.67
CA VAL B 91 24.10 -10.36 2.08
C VAL B 91 22.99 -11.45 2.25
N ASN B 92 21.89 -11.37 1.48
CA ASN B 92 20.87 -12.44 1.45
C ASN B 92 21.46 -13.74 0.93
N VAL B 93 22.19 -13.69 -0.18
CA VAL B 93 22.83 -14.89 -0.65
C VAL B 93 23.65 -15.49 0.51
N ALA B 94 24.39 -14.68 1.26
CA ALA B 94 25.17 -15.22 2.34
C ALA B 94 24.27 -15.92 3.42
N ALA B 95 23.13 -15.30 3.74
CA ALA B 95 22.16 -15.80 4.75
C ALA B 95 21.63 -17.17 4.32
N THR B 96 21.61 -17.45 3.01
CA THR B 96 21.14 -18.76 2.55
C THR B 96 22.15 -19.86 2.84
N TRP B 97 23.44 -19.55 2.98
CA TRP B 97 24.44 -20.64 3.11
C TRP B 97 24.26 -21.71 2.01
N ASP B 98 23.89 -21.25 0.81
CA ASP B 98 23.48 -22.15 -0.26
C ASP B 98 24.26 -21.90 -1.54
N LYS B 99 25.28 -22.74 -1.77
CA LYS B 99 26.10 -22.66 -2.95
C LYS B 99 25.24 -22.67 -4.24
N ASN B 100 24.17 -23.46 -4.24
CA ASN B 100 23.45 -23.69 -5.46
C ASN B 100 22.53 -22.49 -5.75
N LEU B 101 21.95 -21.91 -4.70
CA LEU B 101 21.26 -20.62 -4.88
C LEU B 101 22.19 -19.47 -5.36
N ALA B 102 23.39 -19.40 -4.82
CA ALA B 102 24.33 -18.37 -5.25
C ALA B 102 24.52 -18.52 -6.75
N TYR B 103 24.72 -19.78 -7.19
CA TYR B 103 25.03 -20.07 -8.58
C TYR B 103 23.83 -19.71 -9.47
N LEU B 104 22.63 -20.14 -9.05
CA LEU B 104 21.41 -19.84 -9.84
C LEU B 104 21.08 -18.38 -9.96
N ARG B 105 21.35 -17.61 -8.90
CA ARG B 105 21.14 -16.15 -8.95
C ARG B 105 22.14 -15.49 -9.92
N GLY B 106 23.43 -15.91 -9.87
CA GLY B 106 24.40 -15.54 -10.93
C GLY B 106 23.99 -15.81 -12.38
N GLN B 107 23.47 -16.99 -12.62
CA GLN B 107 23.03 -17.43 -13.96
C GLN B 107 21.86 -16.51 -14.37
N ALA B 108 20.89 -16.43 -13.50
CA ALA B 108 19.73 -15.54 -13.73
C ALA B 108 20.17 -14.11 -14.05
N MET B 109 21.17 -13.55 -13.33
CA MET B 109 21.59 -12.19 -13.64
C MET B 109 22.34 -12.17 -14.99
N GLY B 110 23.28 -13.09 -15.14
CA GLY B 110 24.03 -13.22 -16.38
C GLY B 110 23.12 -13.16 -17.61
N GLN B 111 22.10 -14.06 -17.65
CA GLN B 111 21.11 -14.06 -18.70
C GLN B 111 20.56 -12.67 -18.94
N GLU B 112 20.11 -11.99 -17.89
CA GLU B 112 19.53 -10.65 -18.09
C GLU B 112 20.56 -9.66 -18.67
N PHE B 113 21.74 -9.57 -18.06
CA PHE B 113 22.82 -8.74 -18.56
C PHE B 113 23.09 -9.09 -20.04
N SER B 114 23.24 -10.39 -20.36
CA SER B 114 23.55 -10.77 -21.69
C SER B 114 22.54 -10.19 -22.68
N ASP B 115 21.26 -10.28 -22.34
CA ASP B 115 20.21 -9.96 -23.30
C ASP B 115 20.02 -8.42 -23.48
N LYS B 116 20.61 -7.64 -22.59
CA LYS B 116 20.70 -6.15 -22.75
C LYS B 116 21.88 -5.72 -23.64
N GLY B 117 22.75 -6.67 -24.03
CA GLY B 117 23.95 -6.35 -24.80
C GLY B 117 25.02 -5.86 -23.86
N ILE B 118 24.95 -6.28 -22.60
CA ILE B 118 26.03 -5.96 -21.62
C ILE B 118 27.12 -7.05 -21.65
N ASP B 119 28.42 -6.66 -21.68
CA ASP B 119 29.50 -7.64 -21.84
C ASP B 119 30.13 -8.04 -20.48
N VAL B 120 30.06 -7.12 -19.52
CA VAL B 120 30.77 -7.24 -18.23
C VAL B 120 29.82 -6.67 -17.13
N GLN B 121 29.50 -7.52 -16.17
CA GLN B 121 28.74 -7.18 -15.02
C GLN B 121 29.68 -6.65 -13.93
N LEU B 122 29.35 -5.47 -13.40
CA LEU B 122 30.24 -4.91 -12.34
C LEU B 122 29.86 -5.54 -11.00
N GLY B 123 30.08 -6.87 -10.88
CA GLY B 123 29.92 -7.54 -9.62
C GLY B 123 30.21 -9.01 -9.92
N PRO B 124 30.10 -9.91 -8.88
CA PRO B 124 29.65 -9.66 -7.51
C PRO B 124 30.74 -8.95 -6.62
N ALA B 125 30.49 -8.79 -5.31
CA ALA B 125 31.32 -8.02 -4.40
C ALA B 125 31.77 -8.89 -3.22
N ALA B 126 33.07 -8.83 -2.86
CA ALA B 126 33.53 -9.43 -1.60
C ALA B 126 34.45 -8.43 -0.90
N GLY B 127 34.46 -7.19 -1.34
CA GLY B 127 35.18 -6.17 -0.61
C GLY B 127 34.34 -4.91 -0.83
N PRO B 128 33.84 -4.29 0.23
CA PRO B 128 34.10 -4.64 1.64
C PRO B 128 33.86 -6.13 1.98
N LEU B 129 34.77 -6.73 2.76
CA LEU B 129 34.43 -8.01 3.40
C LEU B 129 33.39 -7.79 4.49
N GLY B 130 33.58 -6.71 5.27
CA GLY B 130 32.64 -6.31 6.31
C GLY B 130 33.33 -6.14 7.66
N ARG B 131 34.54 -5.56 7.68
CA ARG B 131 35.30 -5.31 8.90
C ARG B 131 34.46 -4.61 9.98
N SER B 132 33.58 -3.68 9.58
CA SER B 132 32.80 -2.90 10.57
C SER B 132 31.27 -3.14 10.36
N PRO B 133 30.49 -3.39 11.44
CA PRO B 133 29.07 -3.65 11.17
C PRO B 133 28.30 -2.44 10.57
N ASP B 134 28.85 -1.25 10.72
CA ASP B 134 28.18 -0.08 10.18
C ASP B 134 28.76 0.36 8.82
N GLY B 135 29.67 -0.47 8.26
CA GLY B 135 30.24 -0.25 6.88
C GLY B 135 29.11 -0.07 5.89
N GLY B 136 29.14 0.99 5.07
CA GLY B 136 28.00 1.36 4.19
C GLY B 136 27.69 0.37 3.05
N ARG B 137 28.68 -0.41 2.63
CA ARG B 137 28.42 -1.23 1.48
C ARG B 137 28.53 -2.70 1.79
N ASN B 138 28.58 -3.10 3.08
CA ASN B 138 28.81 -4.56 3.34
C ASN B 138 27.76 -5.48 2.69
N TRP B 139 26.52 -4.99 2.61
CA TRP B 139 25.33 -5.71 2.13
C TRP B 139 25.46 -6.08 0.68
N GLU B 140 26.25 -5.32 -0.10
CA GLU B 140 26.56 -5.67 -1.50
C GLU B 140 27.34 -6.96 -1.60
N GLY B 141 28.10 -7.25 -0.54
CA GLY B 141 29.01 -8.40 -0.50
C GLY B 141 28.32 -9.62 0.11
N PHE B 142 28.98 -10.32 1.01
CA PHE B 142 28.40 -11.53 1.56
C PHE B 142 28.43 -11.51 3.07
N SER B 143 29.61 -11.82 3.61
CA SER B 143 29.77 -12.13 5.02
C SER B 143 31.15 -11.64 5.52
N PRO B 144 31.28 -11.26 6.81
CA PRO B 144 32.64 -10.90 7.27
C PRO B 144 33.49 -12.13 7.50
N ASP B 145 32.93 -13.31 7.20
CA ASP B 145 33.71 -14.52 7.26
C ASP B 145 34.32 -14.85 5.88
N PRO B 146 35.65 -15.06 5.80
CA PRO B 146 36.29 -15.33 4.46
C PRO B 146 35.82 -16.64 3.78
N ALA B 147 35.68 -17.74 4.55
CA ALA B 147 35.28 -18.98 3.93
C ALA B 147 33.89 -18.94 3.34
N LEU B 148 32.89 -18.53 4.15
CA LEU B 148 31.52 -18.36 3.64
C LEU B 148 31.53 -17.43 2.38
N THR B 149 32.18 -16.28 2.50
CA THR B 149 32.13 -15.27 1.44
C THR B 149 32.77 -15.84 0.20
N GLY B 150 33.93 -16.48 0.35
CA GLY B 150 34.68 -16.93 -0.83
C GLY B 150 33.97 -18.01 -1.64
N VAL B 151 33.40 -19.01 -0.96
CA VAL B 151 32.58 -20.00 -1.69
C VAL B 151 31.38 -19.37 -2.46
N LEU B 152 30.59 -18.49 -1.80
CA LEU B 152 29.37 -17.96 -2.42
C LEU B 152 29.68 -16.92 -3.55
N PHE B 153 30.78 -16.18 -3.37
CA PHE B 153 31.38 -15.21 -4.34
C PHE B 153 31.79 -16.03 -5.56
N ALA B 154 32.49 -17.13 -5.36
CA ALA B 154 32.94 -17.99 -6.45
C ALA B 154 31.70 -18.57 -7.18
N GLU B 155 30.73 -19.06 -6.42
CA GLU B 155 29.54 -19.62 -7.04
C GLU B 155 28.78 -18.58 -7.86
N THR B 156 28.72 -17.31 -7.36
CA THR B 156 28.00 -16.24 -8.11
C THR B 156 28.70 -15.96 -9.46
N ILE B 157 30.02 -15.81 -9.38
CA ILE B 157 30.87 -15.62 -10.55
C ILE B 157 30.62 -16.72 -11.62
N LYS B 158 30.65 -17.99 -11.19
CA LYS B 158 30.44 -19.11 -12.11
C LYS B 158 29.03 -19.02 -12.80
N GLY B 159 28.01 -18.65 -12.01
CA GLY B 159 26.68 -18.38 -12.50
C GLY B 159 26.67 -17.37 -13.63
N ILE B 160 27.22 -16.20 -13.36
CA ILE B 160 27.24 -15.11 -14.32
C ILE B 160 28.01 -15.53 -15.56
N GLN B 161 29.22 -16.08 -15.37
CA GLN B 161 30.09 -16.38 -16.50
C GLN B 161 29.63 -17.57 -17.31
N ASP B 162 29.01 -18.58 -16.70
CA ASP B 162 28.43 -19.64 -17.54
C ASP B 162 27.26 -19.07 -18.39
N ALA B 163 26.60 -17.98 -17.95
CA ALA B 163 25.56 -17.33 -18.80
C ALA B 163 26.20 -16.42 -19.82
N GLY B 164 27.52 -16.37 -19.90
CA GLY B 164 28.15 -15.70 -21.08
C GLY B 164 28.42 -14.22 -20.91
N VAL B 165 28.46 -13.75 -19.65
CA VAL B 165 28.85 -12.37 -19.25
C VAL B 165 30.13 -12.42 -18.39
N VAL B 166 31.04 -11.44 -18.58
CA VAL B 166 32.24 -11.36 -17.76
C VAL B 166 31.87 -10.89 -16.33
N ALA B 167 32.27 -11.59 -15.27
CA ALA B 167 31.99 -11.10 -13.93
C ALA B 167 33.17 -10.27 -13.48
N THR B 168 32.89 -9.25 -12.65
CA THR B 168 33.98 -8.40 -12.11
C THR B 168 33.98 -8.53 -10.59
N ALA B 169 34.97 -9.22 -10.04
CA ALA B 169 35.16 -9.26 -8.61
C ALA B 169 35.62 -7.86 -8.06
N LYS B 170 34.80 -7.22 -7.24
CA LYS B 170 35.16 -5.92 -6.68
C LYS B 170 34.90 -5.90 -5.17
N HIS B 171 35.38 -4.88 -4.44
CA HIS B 171 36.40 -3.90 -4.85
C HIS B 171 37.71 -4.34 -4.26
N TYR B 172 38.75 -4.42 -5.10
CA TYR B 172 40.03 -5.00 -4.65
C TYR B 172 40.98 -3.81 -4.28
N ILE B 173 41.30 -3.58 -3.00
CA ILE B 173 41.01 -4.44 -1.88
C ILE B 173 41.00 -3.47 -0.66
N LEU B 174 40.35 -3.87 0.43
CA LEU B 174 40.37 -3.09 1.71
C LEU B 174 39.53 -1.83 1.73
N ASN B 175 38.53 -1.77 0.86
CA ASN B 175 37.59 -0.58 0.89
C ASN B 175 36.52 -0.88 1.93
N GLU B 176 36.96 -0.92 3.19
CA GLU B 176 36.11 -1.39 4.25
C GLU B 176 35.20 -0.28 4.83
N GLN B 177 35.29 0.92 4.29
CA GLN B 177 34.32 1.98 4.72
C GLN B 177 34.18 3.02 3.62
N GLU B 178 33.03 3.72 3.65
CA GLU B 178 32.71 4.78 2.72
C GLU B 178 33.35 6.11 3.10
N HIS B 179 33.40 6.43 4.38
CA HIS B 179 34.01 7.72 4.85
C HIS B 179 35.41 7.88 4.29
N PHE B 180 35.63 9.04 3.68
CA PHE B 180 36.95 9.43 3.08
C PHE B 180 37.46 8.55 1.91
N ARG B 181 36.58 7.77 1.26
CA ARG B 181 37.01 6.87 0.15
C ARG B 181 37.37 7.68 -1.12
N GLN B 182 36.81 8.90 -1.22
CA GLN B 182 37.08 9.80 -2.35
C GLN B 182 37.24 11.26 -1.88
N VAL B 183 38.26 11.93 -2.44
CA VAL B 183 38.62 13.30 -2.05
C VAL B 183 37.44 14.25 -2.30
N ALA B 184 36.85 14.17 -3.51
CA ALA B 184 35.71 15.04 -3.84
C ALA B 184 34.45 14.78 -2.99
N GLU B 185 34.17 13.52 -2.65
CA GLU B 185 33.05 13.19 -1.72
C GLU B 185 33.29 13.71 -0.32
N ALA B 186 34.51 13.45 0.16
CA ALA B 186 34.95 14.01 1.44
C ALA B 186 34.70 15.53 1.44
N ALA B 187 35.06 16.25 0.37
CA ALA B 187 34.87 17.68 0.36
C ALA B 187 33.38 18.07 0.49
N GLY B 188 32.48 17.36 -0.22
CA GLY B 188 31.07 17.72 -0.25
C GLY B 188 30.55 17.51 1.15
N TYR B 189 31.20 16.66 1.94
CA TYR B 189 30.76 16.49 3.31
C TYR B 189 31.51 17.38 4.30
N GLY B 190 32.33 18.33 3.83
CA GLY B 190 33.04 19.23 4.74
C GLY B 190 34.39 18.73 5.30
N PHE B 191 35.01 17.75 4.65
CA PHE B 191 36.35 17.39 5.09
C PHE B 191 37.32 17.65 3.96
N ASN B 192 38.48 18.18 4.34
CA ASN B 192 39.58 18.53 3.43
C ASN B 192 40.71 17.49 3.54
N ILE B 193 40.84 16.66 2.53
CA ILE B 193 41.92 15.65 2.52
C ILE B 193 42.56 15.70 1.11
N SER B 194 43.84 15.34 1.02
CA SER B 194 44.57 15.48 -0.25
C SER B 194 44.61 14.16 -0.98
N ASP B 195 44.27 13.08 -0.28
CA ASP B 195 44.26 11.77 -0.84
C ASP B 195 43.30 10.94 -0.02
N THR B 196 42.89 9.81 -0.61
CA THR B 196 41.79 9.04 0.01
C THR B 196 42.34 8.25 1.18
N ILE B 197 41.43 7.69 1.97
CA ILE B 197 41.75 6.95 3.17
C ILE B 197 42.67 5.79 2.85
N SER B 198 43.62 5.57 3.75
CA SER B 198 44.62 4.52 3.56
C SER B 198 44.35 3.39 4.50
N SER B 199 43.99 2.26 3.91
CA SER B 199 43.85 1.05 4.68
C SER B 199 45.24 0.54 4.99
N ASN B 200 45.59 0.51 6.28
CA ASN B 200 46.91 -0.01 6.63
C ASN B 200 46.78 -1.35 7.34
N VAL B 201 47.25 -2.41 6.67
CA VAL B 201 46.99 -3.80 7.07
C VAL B 201 48.28 -4.68 6.99
N ASP B 202 48.47 -5.51 8.00
CA ASP B 202 49.66 -6.38 8.02
C ASP B 202 49.48 -7.55 6.99
N ASP B 203 50.57 -8.18 6.61
CA ASP B 203 50.57 -9.19 5.54
C ASP B 203 49.83 -10.46 5.89
N LYS B 204 49.81 -10.84 7.16
CA LYS B 204 49.10 -12.04 7.59
C LYS B 204 47.56 -11.82 7.53
N THR B 205 47.11 -10.73 8.13
CA THR B 205 45.68 -10.40 8.13
C THR B 205 45.18 -10.41 6.68
N ILE B 206 45.91 -9.75 5.77
CA ILE B 206 45.39 -9.61 4.41
C ILE B 206 45.21 -10.97 3.74
N HIS B 207 46.15 -11.89 3.92
CA HIS B 207 46.04 -13.23 3.34
C HIS B 207 44.93 -14.08 3.98
N GLU B 208 44.84 -14.00 5.31
CA GLU B 208 43.90 -14.84 6.06
C GLU B 208 42.44 -14.36 5.96
N MET B 209 42.25 -13.03 5.75
CA MET B 209 40.90 -12.44 5.68
C MET B 209 40.59 -11.84 4.31
N TYR B 210 41.05 -10.62 4.03
CA TYR B 210 40.54 -9.90 2.88
C TYR B 210 40.88 -10.48 1.50
N LEU B 211 42.08 -11.07 1.38
CA LEU B 211 42.52 -11.62 0.11
C LEU B 211 41.77 -12.93 -0.20
N TRP B 212 41.35 -13.66 0.86
CA TRP B 212 40.93 -15.07 0.68
C TRP B 212 39.74 -15.25 -0.31
N PRO B 213 38.67 -14.45 -0.17
CA PRO B 213 37.66 -14.60 -1.21
C PRO B 213 38.15 -14.24 -2.65
N PHE B 214 39.05 -13.27 -2.81
CA PHE B 214 39.61 -13.00 -4.16
C PHE B 214 40.40 -14.18 -4.75
N ALA B 215 41.05 -14.98 -3.90
CA ALA B 215 41.72 -16.15 -4.33
C ALA B 215 40.65 -17.18 -4.84
N ASP B 216 39.57 -17.33 -4.09
CA ASP B 216 38.48 -18.20 -4.54
C ASP B 216 37.92 -17.71 -5.86
N ALA B 217 37.73 -16.39 -6.02
CA ALA B 217 37.21 -15.82 -7.27
C ALA B 217 38.12 -16.13 -8.46
N VAL B 218 39.42 -15.89 -8.26
CA VAL B 218 40.43 -16.19 -9.25
C VAL B 218 40.37 -17.68 -9.66
N ARG B 219 40.25 -18.57 -8.67
CA ARG B 219 40.31 -19.99 -8.94
C ARG B 219 39.05 -20.44 -9.69
N ALA B 220 37.97 -19.68 -9.46
CA ALA B 220 36.66 -19.98 -10.06
C ALA B 220 36.62 -19.46 -11.47
N GLY B 221 37.64 -18.74 -11.90
CA GLY B 221 37.71 -18.25 -13.27
C GLY B 221 37.25 -16.85 -13.56
N VAL B 222 37.10 -16.02 -12.53
CA VAL B 222 36.59 -14.65 -12.71
C VAL B 222 37.45 -13.99 -13.80
N GLY B 223 36.84 -13.20 -14.68
CA GLY B 223 37.59 -12.62 -15.80
C GLY B 223 38.00 -11.19 -15.49
N ALA B 224 37.38 -10.53 -14.53
CA ALA B 224 37.83 -9.15 -14.28
C ALA B 224 37.86 -8.95 -12.76
N ILE B 225 38.61 -7.93 -12.35
CA ILE B 225 38.73 -7.47 -10.97
C ILE B 225 38.69 -5.96 -11.07
N MET B 226 37.98 -5.32 -10.15
CA MET B 226 37.93 -3.86 -10.06
C MET B 226 38.72 -3.39 -8.85
N CYS B 227 39.81 -2.69 -9.07
CA CYS B 227 40.64 -2.11 -7.97
C CYS B 227 39.95 -0.89 -7.32
N SER B 228 40.29 -0.59 -6.07
CA SER B 228 39.46 0.17 -5.21
C SER B 228 39.93 1.63 -5.10
N TYR B 229 39.08 2.47 -4.53
CA TYR B 229 39.27 3.89 -4.42
C TYR B 229 40.25 4.27 -3.33
N ASN B 230 40.35 3.41 -2.32
CA ASN B 230 41.21 3.70 -1.19
C ASN B 230 42.66 3.36 -1.52
N GLN B 231 43.56 3.91 -0.68
CA GLN B 231 44.94 3.50 -0.67
C GLN B 231 45.07 2.27 0.23
N ILE B 232 46.12 1.45 -0.01
CA ILE B 232 46.57 0.43 0.88
C ILE B 232 48.00 0.84 1.19
N ASN B 233 48.31 1.01 2.48
CA ASN B 233 49.57 1.61 2.96
C ASN B 233 50.00 2.81 2.09
N ASN B 234 49.07 3.72 1.80
CA ASN B 234 49.42 5.00 1.14
C ASN B 234 49.93 4.87 -0.28
N SER B 235 49.46 3.81 -0.92
CA SER B 235 49.53 3.63 -2.39
C SER B 235 48.10 3.28 -2.97
N TYR B 236 47.63 4.12 -3.87
CA TYR B 236 46.27 3.99 -4.40
C TYR B 236 45.98 2.57 -4.90
N GLY B 237 44.76 2.11 -4.67
CA GLY B 237 44.42 0.74 -4.98
C GLY B 237 44.62 0.41 -6.44
N CYS B 238 44.41 1.38 -7.33
CA CYS B 238 44.52 1.17 -8.78
C CYS B 238 45.91 1.47 -9.35
N GLN B 239 46.89 1.55 -8.48
CA GLN B 239 48.28 1.61 -8.92
C GLN B 239 49.13 1.05 -7.79
N ASN B 240 48.57 0.11 -7.00
CA ASN B 240 49.31 -0.52 -5.94
C ASN B 240 50.05 -1.75 -6.46
N SER B 241 51.37 -1.69 -6.67
CA SER B 241 52.08 -2.82 -7.35
C SER B 241 52.08 -4.04 -6.48
N TYR B 242 52.11 -3.80 -5.17
CA TYR B 242 51.98 -4.88 -4.19
C TYR B 242 50.69 -5.72 -4.30
N THR B 243 49.53 -5.07 -4.21
CA THR B 243 48.29 -5.82 -4.25
C THR B 243 48.04 -6.31 -5.65
N LEU B 244 48.37 -5.50 -6.67
CA LEU B 244 48.01 -5.86 -8.04
C LEU B 244 49.00 -6.81 -8.68
N ASN B 245 50.25 -6.43 -8.68
CA ASN B 245 51.30 -7.25 -9.30
C ASN B 245 51.72 -8.45 -8.42
N LYS B 246 51.96 -8.19 -7.13
CA LYS B 246 52.43 -9.27 -6.27
C LYS B 246 51.29 -10.20 -5.86
N LEU B 247 50.30 -9.66 -5.14
CA LEU B 247 49.26 -10.50 -4.55
C LEU B 247 48.31 -11.08 -5.64
N LEU B 248 47.70 -10.19 -6.42
CA LEU B 248 46.72 -10.62 -7.40
C LEU B 248 47.32 -11.38 -8.61
N LYS B 249 48.35 -10.82 -9.24
CA LYS B 249 48.85 -11.47 -10.48
C LYS B 249 49.94 -12.54 -10.23
N ALA B 250 50.93 -12.29 -9.37
CA ALA B 250 52.03 -13.22 -9.18
C ALA B 250 51.59 -14.29 -8.20
N GLU B 251 51.03 -13.95 -7.03
CA GLU B 251 50.69 -15.02 -6.07
C GLU B 251 49.40 -15.79 -6.44
N LEU B 252 48.27 -15.07 -6.63
CA LEU B 252 47.02 -15.69 -7.03
C LEU B 252 46.97 -16.16 -8.52
N GLY B 253 47.91 -15.69 -9.37
CA GLY B 253 48.00 -16.15 -10.75
C GLY B 253 46.77 -15.71 -11.59
N PHE B 254 46.23 -14.53 -11.29
CA PHE B 254 45.05 -14.02 -11.99
C PHE B 254 45.41 -13.87 -13.43
N GLN B 255 44.57 -14.35 -14.34
CA GLN B 255 44.85 -14.25 -15.80
C GLN B 255 43.99 -13.23 -16.47
N GLY B 256 43.03 -12.65 -15.75
CA GLY B 256 42.10 -11.74 -16.40
C GLY B 256 42.60 -10.32 -16.30
N PHE B 257 41.65 -9.38 -16.33
CA PHE B 257 41.93 -7.93 -16.40
C PHE B 257 41.43 -7.15 -15.19
N VAL B 258 42.25 -6.20 -14.78
CA VAL B 258 41.95 -5.32 -13.65
C VAL B 258 41.53 -4.02 -14.20
N MET B 259 40.34 -3.58 -13.84
CA MET B 259 39.79 -2.26 -14.26
C MET B 259 39.76 -1.36 -13.08
N SER B 260 39.71 -0.06 -13.33
CA SER B 260 39.73 0.87 -12.18
C SER B 260 38.29 1.11 -11.72
N ASP B 261 38.15 1.48 -10.45
CA ASP B 261 36.86 2.02 -10.03
C ASP B 261 36.72 3.42 -10.69
N TRP B 262 35.53 4.03 -10.63
CA TRP B 262 35.18 5.12 -11.50
C TRP B 262 35.72 6.42 -10.92
N GLY B 263 36.84 6.90 -11.48
CA GLY B 263 37.62 7.93 -10.79
C GLY B 263 38.75 7.41 -9.90
N ALA B 264 39.03 6.10 -9.91
CA ALA B 264 40.09 5.53 -9.06
C ALA B 264 41.44 5.45 -9.80
N HIS B 265 41.41 5.84 -11.08
CA HIS B 265 42.62 5.87 -11.91
C HIS B 265 43.34 7.17 -11.57
N HIS B 266 44.57 7.08 -11.08
CA HIS B 266 45.33 8.32 -10.70
C HIS B 266 46.68 8.59 -11.43
N SER B 267 47.05 7.84 -12.47
CA SER B 267 48.31 8.14 -13.19
C SER B 267 48.25 7.36 -14.49
N GLY B 268 49.03 7.75 -15.50
CA GLY B 268 49.04 6.96 -16.71
C GLY B 268 50.09 5.86 -16.56
N VAL B 269 51.34 6.29 -16.54
CA VAL B 269 52.47 5.40 -16.52
C VAL B 269 52.49 4.58 -15.21
N GLY B 270 52.33 5.26 -14.06
CA GLY B 270 52.33 4.57 -12.75
C GLY B 270 51.41 3.37 -12.70
N SER B 271 50.13 3.60 -13.01
CA SER B 271 49.14 2.51 -12.98
C SER B 271 49.47 1.37 -13.89
N ALA B 272 49.85 1.71 -15.13
CA ALA B 272 50.04 0.72 -16.17
C ALA B 272 51.12 -0.24 -15.73
N LEU B 273 52.17 0.30 -15.14
CA LEU B 273 53.29 -0.51 -14.76
C LEU B 273 52.98 -1.26 -13.44
N ALA B 274 52.05 -0.73 -12.64
CA ALA B 274 51.70 -1.35 -11.35
C ALA B 274 50.61 -2.43 -11.51
N GLY B 275 50.18 -2.74 -12.73
CA GLY B 275 49.26 -3.84 -12.91
C GLY B 275 47.84 -3.56 -13.36
N LEU B 276 47.45 -2.31 -13.53
CA LEU B 276 46.12 -1.91 -14.03
C LEU B 276 46.01 -2.29 -15.51
N ASP B 277 44.84 -2.77 -15.95
CA ASP B 277 44.64 -3.10 -17.35
C ASP B 277 43.57 -2.22 -18.08
N MET B 278 42.66 -1.60 -17.31
CA MET B 278 41.53 -0.90 -17.91
C MET B 278 41.11 0.31 -17.09
N SER B 279 40.96 1.41 -17.78
CA SER B 279 40.62 2.69 -17.13
C SER B 279 39.15 3.00 -17.33
N MET B 280 38.42 3.06 -16.23
CA MET B 280 37.00 3.46 -16.27
C MET B 280 36.70 4.70 -15.44
N PRO B 281 35.79 5.58 -15.93
CA PRO B 281 35.05 5.41 -17.19
C PRO B 281 35.84 5.95 -18.38
N GLY B 282 37.11 6.33 -18.19
CA GLY B 282 38.01 6.64 -19.32
C GLY B 282 38.68 8.00 -19.16
N ASP B 283 37.94 8.96 -18.60
CA ASP B 283 38.52 10.27 -18.35
C ASP B 283 39.17 10.34 -16.99
N ILE B 284 39.86 11.46 -16.76
CA ILE B 284 40.54 11.74 -15.51
C ILE B 284 39.52 12.13 -14.47
N THR B 285 38.69 13.11 -14.77
CA THR B 285 37.44 13.25 -14.01
C THR B 285 36.29 13.20 -15.03
N PHE B 286 35.06 13.03 -14.51
CA PHE B 286 33.87 12.82 -15.40
C PHE B 286 33.80 13.96 -16.41
N ASP B 287 33.87 13.57 -17.67
CA ASP B 287 33.71 14.48 -18.82
C ASP B 287 34.80 15.54 -18.88
N SER B 288 35.98 15.21 -18.38
CA SER B 288 37.10 16.18 -18.50
C SER B 288 37.66 16.29 -19.90
N ALA B 289 37.30 15.37 -20.78
CA ALA B 289 37.93 15.32 -22.10
C ALA B 289 39.42 14.98 -22.01
N THR B 290 39.90 14.55 -20.84
CA THR B 290 41.29 14.19 -20.69
C THR B 290 41.35 12.76 -20.10
N SER B 291 42.43 12.04 -20.36
CA SER B 291 42.56 10.71 -19.88
C SER B 291 44.00 10.44 -19.48
N PHE B 292 44.21 9.65 -18.42
CA PHE B 292 45.56 9.16 -18.07
C PHE B 292 46.08 8.12 -19.06
N TRP B 293 45.16 7.49 -19.77
CA TRP B 293 45.48 6.52 -20.83
C TRP B 293 44.91 7.12 -22.15
N GLY B 294 44.23 6.31 -22.97
CA GLY B 294 43.84 6.77 -24.32
C GLY B 294 45.08 7.32 -24.98
N THR B 295 44.98 8.56 -25.51
CA THR B 295 46.07 9.25 -26.17
C THR B 295 47.41 9.11 -25.45
N ASN B 296 47.40 9.36 -24.13
CA ASN B 296 48.55 9.19 -23.24
C ASN B 296 49.14 7.82 -23.20
N LEU B 297 48.31 6.79 -23.35
CA LEU B 297 48.92 5.50 -23.24
C LEU B 297 49.62 5.24 -24.58
N THR B 298 49.06 5.77 -25.66
CA THR B 298 49.68 5.58 -26.97
C THR B 298 51.06 6.22 -26.95
N ILE B 299 51.09 7.47 -26.51
CA ILE B 299 52.31 8.30 -26.38
C ILE B 299 53.35 7.59 -25.50
N ALA B 300 52.91 7.03 -24.36
CA ALA B 300 53.78 6.38 -23.42
C ALA B 300 54.44 5.15 -24.02
N VAL B 301 53.78 4.49 -24.96
CA VAL B 301 54.42 3.34 -25.63
C VAL B 301 55.44 3.81 -26.69
N LEU B 302 55.01 4.75 -27.52
CA LEU B 302 55.80 5.39 -28.57
C LEU B 302 57.04 6.07 -28.02
N ASN B 303 57.00 6.61 -26.81
CA ASN B 303 58.18 7.32 -26.29
C ASN B 303 59.12 6.41 -25.51
N GLY B 304 58.84 5.11 -25.45
CA GLY B 304 59.67 4.15 -24.72
C GLY B 304 59.43 3.97 -23.22
N THR B 305 58.51 4.72 -22.58
CA THR B 305 58.34 4.67 -21.13
C THR B 305 57.56 3.43 -20.67
N VAL B 306 56.45 3.10 -21.36
CA VAL B 306 55.74 1.85 -21.05
C VAL B 306 56.16 0.84 -22.10
N PRO B 307 56.74 -0.28 -21.69
CA PRO B 307 57.14 -1.22 -22.73
C PRO B 307 55.88 -1.72 -23.49
N GLN B 308 56.02 -1.88 -24.81
CA GLN B 308 55.00 -2.58 -25.60
C GLN B 308 54.45 -3.85 -24.89
N TRP B 309 55.29 -4.69 -24.28
CA TRP B 309 54.75 -5.95 -23.76
C TRP B 309 53.72 -5.74 -22.66
N ARG B 310 53.78 -4.58 -22.00
CA ARG B 310 52.81 -4.24 -20.96
C ARG B 310 51.44 -3.96 -21.59
N VAL B 311 51.39 -3.18 -22.67
CA VAL B 311 50.08 -2.88 -23.26
C VAL B 311 49.53 -4.07 -24.04
N ASP B 312 50.43 -4.83 -24.66
CA ASP B 312 50.07 -6.08 -25.30
C ASP B 312 49.42 -6.92 -24.24
N ASP B 313 50.02 -7.00 -23.07
CA ASP B 313 49.45 -7.89 -22.06
C ASP B 313 48.05 -7.39 -21.61
N MET B 314 47.86 -6.07 -21.47
CA MET B 314 46.54 -5.55 -21.06
C MET B 314 45.49 -6.05 -22.07
N ALA B 315 45.79 -5.82 -23.34
CA ALA B 315 44.91 -6.24 -24.43
C ALA B 315 44.69 -7.81 -24.46
N VAL B 316 45.70 -8.59 -24.19
CA VAL B 316 45.51 -10.08 -24.15
C VAL B 316 44.62 -10.49 -22.92
N ARG B 317 44.84 -9.86 -21.77
CA ARG B 317 44.01 -10.10 -20.60
C ARG B 317 42.56 -9.71 -20.87
N ILE B 318 42.31 -8.54 -21.46
CA ILE B 318 40.96 -8.11 -21.71
C ILE B 318 40.26 -9.07 -22.70
N MET B 319 40.97 -9.47 -23.78
CA MET B 319 40.36 -10.28 -24.82
C MET B 319 40.19 -11.72 -24.28
N ALA B 320 41.15 -12.18 -23.45
CA ALA B 320 41.14 -13.59 -23.03
C ALA B 320 39.87 -13.78 -22.21
N ALA B 321 39.53 -12.77 -21.40
CA ALA B 321 38.36 -12.84 -20.52
C ALA B 321 37.10 -12.86 -21.34
N TYR B 322 37.02 -12.00 -22.37
CA TYR B 322 35.86 -11.83 -23.24
C TYR B 322 35.60 -13.21 -23.92
N TYR B 323 36.67 -13.86 -24.41
CA TYR B 323 36.57 -15.16 -25.07
C TYR B 323 36.33 -16.23 -24.06
N LYS B 324 36.86 -16.05 -22.86
CA LYS B 324 36.68 -17.07 -21.84
C LYS B 324 35.19 -17.38 -21.51
N VAL B 325 34.36 -16.34 -21.42
CA VAL B 325 32.92 -16.49 -21.21
C VAL B 325 32.07 -16.72 -22.47
N GLY B 326 32.72 -16.70 -23.65
CA GLY B 326 32.04 -16.88 -24.94
C GLY B 326 31.37 -15.62 -25.45
N ARG B 327 31.75 -14.42 -24.98
CA ARG B 327 31.04 -13.18 -25.32
C ARG B 327 31.00 -12.89 -26.80
N ASP B 328 32.04 -13.25 -27.53
CA ASP B 328 32.05 -13.13 -28.99
C ASP B 328 30.86 -13.82 -29.64
N ARG B 329 30.33 -14.86 -29.00
CA ARG B 329 29.21 -15.56 -29.63
C ARG B 329 27.88 -14.95 -29.29
N LEU B 330 27.84 -14.05 -28.28
CA LEU B 330 26.58 -13.48 -27.80
C LEU B 330 26.46 -12.00 -28.09
N TYR B 331 27.48 -11.47 -28.76
CA TYR B 331 27.64 -10.01 -28.88
C TYR B 331 26.43 -9.27 -29.52
N GLN B 332 26.04 -8.13 -28.98
CA GLN B 332 25.16 -7.15 -29.66
C GLN B 332 25.40 -5.83 -28.97
N PRO B 333 25.25 -4.71 -29.71
CA PRO B 333 25.48 -3.44 -29.01
C PRO B 333 24.49 -3.30 -27.82
N PRO B 334 24.82 -2.49 -26.79
CA PRO B 334 23.83 -2.30 -25.72
C PRO B 334 22.57 -1.70 -26.31
N ASN B 335 21.41 -2.29 -25.92
CA ASN B 335 20.15 -2.02 -26.59
C ASN B 335 19.26 -1.19 -25.65
N PHE B 336 19.90 -0.47 -24.72
CA PHE B 336 19.24 0.49 -23.77
C PHE B 336 20.30 1.55 -23.54
N SER B 337 19.91 2.68 -22.96
CA SER B 337 20.82 3.70 -22.50
C SER B 337 20.71 3.75 -20.96
N SER B 338 21.86 3.73 -20.26
CA SER B 338 21.88 4.07 -18.86
C SER B 338 21.39 5.51 -18.53
N TRP B 339 21.30 6.43 -19.52
CA TRP B 339 21.16 7.88 -19.21
C TRP B 339 19.81 8.53 -19.48
N THR B 340 18.93 7.83 -20.18
CA THR B 340 17.62 8.33 -20.45
C THR B 340 16.80 7.08 -20.69
N ARG B 341 15.49 7.20 -20.49
CA ARG B 341 14.52 6.13 -20.80
C ARG B 341 13.82 6.35 -22.15
N ASP B 342 14.11 7.49 -22.80
CA ASP B 342 13.52 7.81 -24.11
C ASP B 342 13.88 6.71 -25.12
N GLU B 343 12.93 6.46 -26.02
CA GLU B 343 13.25 5.61 -27.13
C GLU B 343 14.36 6.19 -28.02
N TYR B 344 14.23 7.48 -28.37
CA TYR B 344 15.15 8.21 -29.29
C TYR B 344 15.94 9.25 -28.49
N GLY B 345 17.15 9.53 -28.98
CA GLY B 345 18.10 10.46 -28.33
C GLY B 345 19.36 10.58 -29.19
N PHE B 346 20.20 11.57 -28.90
CA PHE B 346 21.50 11.63 -29.56
C PHE B 346 22.35 10.45 -29.11
N LYS B 347 23.13 9.90 -30.04
CA LYS B 347 23.85 8.64 -29.81
C LYS B 347 24.84 8.81 -28.61
N TYR B 348 25.36 10.04 -28.40
CA TYR B 348 26.36 10.35 -27.39
C TYR B 348 25.74 11.26 -26.41
N PHE B 349 25.37 10.67 -25.25
CA PHE B 349 24.42 11.32 -24.38
C PHE B 349 24.99 12.60 -23.79
N TYR B 350 26.17 12.52 -23.16
CA TYR B 350 26.63 13.68 -22.36
C TYR B 350 26.68 15.05 -23.17
N PRO B 351 27.38 15.10 -24.34
CA PRO B 351 27.38 16.31 -25.19
C PRO B 351 26.16 16.40 -26.10
N GLN B 352 25.32 15.35 -26.10
CA GLN B 352 24.13 15.34 -26.98
C GLN B 352 24.54 15.55 -28.43
N GLU B 353 25.48 14.73 -28.92
CA GLU B 353 26.01 14.82 -30.27
C GLU B 353 25.89 13.50 -30.96
N GLY B 354 26.24 13.43 -32.25
CA GLY B 354 26.15 12.17 -33.01
C GLY B 354 24.79 12.03 -33.65
N PRO B 355 24.55 10.91 -34.35
CA PRO B 355 23.23 10.70 -35.01
C PRO B 355 22.09 10.71 -33.99
N TYR B 356 20.92 11.26 -34.34
CA TYR B 356 19.73 11.13 -33.50
C TYR B 356 19.04 9.83 -33.92
N GLU B 357 18.89 8.89 -32.97
CA GLU B 357 18.48 7.54 -33.36
C GLU B 357 17.90 6.83 -32.17
N LYS B 358 17.57 5.55 -32.37
CA LYS B 358 17.10 4.69 -31.26
C LYS B 358 18.19 4.43 -30.23
N VAL B 359 17.90 4.82 -28.99
CA VAL B 359 18.83 4.50 -27.92
C VAL B 359 18.26 3.51 -26.90
N ASN B 360 16.92 3.35 -26.83
CA ASN B 360 16.28 2.30 -26.03
C ASN B 360 15.43 1.33 -26.83
N HIS B 361 15.56 0.06 -26.54
CA HIS B 361 14.69 -0.89 -27.25
C HIS B 361 13.73 -1.59 -26.34
N PHE B 362 13.76 -1.31 -25.03
CA PHE B 362 12.75 -1.82 -24.09
C PHE B 362 12.74 -3.36 -24.10
N VAL B 363 13.89 -4.01 -24.30
CA VAL B 363 13.90 -5.48 -24.27
C VAL B 363 13.55 -6.02 -22.86
N ASN B 364 12.55 -6.90 -22.83
CA ASN B 364 12.15 -7.48 -21.56
C ASN B 364 12.92 -8.76 -21.31
N VAL B 365 13.93 -8.66 -20.44
CA VAL B 365 14.88 -9.79 -20.18
C VAL B 365 14.55 -10.57 -18.90
N GLN B 366 13.38 -10.30 -18.31
CA GLN B 366 13.06 -10.82 -16.99
C GLN B 366 12.81 -12.32 -16.96
N ARG B 367 12.40 -12.89 -18.12
CA ARG B 367 12.00 -14.28 -18.23
C ARG B 367 11.09 -14.59 -17.04
N ASN B 368 11.42 -15.68 -16.37
CA ASN B 368 10.77 -16.19 -15.16
C ASN B 368 11.62 -15.95 -13.91
N HIS B 369 12.49 -14.93 -13.94
CA HIS B 369 13.43 -14.71 -12.79
C HIS B 369 12.84 -14.37 -11.43
N SER B 370 11.61 -13.84 -11.42
CA SER B 370 10.85 -13.65 -10.21
C SER B 370 10.80 -14.96 -9.36
N GLU B 371 10.90 -16.14 -9.99
CA GLU B 371 10.80 -17.41 -9.21
C GLU B 371 11.99 -17.58 -8.31
N VAL B 372 13.16 -17.57 -8.91
CA VAL B 372 14.41 -17.66 -8.12
C VAL B 372 14.51 -16.46 -7.16
N ILE B 373 14.02 -15.29 -7.52
CA ILE B 373 14.06 -14.16 -6.55
C ILE B 373 13.20 -14.45 -5.31
N ARG B 374 11.98 -14.94 -5.54
CA ARG B 374 11.04 -15.21 -4.46
C ARG B 374 11.57 -16.30 -3.51
N LYS B 375 12.05 -17.40 -4.13
CA LYS B 375 12.74 -18.49 -3.42
C LYS B 375 13.96 -18.00 -2.63
N LEU B 376 14.82 -17.24 -3.28
CA LEU B 376 16.04 -16.86 -2.58
C LEU B 376 15.69 -15.94 -1.40
N GLY B 377 14.67 -15.12 -1.58
CA GLY B 377 14.15 -14.30 -0.48
C GLY B 377 13.63 -15.14 0.66
N ALA B 378 12.79 -16.13 0.35
CA ALA B 378 12.30 -17.05 1.39
C ALA B 378 13.49 -17.77 2.07
N ASP B 379 14.42 -18.35 1.27
CA ASP B 379 15.54 -19.12 1.81
C ASP B 379 16.65 -18.27 2.47
N SER B 380 16.46 -16.93 2.48
CA SER B 380 17.43 -16.06 3.14
C SER B 380 16.83 -15.36 4.36
N THR B 381 15.58 -15.70 4.71
CA THR B 381 14.93 -15.16 5.89
C THR B 381 15.30 -15.98 7.13
N VAL B 382 16.15 -15.40 7.95
CA VAL B 382 16.66 -16.05 9.19
C VAL B 382 15.63 -15.92 10.30
N LEU B 383 15.21 -17.08 10.79
CA LEU B 383 14.32 -17.12 11.98
C LEU B 383 15.21 -17.01 13.22
N LEU B 384 15.21 -15.83 13.83
CA LEU B 384 16.16 -15.63 14.94
C LEU B 384 15.59 -16.13 16.28
N LYS B 385 14.27 -15.98 16.40
CA LYS B 385 13.55 -16.34 17.61
C LYS B 385 12.21 -16.88 17.17
N ASN B 386 11.74 -17.93 17.81
CA ASN B 386 10.41 -18.48 17.56
C ASN B 386 9.94 -19.23 18.81
N ASN B 387 9.13 -18.57 19.62
CA ASN B 387 8.63 -19.14 20.86
C ASN B 387 7.33 -19.80 20.45
N ASN B 388 7.41 -20.72 19.52
CA ASN B 388 6.22 -21.44 19.10
C ASN B 388 5.11 -20.66 18.37
N ALA B 389 5.49 -19.60 17.66
CA ALA B 389 4.55 -18.64 17.13
C ALA B 389 4.38 -18.90 15.64
N LEU B 390 5.39 -19.45 14.98
CA LEU B 390 5.35 -19.63 13.52
C LEU B 390 5.51 -21.10 13.21
N PRO B 391 4.99 -21.58 12.06
CA PRO B 391 4.26 -20.84 11.04
C PRO B 391 2.84 -20.45 11.49
N LEU B 392 2.29 -19.35 10.92
CA LEU B 392 0.89 -18.96 11.08
C LEU B 392 0.06 -20.04 10.36
N THR B 393 -1.22 -20.18 10.69
CA THR B 393 -2.05 -21.24 10.06
C THR B 393 -2.99 -20.65 9.00
N GLY B 394 -3.20 -19.35 9.07
CA GLY B 394 -4.11 -18.68 8.19
C GLY B 394 -5.46 -18.53 8.84
N LYS B 395 -5.62 -19.09 10.05
CA LYS B 395 -6.86 -19.02 10.78
C LYS B 395 -6.86 -17.96 11.85
N GLU B 396 -5.80 -17.14 11.89
CA GLU B 396 -5.76 -15.98 12.75
C GLU B 396 -6.96 -15.05 12.40
N ARG B 397 -7.76 -14.82 13.40
CA ARG B 397 -8.99 -14.10 13.28
C ARG B 397 -8.72 -12.63 12.77
N LYS B 398 -7.68 -12.00 13.30
CA LYS B 398 -7.40 -10.60 13.03
C LYS B 398 -5.91 -10.39 13.05
N VAL B 399 -5.37 -9.86 11.95
CA VAL B 399 -3.94 -9.66 11.79
C VAL B 399 -3.58 -8.17 11.68
N ALA B 400 -2.69 -7.69 12.56
CA ALA B 400 -2.19 -6.31 12.52
C ALA B 400 -0.82 -6.31 11.85
N ILE B 401 -0.76 -5.68 10.67
CA ILE B 401 0.50 -5.41 9.99
C ILE B 401 0.92 -4.00 10.44
N LEU B 402 2.10 -3.92 11.05
CA LEU B 402 2.55 -2.68 11.70
C LEU B 402 3.95 -2.31 11.29
N GLY B 403 4.07 -1.09 10.77
CA GLY B 403 5.38 -0.53 10.45
C GLY B 403 5.45 -0.04 9.02
N GLU B 404 6.07 1.11 8.87
CA GLU B 404 6.29 1.70 7.57
C GLU B 404 7.00 0.67 6.70
N ASP B 405 7.95 -0.09 7.29
CA ASP B 405 8.67 -1.15 6.55
C ASP B 405 7.79 -2.28 5.92
N ALA B 406 6.52 -2.31 6.25
CA ALA B 406 5.57 -3.26 5.66
C ALA B 406 4.98 -2.68 4.36
N GLY B 407 4.96 -1.33 4.21
CA GLY B 407 4.18 -0.74 3.14
C GLY B 407 4.92 -0.20 1.92
N SER B 408 4.21 0.63 1.17
CA SER B 408 4.70 1.06 -0.12
C SER B 408 5.63 2.26 0.08
N ASN B 409 6.59 2.44 -0.83
CA ASN B 409 7.24 3.75 -1.01
C ASN B 409 6.26 4.75 -1.66
N SER B 410 5.83 5.77 -0.93
CA SER B 410 4.87 6.76 -1.47
C SER B 410 5.39 7.42 -2.79
N TYR B 411 6.67 7.30 -3.12
CA TYR B 411 7.12 7.87 -4.38
C TYR B 411 7.19 6.85 -5.47
N GLY B 412 6.69 5.64 -5.22
CA GLY B 412 6.86 4.53 -6.18
C GLY B 412 8.11 3.77 -5.76
N ALA B 413 8.18 2.46 -6.05
CA ALA B 413 9.31 1.61 -5.63
C ALA B 413 10.68 2.16 -6.06
N ASN B 414 10.75 2.77 -7.25
CA ASN B 414 11.99 3.39 -7.78
C ASN B 414 11.94 4.96 -7.60
N GLY B 415 11.00 5.45 -6.81
CA GLY B 415 10.86 6.93 -6.65
C GLY B 415 12.03 7.73 -6.07
N CYS B 416 13.06 7.04 -5.57
CA CYS B 416 14.24 7.69 -4.97
C CYS B 416 15.44 7.20 -5.85
N SER B 417 16.21 8.18 -6.33
CA SER B 417 17.29 7.92 -7.23
C SER B 417 18.31 6.97 -6.59
N ASP B 418 18.73 5.94 -7.35
CA ASP B 418 19.68 4.94 -6.79
C ASP B 418 19.22 4.48 -5.40
N ARG B 419 17.91 4.40 -5.20
CA ARG B 419 17.30 4.07 -3.89
C ARG B 419 17.74 4.93 -2.71
N GLY B 420 18.14 6.18 -2.94
CA GLY B 420 18.68 6.99 -1.84
C GLY B 420 17.60 7.50 -0.89
N CYS B 421 16.75 6.62 -0.34
CA CYS B 421 15.88 6.95 0.78
C CYS B 421 15.53 5.66 1.51
N ASP B 422 14.86 5.76 2.64
CA ASP B 422 14.38 4.59 3.36
C ASP B 422 12.88 4.70 3.62
N ASN B 423 12.07 4.73 2.55
CA ASN B 423 10.64 4.91 2.71
C ASN B 423 9.86 3.71 2.29
N GLY B 424 8.86 3.29 3.08
CA GLY B 424 8.23 2.04 2.77
C GLY B 424 9.21 0.87 2.89
N THR B 425 8.77 -0.29 2.42
CA THR B 425 9.50 -1.49 2.72
C THR B 425 10.93 -1.42 2.16
N LEU B 426 11.90 -1.93 2.91
CA LEU B 426 13.29 -1.85 2.47
C LEU B 426 13.66 -3.18 1.81
N ALA B 427 13.73 -3.15 0.47
CA ALA B 427 14.04 -4.30 -0.35
C ALA B 427 15.33 -4.11 -1.07
N MET B 428 15.89 -2.89 -1.00
CA MET B 428 17.14 -2.58 -1.70
C MET B 428 17.86 -1.39 -1.06
N ALA B 429 19.16 -1.52 -0.78
CA ALA B 429 19.88 -0.38 -0.20
C ALA B 429 20.36 0.50 -1.30
N TRP B 430 21.20 1.49 -1.02
CA TRP B 430 21.41 2.61 -2.01
C TRP B 430 22.81 2.69 -2.59
N GLY B 431 22.90 3.35 -3.75
CA GLY B 431 24.15 3.62 -4.46
C GLY B 431 24.23 2.99 -5.85
N SER B 432 25.45 2.70 -6.31
CA SER B 432 25.60 1.97 -7.59
C SER B 432 25.10 0.51 -7.53
N GLY B 433 24.96 -0.02 -6.31
CA GLY B 433 24.68 -1.41 -6.11
C GLY B 433 23.23 -1.71 -6.25
N THR B 434 22.61 -1.06 -7.21
CA THR B 434 21.17 -1.11 -7.35
C THR B 434 20.68 -1.42 -8.76
N ALA B 435 19.38 -1.69 -8.85
CA ALA B 435 18.70 -2.01 -10.08
C ALA B 435 17.32 -1.37 -9.97
N GLU B 436 16.74 -1.00 -11.10
CA GLU B 436 15.32 -0.52 -11.08
C GLU B 436 14.40 -1.75 -10.91
N PHE B 437 13.47 -1.65 -9.96
CA PHE B 437 12.49 -2.68 -9.77
C PHE B 437 11.54 -2.67 -10.98
N PRO B 438 11.12 -3.87 -11.42
CA PRO B 438 10.03 -3.97 -12.41
C PRO B 438 8.72 -3.74 -11.69
N TYR B 439 8.72 -4.00 -10.37
CA TYR B 439 7.61 -3.82 -9.45
C TYR B 439 8.18 -4.16 -8.07
N LEU B 440 7.41 -3.88 -6.99
CA LEU B 440 7.81 -4.31 -5.66
C LEU B 440 6.61 -4.86 -4.89
N VAL B 441 6.64 -6.15 -4.60
CA VAL B 441 5.65 -6.78 -3.69
C VAL B 441 5.97 -6.47 -2.25
N THR B 442 5.10 -5.70 -1.64
CA THR B 442 5.34 -5.30 -0.28
C THR B 442 4.80 -6.39 0.69
N PRO B 443 5.32 -6.41 1.94
CA PRO B 443 4.81 -7.37 2.98
C PRO B 443 3.32 -7.17 3.25
N GLU B 444 2.89 -5.91 3.27
CA GLU B 444 1.50 -5.57 3.41
C GLU B 444 0.62 -6.28 2.34
N GLN B 445 0.99 -6.12 1.06
CA GLN B 445 0.28 -6.73 -0.03
C GLN B 445 0.23 -8.28 0.11
N ALA B 446 1.35 -8.92 0.41
CA ALA B 446 1.31 -10.39 0.35
C ALA B 446 0.59 -10.92 1.60
N ILE B 447 0.77 -10.24 2.73
CA ILE B 447 0.14 -10.77 3.99
C ILE B 447 -1.37 -10.44 4.01
N GLN B 448 -1.75 -9.22 3.65
CA GLN B 448 -3.20 -9.00 3.50
C GLN B 448 -3.87 -9.99 2.48
N ALA B 449 -3.21 -10.28 1.35
CA ALA B 449 -3.79 -11.19 0.36
C ALA B 449 -3.97 -12.56 1.01
N GLU B 450 -2.98 -12.98 1.81
CA GLU B 450 -3.03 -14.29 2.46
C GLU B 450 -4.17 -14.36 3.47
N VAL B 451 -4.28 -13.35 4.32
CA VAL B 451 -5.35 -13.34 5.31
C VAL B 451 -6.71 -13.36 4.57
N LEU B 452 -6.80 -12.65 3.44
CA LEU B 452 -8.09 -12.50 2.76
C LEU B 452 -8.47 -13.83 2.12
N LYS B 453 -7.47 -14.59 1.66
CA LYS B 453 -7.76 -15.90 1.13
C LYS B 453 -8.43 -16.77 2.22
N HIS B 454 -8.14 -16.54 3.49
CA HIS B 454 -8.77 -17.33 4.55
C HIS B 454 -9.94 -16.62 5.19
N LYS B 455 -10.44 -15.58 4.54
CA LYS B 455 -11.52 -14.76 5.09
C LYS B 455 -11.24 -14.22 6.46
N GLY B 456 -10.00 -13.91 6.75
CA GLY B 456 -9.74 -13.17 7.99
C GLY B 456 -9.83 -11.66 7.87
N SER B 457 -9.55 -10.97 8.97
CA SER B 457 -9.56 -9.54 9.04
C SER B 457 -8.11 -9.09 9.20
N VAL B 458 -7.78 -7.98 8.57
CA VAL B 458 -6.41 -7.56 8.49
C VAL B 458 -6.30 -6.07 8.20
N TYR B 459 -5.27 -5.40 8.76
CA TYR B 459 -5.00 -3.96 8.51
C TYR B 459 -3.52 -3.69 8.48
N ALA B 460 -3.08 -2.69 7.72
CA ALA B 460 -1.71 -2.24 7.85
C ALA B 460 -1.67 -0.80 8.34
N ILE B 461 -0.89 -0.55 9.40
CA ILE B 461 -0.51 0.79 9.86
C ILE B 461 0.94 1.01 9.52
N THR B 462 1.20 2.04 8.72
CA THR B 462 2.52 2.27 8.19
C THR B 462 3.10 3.64 8.55
N ASP B 463 2.59 4.28 9.60
CA ASP B 463 3.20 5.50 10.09
C ASP B 463 3.80 5.18 11.45
N ASN B 464 5.13 5.28 11.61
CA ASN B 464 5.71 4.75 12.84
C ASN B 464 5.52 5.64 14.06
N TRP B 465 4.94 6.84 13.87
CA TRP B 465 4.60 7.70 15.02
C TRP B 465 3.10 7.73 15.31
N ALA B 466 2.35 6.90 14.61
CA ALA B 466 0.93 6.70 14.87
C ALA B 466 0.75 5.66 16.01
N LEU B 467 1.37 5.89 17.18
CA LEU B 467 1.44 4.84 18.22
C LEU B 467 0.08 4.65 18.90
N SER B 468 -0.71 5.71 18.94
CA SER B 468 -2.12 5.59 19.36
C SER B 468 -2.90 4.55 18.49
N GLN B 469 -2.89 4.76 17.17
CA GLN B 469 -3.56 3.79 16.32
C GLN B 469 -2.95 2.42 16.52
N VAL B 470 -1.63 2.34 16.66
CA VAL B 470 -0.94 1.01 16.78
C VAL B 470 -1.40 0.28 18.01
N GLU B 471 -1.41 0.99 19.14
CA GLU B 471 -1.81 0.38 20.42
C GLU B 471 -3.26 -0.06 20.39
N THR B 472 -4.15 0.74 19.80
CA THR B 472 -5.56 0.36 19.74
C THR B 472 -5.75 -0.95 18.95
N LEU B 473 -5.09 -1.06 17.79
CA LEU B 473 -5.22 -2.22 16.90
C LEU B 473 -4.55 -3.45 17.55
N ALA B 474 -3.38 -3.24 18.12
CA ALA B 474 -2.62 -4.34 18.73
C ALA B 474 -3.44 -5.05 19.83
N LYS B 475 -4.25 -4.29 20.56
CA LYS B 475 -5.12 -4.87 21.64
C LYS B 475 -6.24 -5.73 21.06
N GLN B 476 -6.61 -5.50 19.80
CA GLN B 476 -7.67 -6.28 19.12
C GLN B 476 -7.21 -7.51 18.32
N ALA B 477 -5.89 -7.66 18.13
CA ALA B 477 -5.33 -8.52 17.08
C ALA B 477 -5.01 -9.91 17.62
N SER B 478 -5.00 -10.94 16.77
CA SER B 478 -4.63 -12.26 17.21
C SER B 478 -3.12 -12.38 17.06
N VAL B 479 -2.58 -11.61 16.11
CA VAL B 479 -1.14 -11.58 15.85
C VAL B 479 -0.77 -10.18 15.38
N SER B 480 0.37 -9.70 15.87
CA SER B 480 0.96 -8.48 15.38
C SER B 480 2.28 -8.72 14.69
N LEU B 481 2.37 -8.30 13.42
CA LEU B 481 3.55 -8.48 12.60
C LEU B 481 4.18 -7.07 12.48
N VAL B 482 5.34 -6.86 13.08
CA VAL B 482 5.91 -5.51 13.18
C VAL B 482 7.16 -5.47 12.32
N PHE B 483 7.19 -4.48 11.41
CA PHE B 483 8.23 -4.31 10.43
C PHE B 483 9.11 -3.10 10.72
N VAL B 484 10.43 -3.33 10.74
CA VAL B 484 11.44 -2.33 11.08
C VAL B 484 12.64 -2.56 10.18
N ASN B 485 13.40 -1.51 9.96
CA ASN B 485 14.54 -1.61 9.05
C ASN B 485 15.69 -0.68 9.51
N SER B 486 16.82 -0.85 8.82
CA SER B 486 17.98 0.00 8.99
C SER B 486 18.72 -0.05 7.67
N ASP B 487 19.07 1.13 7.14
CA ASP B 487 19.51 1.28 5.74
C ASP B 487 20.92 1.81 5.68
N ALA B 488 21.57 1.65 4.53
CA ALA B 488 22.94 2.15 4.35
C ALA B 488 23.18 2.11 2.85
N GLY B 489 24.32 2.63 2.42
CA GLY B 489 24.65 2.54 1.00
C GLY B 489 25.98 3.12 0.71
N GLU B 490 26.20 3.39 -0.55
CA GLU B 490 27.43 3.90 -1.03
C GLU B 490 27.62 5.39 -0.60
N GLY B 491 28.87 5.75 -0.34
CA GLY B 491 29.22 7.04 0.11
C GLY B 491 28.73 8.30 -0.61
N TYR B 492 28.38 8.27 -1.91
CA TYR B 492 28.05 9.55 -2.60
C TYR B 492 26.64 10.04 -2.25
N ILE B 493 25.89 9.21 -1.53
CA ILE B 493 24.54 9.52 -1.16
C ILE B 493 24.45 9.51 0.35
N SER B 494 23.81 10.54 0.85
CA SER B 494 23.58 10.61 2.25
C SER B 494 22.07 10.57 2.60
N VAL B 495 21.59 9.56 3.37
CA VAL B 495 20.20 9.59 3.86
C VAL B 495 20.12 9.90 5.35
N ASP B 496 19.33 10.91 5.69
CA ASP B 496 19.21 11.37 7.07
C ASP B 496 20.60 11.60 7.78
N GLY B 497 21.60 12.04 7.02
CA GLY B 497 22.90 12.29 7.64
C GLY B 497 23.80 11.08 7.73
N ASN B 498 23.33 9.94 7.22
CA ASN B 498 24.18 8.76 7.10
C ASN B 498 24.87 8.85 5.75
N GLU B 499 26.13 9.23 5.79
CA GLU B 499 26.92 9.39 4.58
C GLU B 499 27.43 8.00 4.14
N GLY B 500 26.55 7.17 3.61
CA GLY B 500 27.02 5.86 3.14
C GLY B 500 27.02 4.90 4.29
N ASP B 501 28.06 4.98 5.12
CA ASP B 501 28.07 4.31 6.40
C ASP B 501 26.87 4.73 7.28
N ARG B 502 26.43 3.79 8.12
CA ARG B 502 25.42 3.96 9.13
C ARG B 502 26.06 4.68 10.28
N ASN B 503 25.41 5.72 10.76
CA ASN B 503 25.83 6.41 11.97
C ASN B 503 25.62 5.51 13.19
N ASN B 504 24.69 4.55 13.12
CA ASN B 504 24.46 3.66 14.27
C ASN B 504 23.82 2.35 13.82
N LEU B 505 23.65 1.42 14.77
CA LEU B 505 23.13 0.13 14.47
C LEU B 505 21.69 0.03 15.00
N THR B 506 21.10 1.14 15.45
CA THR B 506 19.74 1.23 15.93
C THR B 506 18.66 1.26 14.82
N LEU B 507 17.48 0.71 15.08
CA LEU B 507 16.41 0.70 14.04
C LEU B 507 16.02 2.13 13.67
N TRP B 508 15.82 2.32 12.38
CA TRP B 508 15.39 3.56 11.83
C TRP B 508 13.90 3.69 12.03
N LYS B 509 13.45 4.93 11.84
CA LYS B 509 12.02 5.28 11.91
C LYS B 509 11.31 4.76 13.13
N ASN B 510 11.85 5.04 14.31
CA ASN B 510 11.12 4.80 15.55
C ASN B 510 10.87 3.32 15.82
N GLY B 511 11.75 2.48 15.25
CA GLY B 511 11.47 1.09 15.22
C GLY B 511 11.46 0.44 16.59
N ASP B 512 12.37 0.81 17.48
CA ASP B 512 12.31 0.23 18.85
C ASP B 512 10.98 0.61 19.59
N ASN B 513 10.54 1.87 19.43
CA ASN B 513 9.33 2.36 20.11
C ASN B 513 8.11 1.71 19.53
N LEU B 514 8.16 1.46 18.23
CA LEU B 514 7.04 0.75 17.58
C LEU B 514 6.87 -0.67 18.07
N ILE B 515 7.95 -1.41 18.18
CA ILE B 515 7.85 -2.82 18.63
C ILE B 515 7.31 -2.81 20.10
N LYS B 516 7.79 -1.85 20.92
CA LYS B 516 7.43 -1.80 22.35
C LYS B 516 5.96 -1.44 22.47
N ALA B 517 5.46 -0.59 21.58
CA ALA B 517 4.05 -0.24 21.61
C ALA B 517 3.18 -1.44 21.20
N ALA B 518 3.61 -2.23 20.20
CA ALA B 518 2.88 -3.43 19.83
C ALA B 518 2.98 -4.47 20.94
N ALA B 519 4.20 -4.77 21.40
CA ALA B 519 4.40 -5.81 22.42
C ALA B 519 3.75 -5.54 23.79
N ASN B 520 3.64 -4.26 24.15
CA ASN B 520 2.97 -3.84 25.37
C ASN B 520 1.48 -4.19 25.26
N ASN B 521 1.01 -4.47 24.05
CA ASN B 521 -0.41 -4.76 23.85
C ASN B 521 -0.89 -6.07 23.16
N CYS B 522 -0.07 -6.85 22.40
CA CYS B 522 -0.48 -8.19 21.79
C CYS B 522 0.51 -9.08 22.50
N ASN B 523 0.03 -10.19 22.98
CA ASN B 523 0.84 -11.23 23.55
C ASN B 523 1.45 -12.10 22.43
N ASN B 524 1.29 -11.70 21.16
CA ASN B 524 1.79 -12.49 20.04
C ASN B 524 2.40 -11.56 18.97
N THR B 525 3.40 -10.81 19.40
CA THR B 525 4.00 -9.78 18.61
C THR B 525 5.20 -10.39 17.92
N ILE B 526 5.29 -10.15 16.61
CA ILE B 526 6.25 -10.88 15.79
C ILE B 526 6.99 -9.85 14.96
N VAL B 527 8.33 -9.83 15.08
CA VAL B 527 9.18 -8.79 14.49
C VAL B 527 9.91 -9.28 13.19
N VAL B 528 9.78 -8.46 12.13
CA VAL B 528 10.44 -8.69 10.87
C VAL B 528 11.34 -7.45 10.58
N ILE B 529 12.63 -7.73 10.43
CA ILE B 529 13.66 -6.75 10.16
C ILE B 529 14.13 -6.88 8.71
N HIS B 530 14.13 -5.77 8.00
CA HIS B 530 14.83 -5.67 6.67
C HIS B 530 16.01 -4.77 6.88
N SER B 531 17.23 -5.22 6.61
CA SER B 531 18.33 -4.32 6.93
C SER B 531 19.56 -4.81 6.24
N VAL B 532 20.59 -3.95 6.20
CA VAL B 532 21.84 -4.17 5.47
C VAL B 532 22.82 -5.01 6.26
N GLY B 533 22.51 -5.25 7.53
CA GLY B 533 23.35 -5.99 8.45
C GLY B 533 22.75 -6.00 9.85
N PRO B 534 23.56 -6.38 10.86
CA PRO B 534 22.97 -6.48 12.18
C PRO B 534 22.38 -5.16 12.68
N VAL B 535 21.34 -5.24 13.52
CA VAL B 535 20.87 -4.08 14.30
C VAL B 535 20.82 -4.45 15.77
N LEU B 536 20.71 -3.45 16.63
CA LEU B 536 20.56 -3.65 18.09
C LEU B 536 19.12 -4.05 18.42
N VAL B 537 18.90 -5.20 19.08
CA VAL B 537 17.58 -5.78 19.38
C VAL B 537 17.39 -5.84 20.92
N ASP B 538 18.44 -5.38 21.60
CA ASP B 538 18.57 -5.51 23.07
C ASP B 538 17.39 -4.97 23.85
N GLU B 539 16.84 -3.85 23.41
CA GLU B 539 15.76 -3.25 24.13
C GLU B 539 14.42 -4.01 24.11
N TRP B 540 14.24 -5.00 23.21
CA TRP B 540 12.92 -5.65 23.09
C TRP B 540 13.02 -7.14 22.70
N TYR B 541 14.17 -7.64 22.32
CA TYR B 541 14.20 -9.03 21.81
C TYR B 541 13.71 -10.11 22.77
N ASP B 542 13.87 -9.87 24.07
CA ASP B 542 13.45 -10.86 25.10
C ASP B 542 12.15 -10.42 25.78
N HIS B 543 11.47 -9.39 25.26
CA HIS B 543 10.14 -9.03 25.77
C HIS B 543 9.27 -10.32 25.74
N PRO B 544 8.47 -10.58 26.81
CA PRO B 544 7.66 -11.83 26.89
C PRO B 544 6.57 -11.92 25.85
N ASN B 545 6.16 -10.77 25.32
CA ASN B 545 5.18 -10.76 24.24
C ASN B 545 5.81 -10.84 22.81
N VAL B 546 7.14 -10.71 22.73
CA VAL B 546 7.75 -10.82 21.44
C VAL B 546 7.91 -12.34 21.25
N THR B 547 7.01 -12.92 20.49
CA THR B 547 7.04 -14.37 20.27
C THR B 547 7.90 -14.92 19.11
N ALA B 548 8.35 -14.03 18.21
CA ALA B 548 9.24 -14.48 17.13
C ALA B 548 9.92 -13.28 16.51
N ILE B 549 11.10 -13.52 15.93
CA ILE B 549 11.86 -12.46 15.30
C ILE B 549 12.54 -13.09 14.11
N LEU B 550 12.42 -12.41 12.96
CA LEU B 550 13.03 -12.78 11.66
C LEU B 550 13.81 -11.62 11.09
N TRP B 551 14.94 -11.97 10.48
CA TRP B 551 15.70 -11.00 9.70
C TRP B 551 15.70 -11.41 8.25
N ALA B 552 15.19 -10.53 7.40
CA ALA B 552 14.94 -10.82 5.98
C ALA B 552 15.87 -10.09 4.97
N GLY B 553 16.84 -9.32 5.47
CA GLY B 553 17.89 -8.79 4.59
C GLY B 553 17.25 -7.77 3.65
N LEU B 554 17.59 -7.84 2.37
CA LEU B 554 17.17 -6.89 1.36
C LEU B 554 16.69 -7.76 0.21
N PRO B 555 15.39 -8.17 0.25
CA PRO B 555 14.94 -9.31 -0.61
C PRO B 555 14.66 -9.02 -2.06
N GLY B 556 14.77 -7.75 -2.49
CA GLY B 556 14.48 -7.51 -3.89
C GLY B 556 12.98 -7.56 -4.19
N GLN B 557 12.63 -7.66 -5.49
CA GLN B 557 11.27 -7.39 -6.01
C GLN B 557 10.13 -8.26 -5.44
N GLU B 558 10.42 -9.47 -4.92
CA GLU B 558 9.32 -10.35 -4.49
C GLU B 558 9.19 -10.31 -2.95
N SER B 559 9.79 -9.30 -2.34
CA SER B 559 9.89 -9.24 -0.90
C SER B 559 8.75 -9.81 -0.07
N GLY B 560 7.53 -9.29 -0.33
CA GLY B 560 6.38 -9.69 0.46
C GLY B 560 6.05 -11.16 0.30
N ASN B 561 6.12 -11.70 -0.93
CA ASN B 561 5.84 -13.12 -1.21
C ASN B 561 6.92 -14.04 -0.63
N SER B 562 8.20 -13.68 -0.73
CA SER B 562 9.24 -14.36 0.02
C SER B 562 8.87 -14.52 1.50
N LEU B 563 8.42 -13.43 2.12
CA LEU B 563 8.18 -13.45 3.54
C LEU B 563 6.93 -14.27 3.88
N ALA B 564 5.82 -13.97 3.17
CA ALA B 564 4.55 -14.70 3.33
C ALA B 564 4.82 -16.18 3.20
N ASP B 565 5.63 -16.56 2.23
CA ASP B 565 5.94 -18.01 2.05
C ASP B 565 6.46 -18.67 3.35
N VAL B 566 7.34 -17.93 4.05
CA VAL B 566 7.95 -18.36 5.30
C VAL B 566 6.95 -18.28 6.50
N LEU B 567 6.29 -17.13 6.67
CA LEU B 567 5.32 -17.00 7.75
C LEU B 567 4.26 -18.04 7.68
N TYR B 568 3.83 -18.41 6.47
CA TYR B 568 2.67 -19.30 6.38
C TYR B 568 3.11 -20.75 6.14
N GLY B 569 4.39 -21.05 6.34
CA GLY B 569 4.83 -22.42 6.26
C GLY B 569 4.94 -23.07 4.89
N ARG B 570 4.82 -22.31 3.78
CA ARG B 570 5.10 -22.87 2.48
C ARG B 570 6.58 -23.24 2.36
N VAL B 571 7.44 -22.44 3.00
CA VAL B 571 8.88 -22.64 3.01
C VAL B 571 9.29 -22.69 4.52
N ASN B 572 10.02 -23.72 4.88
CA ASN B 572 10.62 -23.89 6.20
C ASN B 572 11.89 -23.07 6.23
N PRO B 573 12.00 -22.03 7.13
CA PRO B 573 13.24 -21.25 6.93
C PRO B 573 14.46 -22.16 7.23
N GLY B 574 15.46 -22.15 6.35
CA GLY B 574 16.77 -22.73 6.66
C GLY B 574 17.90 -21.70 6.74
N ALA B 575 17.64 -20.41 6.51
CA ALA B 575 18.73 -19.40 6.50
C ALA B 575 19.45 -19.32 7.83
N LYS B 576 20.73 -18.90 7.80
CA LYS B 576 21.54 -18.76 9.04
C LYS B 576 22.19 -17.38 9.04
N SER B 577 22.30 -16.75 10.21
CA SER B 577 22.87 -15.45 10.26
C SER B 577 24.30 -15.48 9.69
N PRO B 578 24.58 -14.60 8.71
CA PRO B 578 25.96 -14.63 8.16
C PRO B 578 26.88 -13.61 8.88
N PHE B 579 26.36 -13.02 9.97
CA PHE B 579 27.18 -12.16 10.81
C PHE B 579 26.67 -12.29 12.26
N THR B 580 27.28 -11.55 13.18
CA THR B 580 26.98 -11.61 14.60
C THR B 580 26.02 -10.41 14.93
N TRP B 581 25.09 -10.69 15.84
CA TRP B 581 24.19 -9.71 16.44
C TRP B 581 24.61 -9.39 17.90
N GLY B 582 25.36 -8.32 18.08
CA GLY B 582 25.98 -7.99 19.39
C GLY B 582 24.96 -7.28 20.26
N LYS B 583 25.25 -7.22 21.55
CA LYS B 583 24.50 -6.46 22.52
C LYS B 583 24.57 -4.94 22.31
N THR B 584 25.72 -4.40 21.91
CA THR B 584 25.95 -2.94 21.78
C THR B 584 26.83 -2.77 20.50
N ARG B 585 26.99 -1.55 19.95
CA ARG B 585 27.99 -1.29 18.89
C ARG B 585 29.42 -1.64 19.36
N GLU B 586 29.73 -1.27 20.60
CA GLU B 586 31.06 -1.45 21.17
C GLU B 586 31.51 -2.93 21.14
N ALA B 587 30.57 -3.85 21.31
CA ALA B 587 30.93 -5.27 21.32
C ALA B 587 31.67 -5.77 20.06
N TYR B 588 31.45 -5.09 18.93
CA TYR B 588 32.13 -5.37 17.66
C TYR B 588 33.54 -4.79 17.55
N GLY B 589 33.91 -3.86 18.44
CA GLY B 589 35.07 -2.98 18.24
C GLY B 589 35.05 -2.48 16.83
N ASP B 590 36.20 -2.52 16.14
CA ASP B 590 36.23 -2.31 14.67
C ASP B 590 35.58 -0.98 14.24
N TYR B 591 36.13 0.09 14.82
CA TYR B 591 35.65 1.42 14.57
C TYR B 591 36.06 2.12 13.20
N LEU B 592 35.01 2.55 12.50
CA LEU B 592 35.17 3.31 11.32
C LEU B 592 35.92 4.56 11.67
N VAL B 593 36.75 4.97 10.71
CA VAL B 593 37.41 6.29 10.82
C VAL B 593 36.44 7.36 10.35
N ARG B 594 36.02 8.22 11.29
CA ARG B 594 34.98 9.26 11.01
C ARG B 594 35.51 10.68 11.11
N GLU B 595 36.75 10.82 11.56
CA GLU B 595 37.36 12.17 11.67
C GLU B 595 38.78 12.12 11.10
N LEU B 596 39.24 13.27 10.60
CA LEU B 596 40.60 13.41 10.06
C LEU B 596 41.64 13.07 11.15
N ASN B 597 42.58 12.17 10.89
CA ASN B 597 43.58 11.84 11.93
C ASN B 597 44.98 12.00 11.37
N ASN B 598 45.11 12.62 10.20
CA ASN B 598 46.40 12.86 9.62
C ASN B 598 46.40 14.30 9.03
N GLY B 599 45.86 15.24 9.79
CA GLY B 599 45.83 16.61 9.32
C GLY B 599 44.90 16.63 8.12
N ASN B 600 45.32 17.33 7.06
CA ASN B 600 44.56 17.40 5.83
C ASN B 600 45.17 16.45 4.77
N GLY B 601 46.00 15.52 5.21
CA GLY B 601 46.48 14.44 4.34
C GLY B 601 45.46 13.28 4.37
N ALA B 602 45.80 12.15 3.73
CA ALA B 602 44.92 11.01 3.75
C ALA B 602 44.68 10.53 5.19
N PRO B 603 43.41 10.32 5.61
CA PRO B 603 43.17 9.62 6.88
C PRO B 603 43.77 8.20 6.90
N GLN B 604 44.23 7.76 8.07
CA GLN B 604 45.00 6.54 8.16
C GLN B 604 44.11 5.57 8.90
N ASP B 605 43.83 4.41 8.26
CA ASP B 605 42.87 3.43 8.83
C ASP B 605 43.67 2.19 9.17
N ASP B 606 44.11 2.08 10.42
CA ASP B 606 45.02 0.99 10.82
C ASP B 606 44.19 -0.21 11.20
N PHE B 607 44.34 -1.34 10.48
CA PHE B 607 43.47 -2.47 10.77
C PHE B 607 44.12 -3.16 11.96
N SER B 608 44.18 -2.43 13.06
CA SER B 608 45.01 -2.87 14.17
C SER B 608 44.40 -4.03 15.01
N GLU B 609 43.16 -4.43 14.75
CA GLU B 609 42.62 -5.69 15.32
C GLU B 609 43.03 -6.98 14.53
N GLY B 610 43.69 -6.87 13.35
CA GLY B 610 44.14 -8.09 12.67
C GLY B 610 42.93 -8.86 12.15
N VAL B 611 42.96 -10.18 12.30
CA VAL B 611 41.88 -11.02 11.74
C VAL B 611 40.60 -10.94 12.57
N PHE B 612 40.65 -10.24 13.69
CA PHE B 612 39.61 -10.34 14.72
C PHE B 612 38.41 -9.42 14.46
N ILE B 613 37.65 -9.74 13.42
CA ILE B 613 36.43 -9.01 13.05
C ILE B 613 35.26 -9.99 13.24
N ASP B 614 34.07 -9.42 13.46
CA ASP B 614 32.78 -10.11 13.66
C ASP B 614 32.95 -11.21 14.72
N TYR B 615 32.53 -12.44 14.44
CA TYR B 615 32.64 -13.47 15.48
C TYR B 615 34.04 -13.74 16.03
N ARG B 616 35.06 -13.65 15.17
CA ARG B 616 36.43 -13.88 15.68
C ARG B 616 36.74 -12.95 16.88
N GLY B 617 36.25 -11.71 16.80
CA GLY B 617 36.49 -10.70 17.83
C GLY B 617 35.61 -10.96 19.04
N PHE B 618 34.32 -11.27 18.80
CA PHE B 618 33.41 -11.56 19.95
C PHE B 618 33.97 -12.72 20.73
N ASP B 619 34.37 -13.81 20.03
CA ASP B 619 34.92 -14.98 20.69
C ASP B 619 36.22 -14.65 21.41
N LYS B 620 37.10 -13.86 20.80
CA LYS B 620 38.33 -13.53 21.48
C LYS B 620 38.16 -12.77 22.76
N ARG B 621 37.20 -11.84 22.80
CA ARG B 621 36.95 -11.06 24.01
C ARG B 621 35.95 -11.77 25.01
N ASN B 622 35.60 -13.03 24.74
CA ASN B 622 34.55 -13.72 25.45
C ASN B 622 33.25 -12.89 25.60
N GLU B 623 32.90 -12.05 24.63
CA GLU B 623 31.55 -11.45 24.56
C GLU B 623 30.51 -12.41 24.00
N THR B 624 29.35 -12.40 24.65
CA THR B 624 28.28 -13.27 24.21
C THR B 624 27.33 -12.47 23.33
N PRO B 625 27.23 -12.87 22.06
CA PRO B 625 26.26 -12.23 21.15
C PRO B 625 24.85 -12.67 21.55
N ILE B 626 23.88 -11.82 21.26
CA ILE B 626 22.49 -12.19 21.32
C ILE B 626 22.24 -13.28 20.27
N TYR B 627 22.66 -13.05 19.01
CA TYR B 627 22.55 -14.10 17.99
C TYR B 627 23.90 -14.34 17.29
N GLU B 628 24.44 -15.54 17.38
CA GLU B 628 25.78 -15.76 16.89
C GLU B 628 25.81 -15.95 15.37
N PHE B 629 26.98 -15.68 14.81
CA PHE B 629 27.26 -16.09 13.44
C PHE B 629 26.85 -17.58 13.25
N GLY B 630 26.08 -17.89 12.20
CA GLY B 630 25.67 -19.27 11.88
C GLY B 630 24.35 -19.66 12.53
N HIS B 631 23.76 -18.73 13.30
CA HIS B 631 22.51 -19.02 13.97
C HIS B 631 21.27 -18.77 13.10
N GLY B 632 20.34 -19.74 13.12
CA GLY B 632 19.04 -19.58 12.56
C GLY B 632 18.20 -20.76 13.02
N LEU B 633 16.92 -20.52 13.30
CA LEU B 633 16.01 -21.57 13.79
C LEU B 633 15.31 -22.13 12.54
N SER B 634 14.64 -23.27 12.71
CA SER B 634 13.86 -23.88 11.69
C SER B 634 12.45 -24.26 12.27
N TYR B 635 11.50 -24.58 11.39
CA TYR B 635 10.25 -25.19 11.84
C TYR B 635 10.45 -26.67 12.17
N THR B 636 11.67 -27.18 12.05
CA THR B 636 11.91 -28.56 12.53
C THR B 636 13.16 -28.51 13.38
N THR B 637 13.64 -29.66 13.89
CA THR B 637 14.86 -29.70 14.68
C THR B 637 15.83 -30.68 14.02
N PHE B 638 17.15 -30.45 14.23
CA PHE B 638 18.15 -31.41 13.72
C PHE B 638 19.07 -31.90 14.79
N ASN B 639 19.58 -33.09 14.53
CA ASN B 639 20.56 -33.72 15.38
C ASN B 639 21.84 -34.03 14.57
N TYR B 640 23.00 -33.77 15.17
CA TYR B 640 24.32 -34.00 14.56
C TYR B 640 25.02 -34.98 15.45
N SER B 641 25.58 -36.04 14.91
CA SER B 641 26.23 -37.07 15.72
C SER B 641 27.25 -37.79 14.87
N GLY B 642 28.02 -38.72 15.47
CA GLY B 642 28.87 -39.66 14.69
C GLY B 642 29.98 -39.01 13.87
N LEU B 643 30.75 -38.14 14.51
CA LEU B 643 31.90 -37.48 13.92
C LEU B 643 32.97 -38.49 13.56
N HIS B 644 33.37 -38.57 12.31
CA HIS B 644 34.49 -39.50 11.89
C HIS B 644 35.56 -38.73 11.07
N ILE B 645 36.82 -38.94 11.40
CA ILE B 645 37.91 -38.20 10.77
C ILE B 645 38.82 -39.22 10.10
N GLN B 646 39.32 -38.89 8.91
CA GLN B 646 40.16 -39.76 8.13
C GLN B 646 41.27 -38.96 7.42
N VAL B 647 42.51 -39.41 7.63
CA VAL B 647 43.72 -38.89 6.95
C VAL B 647 43.72 -39.40 5.52
N LEU B 648 43.88 -38.51 4.55
CA LEU B 648 43.88 -38.90 3.12
C LEU B 648 45.36 -39.00 2.64
N ASN B 649 45.63 -39.73 1.56
CA ASN B 649 46.96 -39.64 0.90
C ASN B 649 47.11 -38.36 0.08
N ALA B 657 56.25 -25.24 -11.96
CA ALA B 657 57.08 -24.26 -12.66
C ALA B 657 57.86 -23.31 -11.71
N THR B 658 59.17 -23.13 -11.90
CA THR B 658 59.90 -22.20 -11.02
C THR B 658 60.23 -20.77 -11.56
N GLU B 659 60.19 -20.58 -12.89
CA GLU B 659 60.45 -19.32 -13.63
C GLU B 659 59.28 -19.08 -14.62
N THR B 660 58.96 -17.83 -14.98
CA THR B 660 57.92 -17.60 -16.03
C THR B 660 58.67 -17.62 -17.37
N GLY B 661 57.96 -17.44 -18.50
CA GLY B 661 58.60 -17.10 -19.78
C GLY B 661 58.96 -15.63 -19.79
N ALA B 662 59.69 -15.21 -20.84
CA ALA B 662 59.98 -13.77 -21.07
C ALA B 662 58.68 -13.09 -21.51
N ALA B 663 58.52 -11.78 -21.21
CA ALA B 663 57.32 -11.08 -21.63
C ALA B 663 57.31 -11.08 -23.13
N PRO B 664 56.17 -11.45 -23.75
CA PRO B 664 56.07 -11.41 -25.21
C PRO B 664 55.49 -10.09 -25.74
N THR B 665 55.78 -9.80 -27.00
CA THR B 665 55.07 -8.79 -27.75
C THR B 665 54.31 -9.43 -28.92
N PHE B 666 53.14 -8.88 -29.20
CA PHE B 666 52.22 -9.40 -30.19
C PHE B 666 51.93 -8.26 -31.17
N GLY B 667 52.41 -8.41 -32.40
CA GLY B 667 52.14 -7.42 -33.42
C GLY B 667 53.16 -6.31 -33.34
N GLN B 668 52.98 -5.29 -34.18
CA GLN B 668 54.06 -4.30 -34.43
C GLN B 668 53.64 -2.90 -34.00
N VAL B 669 54.61 -2.11 -33.53
CA VAL B 669 54.41 -0.67 -33.29
C VAL B 669 55.19 0.15 -34.33
N GLY B 670 54.54 1.12 -34.97
CA GLY B 670 55.21 2.01 -35.92
C GLY B 670 55.57 3.42 -35.44
N ASN B 671 55.57 4.37 -36.36
CA ASN B 671 55.96 5.76 -36.10
C ASN B 671 54.77 6.52 -35.51
N ALA B 672 55.03 7.65 -34.88
CA ALA B 672 53.94 8.50 -34.43
C ALA B 672 52.84 8.80 -35.50
N SER B 673 53.25 9.09 -36.76
CA SER B 673 52.36 9.37 -37.90
C SER B 673 51.17 8.46 -37.97
N ASP B 674 51.39 7.17 -37.70
CA ASP B 674 50.38 6.12 -37.77
C ASP B 674 49.21 6.31 -36.76
N TYR B 675 49.44 7.08 -35.70
CA TYR B 675 48.50 7.16 -34.56
C TYR B 675 47.87 8.54 -34.42
N VAL B 676 48.04 9.35 -35.46
CA VAL B 676 47.44 10.71 -35.50
C VAL B 676 45.96 10.48 -35.88
N TYR B 677 45.08 11.34 -35.34
CA TYR B 677 43.63 11.35 -35.63
C TYR B 677 43.39 11.17 -37.13
N PRO B 678 42.61 10.15 -37.52
CA PRO B 678 42.28 9.98 -38.94
C PRO B 678 41.53 11.21 -39.44
N GLU B 679 41.77 11.56 -40.69
CA GLU B 679 41.31 12.82 -41.25
C GLU B 679 39.81 12.90 -41.47
N GLY B 680 39.18 11.79 -41.79
CA GLY B 680 37.73 11.84 -42.02
C GLY B 680 36.84 11.86 -40.78
N LEU B 681 37.41 11.78 -39.57
CA LEU B 681 36.65 11.44 -38.36
C LEU B 681 36.13 12.66 -37.61
N THR B 682 34.82 12.75 -37.38
CA THR B 682 34.33 13.85 -36.49
C THR B 682 34.56 13.53 -35.01
N ARG B 683 35.37 14.31 -34.32
CA ARG B 683 35.65 14.09 -32.91
C ARG B 683 34.49 14.56 -32.06
N ILE B 684 33.87 13.62 -31.37
CA ILE B 684 32.77 13.92 -30.45
C ILE B 684 33.32 14.59 -29.20
N SER B 685 32.65 15.66 -28.71
CA SER B 685 33.15 16.36 -27.55
C SER B 685 33.13 15.45 -26.35
N LYS B 686 34.20 15.55 -25.56
CA LYS B 686 34.41 14.82 -24.30
C LYS B 686 34.73 13.36 -24.57
N PHE B 687 34.61 12.94 -25.83
CA PHE B 687 34.92 11.53 -26.16
C PHE B 687 36.41 11.29 -26.06
N ILE B 688 36.78 10.20 -25.37
CA ILE B 688 38.17 9.78 -25.24
C ILE B 688 38.60 8.81 -26.37
N TYR B 689 39.67 9.19 -27.08
CA TYR B 689 40.18 8.44 -28.24
C TYR B 689 41.63 8.04 -27.96
N PRO B 690 42.20 7.08 -28.77
CA PRO B 690 43.58 6.62 -28.53
C PRO B 690 44.61 7.43 -29.32
N TRP B 691 44.14 8.41 -30.09
CA TRP B 691 44.94 9.09 -31.13
C TRP B 691 45.65 10.38 -30.69
N LEU B 692 46.63 10.80 -31.50
CA LEU B 692 47.46 11.96 -31.21
C LEU B 692 47.06 13.13 -32.08
N ASN B 693 47.06 14.32 -31.51
CA ASN B 693 46.87 15.50 -32.35
C ASN B 693 47.91 15.59 -33.45
N SER B 694 49.18 15.36 -33.10
CA SER B 694 50.22 15.44 -34.13
C SER B 694 51.33 14.45 -33.77
N THR B 695 52.43 14.42 -34.54
CA THR B 695 53.60 13.53 -34.25
C THR B 695 54.49 14.09 -33.13
N ASP B 696 54.20 15.32 -32.73
CA ASP B 696 54.81 15.92 -31.57
C ASP B 696 54.16 15.27 -30.26
N LEU B 697 54.91 14.37 -29.63
CA LEU B 697 54.42 13.63 -28.47
C LEU B 697 54.06 14.54 -27.31
N LYS B 698 55.02 15.35 -26.93
CA LYS B 698 54.80 16.29 -25.84
C LYS B 698 53.55 17.12 -26.00
N ALA B 699 53.34 17.73 -27.16
CA ALA B 699 52.19 18.66 -27.34
C ALA B 699 50.88 17.85 -27.42
N SER B 700 50.91 16.66 -28.02
CA SER B 700 49.74 15.82 -28.08
C SER B 700 49.37 15.28 -26.68
N SER B 701 50.34 15.13 -25.76
CA SER B 701 49.94 14.70 -24.39
C SER B 701 49.31 15.78 -23.54
N GLY B 702 49.81 17.01 -23.63
CA GLY B 702 49.28 18.07 -22.81
C GLY B 702 49.64 17.93 -21.34
N ASP B 703 50.48 16.94 -21.03
CA ASP B 703 50.90 16.68 -19.62
C ASP B 703 51.98 17.68 -19.16
N PRO B 704 51.68 18.50 -18.12
CA PRO B 704 52.66 19.44 -17.60
C PRO B 704 53.91 18.75 -17.14
N TYR B 705 53.86 17.45 -16.87
CA TYR B 705 55.11 16.75 -16.42
C TYR B 705 55.73 15.95 -17.54
N TYR B 706 55.24 16.13 -18.78
CA TYR B 706 55.72 15.27 -19.86
C TYR B 706 57.24 15.34 -19.96
N GLY B 707 57.86 14.17 -20.04
CA GLY B 707 59.30 14.03 -20.20
C GLY B 707 60.19 14.47 -19.04
N VAL B 708 59.62 14.75 -17.88
CA VAL B 708 60.40 15.31 -16.77
C VAL B 708 60.62 14.28 -15.69
N ASP B 709 61.89 14.01 -15.40
CA ASP B 709 62.30 13.07 -14.38
C ASP B 709 61.70 11.69 -14.60
N THR B 710 61.44 11.34 -15.84
CA THR B 710 60.77 10.10 -16.12
C THR B 710 61.39 8.88 -15.46
N ALA B 711 62.68 8.61 -15.66
CA ALA B 711 63.22 7.33 -15.20
C ALA B 711 63.16 7.26 -13.68
N GLU B 712 63.27 8.41 -13.01
CA GLU B 712 63.21 8.38 -11.55
C GLU B 712 61.78 8.06 -11.07
N HIS B 713 60.78 8.28 -11.94
CA HIS B 713 59.38 8.03 -11.56
C HIS B 713 58.91 6.64 -12.01
N VAL B 714 59.84 5.84 -12.56
CA VAL B 714 59.57 4.49 -12.96
C VAL B 714 60.32 3.56 -11.99
N PRO B 715 59.58 2.81 -11.13
CA PRO B 715 60.33 2.00 -10.13
C PRO B 715 61.22 0.93 -10.74
N GLU B 716 62.25 0.52 -10.00
CA GLU B 716 63.19 -0.50 -10.46
C GLU B 716 62.41 -1.75 -10.88
N GLY B 717 62.76 -2.31 -12.04
CA GLY B 717 62.16 -3.56 -12.51
C GLY B 717 60.83 -3.34 -13.26
N ALA B 718 60.27 -2.15 -13.22
CA ALA B 718 58.98 -1.95 -13.87
C ALA B 718 59.01 -2.23 -15.37
N THR B 719 60.18 -2.19 -16.01
CA THR B 719 60.21 -2.49 -17.45
C THR B 719 61.01 -3.75 -17.75
N ASP B 720 61.23 -4.56 -16.72
CA ASP B 720 61.95 -5.79 -16.91
C ASP B 720 61.06 -6.91 -17.50
N GLY B 721 61.20 -7.17 -18.78
CA GLY B 721 60.51 -8.23 -19.48
C GLY B 721 61.21 -9.60 -19.50
N SER B 722 62.19 -9.79 -18.63
CA SER B 722 62.92 -11.02 -18.63
C SER B 722 62.15 -12.05 -17.76
N PRO B 723 62.46 -13.36 -17.90
CA PRO B 723 61.78 -14.35 -17.07
C PRO B 723 61.89 -14.02 -15.58
N GLN B 724 60.86 -14.37 -14.81
CA GLN B 724 60.78 -14.03 -13.40
C GLN B 724 60.64 -15.27 -12.52
N PRO B 725 61.08 -15.18 -11.25
CA PRO B 725 60.86 -16.24 -10.27
C PRO B 725 59.37 -16.46 -10.08
N VAL B 726 58.92 -17.72 -10.01
CA VAL B 726 57.56 -17.98 -9.54
C VAL B 726 57.53 -17.94 -7.99
N LEU B 727 56.60 -17.18 -7.38
CA LEU B 727 56.54 -17.09 -5.91
C LEU B 727 56.22 -18.47 -5.29
N PRO B 728 56.76 -18.78 -4.07
CA PRO B 728 56.43 -20.08 -3.43
C PRO B 728 54.91 -20.39 -3.28
N ALA B 729 54.12 -19.35 -2.99
CA ALA B 729 52.68 -19.48 -2.74
C ALA B 729 51.92 -19.27 -4.01
N GLY B 730 52.65 -19.12 -5.14
CA GLY B 730 52.06 -18.90 -6.48
C GLY B 730 52.14 -20.14 -7.35
N GLY B 731 51.93 -20.01 -8.65
CA GLY B 731 52.17 -21.12 -9.56
C GLY B 731 50.93 -21.86 -10.03
N GLY B 732 49.77 -21.37 -9.58
CA GLY B 732 48.53 -22.03 -9.92
C GLY B 732 47.46 -21.01 -10.15
N SER B 733 46.21 -21.40 -9.93
CA SER B 733 45.11 -20.44 -9.96
C SER B 733 44.49 -20.35 -8.54
N GLY B 734 44.53 -19.17 -7.91
CA GLY B 734 44.17 -19.02 -6.49
C GLY B 734 45.29 -19.40 -5.53
N GLY B 735 46.52 -19.41 -6.04
CA GLY B 735 47.63 -19.90 -5.25
C GLY B 735 48.21 -21.19 -5.75
N ASN B 736 49.40 -21.52 -5.24
CA ASN B 736 50.07 -22.80 -5.52
C ASN B 736 49.11 -24.01 -5.49
N PRO B 737 49.13 -24.84 -6.52
CA PRO B 737 48.15 -25.94 -6.42
C PRO B 737 48.27 -26.92 -5.23
N ARG B 738 49.41 -26.99 -4.52
CA ARG B 738 49.48 -27.88 -3.37
C ARG B 738 48.50 -27.35 -2.25
N LEU B 739 48.12 -26.08 -2.32
CA LEU B 739 47.27 -25.52 -1.31
C LEU B 739 45.90 -26.21 -1.30
N TYR B 740 45.52 -26.72 -2.45
CA TYR B 740 44.20 -27.37 -2.65
C TYR B 740 44.17 -28.89 -2.57
N ASP B 741 45.28 -29.48 -2.18
CA ASP B 741 45.35 -30.88 -1.81
C ASP B 741 44.44 -31.14 -0.61
N GLU B 742 43.62 -32.16 -0.71
CA GLU B 742 42.74 -32.53 0.37
C GLU B 742 43.53 -33.52 1.30
N LEU B 743 43.64 -33.12 2.56
CA LEU B 743 44.47 -33.78 3.58
C LEU B 743 43.65 -34.60 4.58
N ILE B 744 42.42 -34.15 4.88
CA ILE B 744 41.60 -34.84 5.89
C ILE B 744 40.13 -34.91 5.47
N ARG B 745 39.48 -36.07 5.63
CA ARG B 745 38.05 -36.18 5.36
C ARG B 745 37.30 -36.19 6.70
N VAL B 746 36.24 -35.39 6.79
CA VAL B 746 35.39 -35.29 8.00
C VAL B 746 33.92 -35.73 7.65
N SER B 747 33.28 -36.54 8.51
CA SER B 747 31.92 -37.01 8.27
C SER B 747 31.11 -36.90 9.53
N VAL B 748 29.82 -36.58 9.43
CA VAL B 748 28.93 -36.63 10.56
C VAL B 748 27.58 -37.10 10.04
N THR B 749 26.73 -37.56 10.92
CA THR B 749 25.37 -37.93 10.60
C THR B 749 24.47 -36.80 10.99
N VAL B 750 23.63 -36.44 10.05
CA VAL B 750 22.65 -35.41 10.34
C VAL B 750 21.25 -36.03 10.21
N LYS B 751 20.42 -35.87 11.24
CA LYS B 751 19.05 -36.37 11.24
C LYS B 751 18.02 -35.21 11.43
N ASN B 752 16.96 -35.21 10.63
CA ASN B 752 15.81 -34.40 10.93
C ASN B 752 14.94 -35.08 12.00
N THR B 753 14.92 -34.52 13.20
CA THR B 753 14.24 -35.14 14.34
C THR B 753 12.93 -34.44 14.64
N GLY B 754 12.50 -33.48 13.82
CA GLY B 754 11.20 -32.83 13.99
C GLY B 754 10.12 -33.39 13.10
N ARG B 755 9.13 -32.57 12.77
CA ARG B 755 7.93 -33.09 12.06
C ARG B 755 7.75 -32.37 10.72
N VAL B 756 8.75 -31.55 10.33
CA VAL B 756 8.59 -30.74 9.11
C VAL B 756 9.84 -30.97 8.23
N ALA B 757 9.64 -31.41 6.99
CA ALA B 757 10.72 -31.35 5.96
C ALA B 757 11.48 -30.00 6.03
N GLY B 758 12.80 -30.03 5.88
CA GLY B 758 13.55 -28.81 6.13
C GLY B 758 14.99 -28.94 5.71
N ASP B 759 15.68 -27.79 5.72
CA ASP B 759 17.09 -27.87 5.40
C ASP B 759 17.90 -27.61 6.66
N ALA B 760 18.95 -28.41 6.81
CA ALA B 760 19.96 -28.19 7.83
C ALA B 760 21.16 -27.47 7.21
N VAL B 761 21.87 -26.65 8.01
CA VAL B 761 23.10 -26.10 7.55
C VAL B 761 24.19 -26.54 8.52
N PRO B 762 24.78 -27.74 8.30
CA PRO B 762 25.96 -28.20 9.05
C PRO B 762 27.18 -27.28 8.80
N GLN B 763 27.93 -27.02 9.86
CA GLN B 763 28.99 -26.00 9.82
C GLN B 763 30.15 -26.64 10.52
N LEU B 764 31.30 -26.56 9.85
CA LEU B 764 32.54 -27.21 10.33
C LEU B 764 33.55 -26.09 10.57
N TYR B 765 34.03 -25.99 11.78
CA TYR B 765 34.96 -24.96 12.16
C TYR B 765 36.25 -25.69 12.51
N VAL B 766 37.41 -25.07 12.30
CA VAL B 766 38.64 -25.63 12.88
C VAL B 766 39.18 -24.63 13.90
N SER B 767 40.07 -25.14 14.74
CA SER B 767 40.97 -24.35 15.60
C SER B 767 42.34 -24.69 15.10
N LEU B 768 43.01 -23.70 14.55
CA LEU B 768 44.36 -23.90 14.06
C LEU B 768 45.43 -23.85 15.16
N GLY B 769 45.11 -23.27 16.32
CA GLY B 769 45.99 -23.30 17.52
C GLY B 769 46.96 -22.11 17.56
N GLY B 770 47.62 -21.89 18.68
CA GLY B 770 48.57 -20.81 18.74
C GLY B 770 47.94 -19.60 19.42
N PRO B 771 48.79 -18.80 20.10
CA PRO B 771 48.29 -17.67 20.93
C PRO B 771 47.62 -16.53 20.14
N ASN B 772 47.88 -16.37 18.84
CA ASN B 772 47.20 -15.29 18.09
C ASN B 772 46.05 -15.71 17.15
N GLU B 773 45.66 -16.96 17.20
CA GLU B 773 44.61 -17.46 16.35
C GLU B 773 43.25 -17.35 16.99
N PRO B 774 42.21 -17.06 16.19
CA PRO B 774 40.84 -17.25 16.65
C PRO B 774 40.62 -18.63 17.26
N LYS B 775 39.70 -18.69 18.24
CA LYS B 775 39.27 -19.96 18.87
C LYS B 775 38.70 -20.93 17.87
N VAL B 776 37.75 -20.43 17.07
CA VAL B 776 37.17 -21.23 15.93
C VAL B 776 37.08 -20.37 14.64
N VAL B 777 37.38 -20.99 13.51
CA VAL B 777 37.18 -20.34 12.20
C VAL B 777 36.43 -21.31 11.27
N LEU B 778 35.39 -20.80 10.59
CA LEU B 778 34.59 -21.59 9.64
C LEU B 778 35.43 -22.13 8.50
N ARG B 779 35.19 -23.38 8.11
CA ARG B 779 35.91 -23.92 6.92
C ARG B 779 35.00 -24.56 5.93
N LYS B 780 33.98 -25.27 6.37
CA LYS B 780 33.09 -25.99 5.39
C LYS B 780 31.66 -25.85 5.84
N PHE B 781 30.73 -25.92 4.90
CA PHE B 781 29.30 -25.90 5.25
C PHE B 781 28.56 -26.47 4.07
N ASP B 782 27.28 -26.79 4.27
CA ASP B 782 26.41 -27.21 3.19
C ASP B 782 24.97 -26.97 3.63
N ARG B 783 24.03 -27.04 2.68
CA ARG B 783 22.63 -26.96 3.01
C ARG B 783 22.00 -28.24 2.56
N LEU B 784 21.48 -29.02 3.50
CA LEU B 784 20.96 -30.37 3.22
C LEU B 784 19.45 -30.43 3.55
N THR B 785 18.69 -30.96 2.58
CA THR B 785 17.27 -31.09 2.63
C THR B 785 16.95 -32.48 3.23
N LEU B 786 16.31 -32.51 4.40
CA LEU B 786 15.89 -33.72 5.01
C LEU B 786 14.37 -33.66 5.33
N LYS B 787 13.67 -34.73 4.95
CA LYS B 787 12.33 -34.92 5.49
C LYS B 787 12.30 -35.38 6.96
N PRO B 788 11.11 -35.33 7.60
CA PRO B 788 11.03 -35.72 9.02
C PRO B 788 11.56 -37.14 9.23
N SER B 789 12.45 -37.29 10.22
CA SER B 789 13.09 -38.57 10.55
C SER B 789 14.23 -38.95 9.63
N GLU B 790 14.37 -38.30 8.47
CA GLU B 790 15.37 -38.70 7.45
C GLU B 790 16.75 -38.40 7.93
N GLU B 791 17.72 -39.26 7.62
CA GLU B 791 19.16 -39.05 8.00
C GLU B 791 20.04 -39.00 6.77
N THR B 792 21.17 -38.33 6.90
CA THR B 792 22.16 -38.32 5.83
C THR B 792 23.55 -38.24 6.46
N VAL B 793 24.53 -38.77 5.76
CA VAL B 793 25.90 -38.58 6.18
C VAL B 793 26.43 -37.31 5.48
N TRP B 794 26.94 -36.34 6.22
CA TRP B 794 27.57 -35.20 5.54
C TRP B 794 29.08 -35.43 5.54
N THR B 795 29.68 -35.35 4.37
CA THR B 795 31.10 -35.57 4.27
C THR B 795 31.74 -34.41 3.60
N THR B 796 32.90 -34.02 4.11
CA THR B 796 33.61 -32.92 3.49
C THR B 796 35.12 -33.09 3.67
N THR B 797 35.95 -32.29 3.00
CA THR B 797 37.40 -32.47 3.19
C THR B 797 38.07 -31.15 3.55
N LEU B 798 39.15 -31.21 4.33
CA LEU B 798 39.99 -30.04 4.62
C LEU B 798 41.23 -30.03 3.74
N THR B 799 41.43 -28.94 3.01
CA THR B 799 42.59 -28.85 2.10
C THR B 799 43.84 -28.42 2.93
N ARG B 800 45.02 -28.41 2.30
CA ARG B 800 46.22 -27.81 2.90
C ARG B 800 45.99 -26.32 3.29
N ARG B 801 45.33 -25.55 2.41
CA ARG B 801 44.99 -24.15 2.70
C ARG B 801 44.14 -24.03 3.98
N ASP B 802 43.08 -24.84 4.07
CA ASP B 802 42.19 -24.84 5.24
C ASP B 802 42.90 -25.02 6.56
N LEU B 803 44.06 -25.68 6.54
CA LEU B 803 44.77 -26.00 7.79
C LEU B 803 45.97 -25.08 8.08
N SER B 804 46.17 -24.08 7.21
CA SER B 804 47.43 -23.30 7.17
C SER B 804 47.28 -21.93 7.78
N ASN B 805 48.40 -21.31 8.09
CA ASN B 805 48.41 -19.90 8.45
C ASN B 805 49.47 -19.27 7.53
N TRP B 806 49.32 -18.00 7.23
CA TRP B 806 50.26 -17.33 6.33
C TRP B 806 51.48 -16.95 7.13
N ASP B 807 52.65 -17.36 6.68
CA ASP B 807 53.91 -17.11 7.40
C ASP B 807 54.66 -16.03 6.63
N VAL B 808 54.79 -14.84 7.23
CA VAL B 808 55.35 -13.70 6.53
C VAL B 808 56.83 -13.91 6.22
N ALA B 809 57.59 -14.57 7.12
CA ALA B 809 59.01 -14.94 6.85
C ALA B 809 59.15 -15.84 5.61
N ALA B 810 58.31 -16.85 5.51
CA ALA B 810 58.41 -17.78 4.41
C ALA B 810 57.71 -17.26 3.13
N GLN B 811 56.93 -16.18 3.27
CA GLN B 811 56.02 -15.73 2.18
C GLN B 811 55.22 -16.95 1.61
N ASP B 812 54.67 -17.77 2.51
CA ASP B 812 53.92 -18.95 2.10
C ASP B 812 52.93 -19.37 3.20
N TRP B 813 52.00 -20.25 2.84
CA TRP B 813 51.11 -20.91 3.78
C TRP B 813 51.81 -22.05 4.46
N VAL B 814 51.69 -22.09 5.78
CA VAL B 814 52.39 -23.05 6.62
C VAL B 814 51.38 -23.68 7.59
N ILE B 815 51.41 -25.01 7.68
CA ILE B 815 50.58 -25.72 8.69
C ILE B 815 51.40 -25.62 9.99
N THR B 816 50.99 -24.78 10.95
CA THR B 816 51.84 -24.56 12.09
C THR B 816 51.80 -25.80 13.00
N SER B 817 52.74 -25.89 13.93
CA SER B 817 52.91 -27.10 14.74
C SER B 817 51.98 -27.17 15.96
N TYR B 818 51.24 -26.09 16.22
CA TYR B 818 50.26 -26.12 17.30
C TYR B 818 49.20 -27.17 16.99
N PRO B 819 48.68 -27.85 18.02
CA PRO B 819 47.70 -28.90 17.69
C PRO B 819 46.39 -28.26 17.19
N LYS B 820 45.69 -28.92 16.30
CA LYS B 820 44.48 -28.39 15.72
C LYS B 820 43.29 -29.24 16.10
N LYS B 821 42.11 -28.64 16.13
CA LYS B 821 40.85 -29.31 16.44
C LYS B 821 39.80 -29.02 15.36
N VAL B 822 38.81 -29.89 15.23
CA VAL B 822 37.74 -29.70 14.26
C VAL B 822 36.46 -29.71 15.11
N HIS B 823 35.48 -28.90 14.73
CA HIS B 823 34.21 -28.75 15.45
C HIS B 823 33.04 -28.76 14.44
N VAL B 824 31.98 -29.52 14.70
CA VAL B 824 30.81 -29.57 13.80
C VAL B 824 29.56 -29.31 14.62
N GLY B 825 28.70 -28.41 14.12
CA GLY B 825 27.40 -28.25 14.74
C GLY B 825 26.54 -27.32 13.93
N SER B 826 25.67 -26.56 14.62
CA SER B 826 24.62 -25.76 13.97
C SER B 826 24.92 -24.26 13.96
N SER B 827 25.98 -23.83 14.66
CA SER B 827 26.40 -22.41 14.66
C SER B 827 27.77 -22.30 15.27
N SER B 828 28.32 -21.09 15.26
CA SER B 828 29.67 -20.90 15.78
C SER B 828 29.73 -21.16 17.27
N ARG B 829 28.56 -21.13 17.93
CA ARG B 829 28.48 -21.34 19.37
C ARG B 829 27.82 -22.66 19.80
N GLN B 830 27.29 -23.42 18.84
CA GLN B 830 26.56 -24.65 19.13
C GLN B 830 27.28 -25.71 18.37
N LEU B 831 28.32 -26.25 19.00
CA LEU B 831 29.22 -27.19 18.35
C LEU B 831 29.35 -28.45 19.20
N PRO B 832 28.41 -29.39 19.06
CA PRO B 832 28.50 -30.47 20.03
C PRO B 832 29.50 -31.59 19.65
N LEU B 833 30.00 -31.61 18.40
CA LEU B 833 30.97 -32.63 18.00
C LEU B 833 32.32 -31.96 17.81
N HIS B 834 33.36 -32.51 18.45
CA HIS B 834 34.75 -32.05 18.32
C HIS B 834 35.67 -33.23 18.31
N ALA B 835 36.85 -33.04 17.75
CA ALA B 835 37.92 -34.05 17.79
C ALA B 835 39.26 -33.32 17.66
N ALA B 836 40.32 -33.90 18.21
CA ALA B 836 41.70 -33.43 17.90
C ALA B 836 41.94 -33.86 16.48
N LEU B 837 42.58 -33.04 15.64
CA LEU B 837 42.93 -33.57 14.29
C LEU B 837 44.30 -34.22 14.32
N PRO B 838 44.51 -35.27 13.48
CA PRO B 838 45.83 -35.89 13.51
C PRO B 838 46.80 -34.97 12.77
N LYS B 839 48.08 -35.04 13.13
CA LYS B 839 49.09 -34.20 12.53
C LYS B 839 49.19 -34.48 11.01
N VAL B 840 49.12 -33.42 10.21
CA VAL B 840 49.30 -33.60 8.75
C VAL B 840 50.22 -32.49 8.26
N GLN B 841 50.81 -32.61 7.07
CA GLN B 841 51.84 -31.62 6.69
C GLN B 841 52.00 -31.47 5.18
C1 NAG C . -37.42 -0.23 32.15
C2 NAG C . -37.98 -1.26 33.18
C3 NAG C . -36.99 -1.55 34.28
C4 NAG C . -35.58 -1.83 33.71
C5 NAG C . -35.14 -0.82 32.63
C6 NAG C . -33.75 -1.20 32.03
C7 NAG C . -40.38 -1.41 33.56
C8 NAG C . -41.59 -0.84 34.22
N2 NAG C . -39.23 -0.81 33.79
O3 NAG C . -37.44 -2.67 35.03
O4 NAG C . -34.62 -1.82 34.75
O5 NAG C . -36.16 -0.66 31.65
O6 NAG C . -33.95 -2.33 31.20
O7 NAG C . -40.49 -2.42 32.86
C1 NAG C . -34.02 -3.12 34.97
C2 NAG C . -32.75 -2.94 35.87
C3 NAG C . -32.23 -4.23 36.50
C4 NAG C . -33.36 -5.14 37.01
C5 NAG C . -34.35 -5.29 35.84
C6 NAG C . -35.46 -6.32 36.06
C7 NAG C . -31.29 -1.01 35.62
C8 NAG C . -30.27 -0.32 34.78
N2 NAG C . -31.72 -2.19 35.16
O3 NAG C . -31.26 -3.86 37.47
O4 NAG C . -32.93 -6.47 37.18
O5 NAG C . -34.93 -4.01 35.55
O6 NAG C . -36.31 -5.71 37.01
O7 NAG C . -31.68 -0.47 36.64
C1 BMA C . -32.58 -6.86 38.52
C2 BMA C . -33.26 -8.18 38.93
C3 BMA C . -32.71 -8.81 40.22
C4 BMA C . -31.17 -8.65 40.26
C5 BMA C . -30.67 -7.27 39.80
C6 BMA C . -29.15 -7.16 39.62
O2 BMA C . -33.11 -9.16 37.93
O3 BMA C . -33.28 -10.13 40.43
O4 BMA C . -30.68 -8.88 41.56
O5 BMA C . -31.18 -7.00 38.52
O6 BMA C . -28.83 -7.97 38.51
C1 MAN C . -33.83 -10.16 41.77
C2 MAN C . -35.09 -11.02 41.91
C3 MAN C . -35.75 -10.97 43.33
C4 MAN C . -35.58 -9.66 44.08
C5 MAN C . -34.86 -8.50 43.37
C6 MAN C . -34.06 -7.72 44.41
O2 MAN C . -34.78 -12.32 41.44
O3 MAN C . -35.36 -11.94 44.28
O4 MAN C . -36.87 -9.22 44.42
O5 MAN C . -33.96 -8.84 42.31
O6 MAN C . -34.78 -6.55 44.65
C1 MAN C . -27.47 -8.45 38.44
C2 MAN C . -27.50 -9.70 37.57
C3 MAN C . -27.89 -10.94 38.38
C4 MAN C . -26.84 -11.07 39.51
C5 MAN C . -26.76 -9.82 40.43
C6 MAN C . -25.58 -9.73 41.44
O2 MAN C . -26.23 -9.86 36.99
O3 MAN C . -28.03 -12.07 37.51
O4 MAN C . -27.09 -12.22 40.26
O5 MAN C . -26.71 -8.60 39.67
O6 MAN C . -24.91 -10.95 41.76
C1 NAG D . -44.14 26.37 5.24
C2 NAG D . -45.19 25.26 5.50
C3 NAG D . -45.98 25.05 4.22
C4 NAG D . -46.56 26.38 3.77
C5 NAG D . -45.45 27.42 3.60
C6 NAG D . -45.99 28.80 3.20
C7 NAG D . -44.69 23.34 7.01
C8 NAG D . -44.07 21.92 7.10
N2 NAG D . -44.68 23.94 5.83
O3 NAG D . -47.01 24.07 4.41
O4 NAG D . -47.25 26.20 2.56
O5 NAG D . -44.80 27.55 4.85
O6 NAG D . -47.07 29.13 4.09
O7 NAG D . -45.13 23.88 8.03
C1 NAG D . -48.63 26.59 2.68
C2 NAG D . -49.17 26.86 1.27
C3 NAG D . -50.66 27.19 1.36
C4 NAG D . -51.49 26.11 2.12
C5 NAG D . -50.74 25.95 3.48
C6 NAG D . -51.36 25.04 4.54
C7 NAG D . -47.49 27.56 -0.33
C8 NAG D . -46.69 28.66 -1.01
N2 NAG D . -48.39 27.88 0.60
O3 NAG D . -51.14 27.53 0.08
O4 NAG D . -52.81 26.56 2.37
O5 NAG D . -49.41 25.54 3.22
O6 NAG D . -51.28 23.76 3.99
O7 NAG D . -47.33 26.37 -0.62
C1 BMA D . -53.74 26.42 1.29
C2 BMA D . -55.03 26.22 2.01
C3 BMA D . -56.10 26.14 0.93
C4 BMA D . -56.04 27.23 -0.16
C5 BMA D . -54.64 27.63 -0.70
C6 BMA D . -54.65 29.06 -1.37
O2 BMA D . -55.22 27.22 2.99
O3 BMA D . -57.37 26.11 1.55
O4 BMA D . -56.84 26.71 -1.21
O5 BMA D . -53.81 27.58 0.45
O6 BMA D . -53.57 29.58 -2.16
C1 NAG E . -38.42 16.97 32.79
C2 NAG E . -37.09 16.66 33.41
C3 NAG E . -36.40 17.97 33.81
C4 NAG E . -36.30 18.88 32.59
C5 NAG E . -37.68 19.09 31.93
C6 NAG E . -37.62 19.99 30.69
C7 NAG E . -36.59 14.54 34.68
C8 NAG E . -36.84 13.72 35.92
N2 NAG E . -37.23 15.73 34.53
O3 NAG E . -35.08 17.71 34.34
O4 NAG E . -35.87 20.13 32.99
O5 NAG E . -38.28 17.83 31.67
O6 NAG E . -38.88 20.04 30.01
O7 NAG E . -35.80 14.11 33.84
C1 NAG E . -34.47 20.30 33.16
C2 NAG E . -34.29 21.75 32.74
C3 NAG E . -32.88 22.27 33.05
C4 NAG E . -32.48 22.02 34.52
C5 NAG E . -32.66 20.51 34.68
C6 NAG E . -32.15 20.05 36.03
C7 NAG E . -33.98 21.53 30.24
C8 NAG E . -32.83 20.63 30.35
N2 NAG E . -34.62 21.98 31.33
O3 NAG E . -32.86 23.61 32.65
O4 NAG E . -31.15 22.43 34.86
O5 NAG E . -34.04 20.20 34.49
O6 NAG E . -33.27 20.20 36.89
O7 NAG E . -34.34 21.85 29.10
C1 NAG F . -47.75 17.59 33.61
C2 NAG F . -47.90 19.11 33.67
C3 NAG F . -47.11 19.79 32.55
C4 NAG F . -45.71 19.16 32.36
C5 NAG F . -45.76 17.64 32.33
C6 NAG F . -44.39 16.98 32.37
C7 NAG F . -49.99 20.11 34.63
C8 NAG F . -51.46 20.51 34.50
N2 NAG F . -49.33 19.51 33.62
O3 NAG F . -46.98 21.18 32.82
O4 NAG F . -45.14 19.54 31.09
O5 NAG F . -46.43 17.13 33.45
O6 NAG F . -43.64 17.40 33.50
O7 NAG F . -49.40 20.37 35.67
C1 NAG F . -44.53 20.84 30.92
C2 NAG F . -43.50 20.73 29.80
C3 NAG F . -42.97 22.10 29.33
C4 NAG F . -44.11 23.15 29.20
C5 NAG F . -45.05 23.13 30.42
C6 NAG F . -46.35 23.90 30.20
C7 NAG F . -42.36 18.53 29.69
C8 NAG F . -41.30 17.66 30.25
N2 NAG F . -42.50 19.75 30.20
O3 NAG F . -42.32 22.08 28.07
O4 NAG F . -43.47 24.41 29.12
O5 NAG F . -45.51 21.81 30.61
O6 NAG F . -47.01 24.03 31.44
O7 NAG F . -43.03 18.09 28.76
C1 BMA F . -43.86 25.20 28.01
C2 BMA F . -43.20 26.53 28.24
C3 BMA F . -43.29 27.46 27.04
C4 BMA F . -42.89 26.77 25.76
C5 BMA F . -43.60 25.39 25.66
C6 BMA F . -43.19 24.59 24.43
O2 BMA F . -41.86 26.23 28.45
O3 BMA F . -42.48 28.58 27.29
O4 BMA F . -43.32 27.60 24.71
O5 BMA F . -43.43 24.60 26.83
O6 BMA F . -41.77 24.49 24.44
C1 MAN F . -41.28 23.69 23.36
C2 MAN F . -39.77 23.82 23.30
C3 MAN F . -39.50 25.24 22.80
C4 MAN F . -40.19 25.51 21.47
C5 MAN F . -41.67 25.31 21.58
C6 MAN F . -42.33 25.41 20.20
O2 MAN F . -39.27 22.87 22.38
O3 MAN F . -38.13 25.49 22.56
O4 MAN F . -39.87 26.78 20.95
O5 MAN F . -41.89 24.03 22.11
O6 MAN F . -43.68 25.45 20.60
C1 MAN F . -37.44 26.04 23.68
C2 MAN F . -36.23 26.79 23.11
C3 MAN F . -35.25 25.81 22.46
C4 MAN F . -34.82 24.74 23.45
C5 MAN F . -36.03 24.10 24.15
C6 MAN F . -35.53 23.29 25.36
O2 MAN F . -35.56 27.48 24.16
O3 MAN F . -34.14 26.44 21.86
O4 MAN F . -34.11 23.76 22.74
O5 MAN F . -37.06 25.05 24.61
O6 MAN F . -36.64 22.46 25.70
C1 MAN F . -36.13 28.81 24.46
C2 MAN F . -35.09 29.58 25.29
C3 MAN F . -34.93 28.80 26.63
C4 MAN F . -36.21 28.79 27.42
C5 MAN F . -37.23 28.07 26.51
C6 MAN F . -38.57 27.84 27.21
O2 MAN F . -35.61 30.86 25.51
O3 MAN F . -33.79 29.03 27.44
O4 MAN F . -35.92 28.01 28.54
O5 MAN F . -37.34 28.75 25.23
O6 MAN F . -39.51 27.10 26.44
C1 MAN F . -44.75 25.44 19.67
C2 MAN F . -46.09 25.73 20.41
C3 MAN F . -46.40 24.64 21.44
C4 MAN F . -46.34 23.26 20.73
C5 MAN F . -45.04 23.11 19.94
C6 MAN F . -44.98 21.83 19.12
O2 MAN F . -47.13 25.64 19.45
O3 MAN F . -47.73 24.77 21.89
O4 MAN F . -46.63 22.15 21.57
O5 MAN F . -44.84 24.19 19.04
O6 MAN F . -43.76 21.95 18.42
C1 MAN F . -47.32 26.90 18.73
C2 MAN F . -48.77 26.99 18.21
C3 MAN F . -48.99 25.95 17.13
C4 MAN F . -47.92 26.09 16.04
C5 MAN F . -46.50 26.13 16.61
C6 MAN F . -45.48 26.46 15.52
O2 MAN F . -48.91 28.28 17.66
O3 MAN F . -50.22 26.17 16.51
O4 MAN F . -48.02 25.03 15.09
O5 MAN F . -46.40 27.09 17.65
O6 MAN F . -44.21 26.23 16.08
C1 MAN F . -43.11 29.74 26.71
C2 MAN F . -41.92 30.70 26.52
C3 MAN F . -41.37 31.05 27.89
C4 MAN F . -42.43 31.50 28.90
C5 MAN F . -43.59 30.50 28.89
C6 MAN F . -44.66 30.97 29.84
O2 MAN F . -42.20 31.87 25.80
O3 MAN F . -40.43 32.06 27.76
O4 MAN F . -41.85 31.46 30.17
O5 MAN F . -44.09 30.30 27.56
O6 MAN F . -45.76 30.12 29.73
C1 MAN F . -42.31 31.74 24.39
C2 MAN F . -41.96 33.17 24.02
C3 MAN F . -43.14 34.05 24.51
C4 MAN F . -44.48 33.65 23.96
C5 MAN F . -44.69 32.17 24.31
C6 MAN F . -45.86 31.62 23.50
O2 MAN F . -41.44 33.33 22.69
O3 MAN F . -42.94 35.39 24.23
O4 MAN F . -45.44 34.49 24.54
O5 MAN F . -43.58 31.38 23.95
O6 MAN F . -46.78 31.06 24.39
C1 NAG G . -3.98 11.95 7.70
C2 NAG G . -3.09 12.97 6.99
C3 NAG G . -2.80 14.26 7.79
C4 NAG G . -4.07 14.78 8.50
C5 NAG G . -4.79 13.63 9.23
C6 NAG G . -6.16 14.02 9.79
C7 NAG G . -1.50 11.96 5.40
C8 NAG G . -0.19 11.22 5.20
N2 NAG G . -1.86 12.27 6.65
O3 NAG G . -2.20 15.19 6.91
O4 NAG G . -3.72 15.75 9.46
O5 NAG G . -5.07 12.54 8.35
O6 NAG G . -6.95 14.68 8.79
O7 NAG G . -2.20 12.30 4.44
C1 NAG G . -4.25 17.05 9.19
C2 NAG G . -4.17 17.85 10.46
C3 NAG G . -4.47 19.34 10.29
C4 NAG G . -4.18 19.98 8.91
C5 NAG G . -4.16 18.93 7.78
C6 NAG G . -3.52 19.44 6.48
C7 NAG G . -4.84 16.55 12.39
C8 NAG G . -5.98 16.06 13.26
N2 NAG G . -5.17 17.32 11.37
O3 NAG G . -3.79 20.07 11.29
O4 NAG G . -5.19 20.93 8.62
O5 NAG G . -3.53 17.72 8.20
O6 NAG G . -4.39 19.22 5.38
O7 NAG G . -3.66 16.26 12.61
C1 BMA G . -4.85 22.31 8.96
C2 BMA G . -5.53 23.32 8.01
C3 BMA G . -5.12 24.74 8.40
C4 BMA G . -5.35 24.97 9.90
C5 BMA G . -4.73 23.88 10.80
C6 BMA G . -5.16 24.06 12.27
O2 BMA G . -6.96 23.23 7.90
O3 BMA G . -5.82 25.69 7.60
O4 BMA G . -4.85 26.23 10.26
O5 BMA G . -5.12 22.60 10.33
O6 BMA G . -4.67 23.06 13.14
C1 NAG H . -11.26 23.22 -1.82
C2 NAG H . -10.18 24.28 -1.64
C3 NAG H . -8.82 23.65 -1.40
C4 NAG H . -8.87 22.53 -0.34
C5 NAG H . -10.08 21.58 -0.53
C6 NAG H . -10.35 20.63 0.66
C7 NAG H . -10.47 26.10 -3.19
C8 NAG H . -10.28 26.59 -4.59
N2 NAG H . -10.03 24.87 -2.94
O3 NAG H . -7.97 24.72 -1.00
O4 NAG H . -7.66 21.76 -0.40
O5 NAG H . -11.27 22.25 -0.77
O6 NAG H . -10.51 21.35 1.87
O7 NAG H . -10.99 26.80 -2.30
C1 NAG H . -6.58 22.27 0.38
C2 NAG H . -5.71 21.07 0.68
C3 NAG H . -4.38 21.44 1.34
C4 NAG H . -3.69 22.62 0.64
C5 NAG H . -4.76 23.73 0.51
C6 NAG H . -4.29 25.05 -0.08
C7 NAG H . -6.75 19.07 0.98
C8 NAG H . -7.45 18.09 1.88
N2 NAG H . -6.37 20.18 1.55
O3 NAG H . -3.57 20.29 1.54
O4 NAG H . -2.65 23.07 1.50
O5 NAG H . -5.81 23.29 -0.30
O6 NAG H . -4.15 24.65 -1.40
O7 NAG H . -6.58 18.89 -0.24
C1 BMA H . -1.36 23.09 0.85
C2 BMA H . -0.44 24.14 1.48
C3 BMA H . 0.90 24.17 0.74
C4 BMA H . 1.51 22.76 0.61
C5 BMA H . 0.45 21.79 0.01
C6 BMA H . 0.93 20.36 0.02
O2 BMA H . -0.17 23.74 2.81
O3 BMA H . 1.79 25.12 1.34
O4 BMA H . 2.70 22.77 -0.17
O5 BMA H . -0.71 21.81 0.82
O6 BMA H . 1.25 20.04 1.35
C1 MAN H . 1.83 18.74 1.47
C2 MAN H . 2.25 18.57 2.92
C3 MAN H . 3.47 19.47 3.23
C4 MAN H . 4.59 19.40 2.16
C5 MAN H . 4.03 19.43 0.72
C6 MAN H . 5.04 19.15 -0.37
O2 MAN H . 2.52 17.22 3.19
O3 MAN H . 3.92 19.44 4.59
O4 MAN H . 5.46 20.54 2.29
O5 MAN H . 2.92 18.56 0.56
O6 MAN H . 5.25 17.74 -0.35
C1 MAN H . 6.48 17.39 -1.00
C2 MAN H . 6.63 15.90 -1.12
C3 MAN H . 6.78 15.28 0.25
C4 MAN H . 8.04 15.82 0.91
C5 MAN H . 7.97 17.33 0.96
C6 MAN H . 9.37 17.85 1.31
O2 MAN H . 7.83 15.56 -1.72
O3 MAN H . 6.92 13.91 0.10
O4 MAN H . 8.12 15.32 2.21
O5 MAN H . 7.64 17.85 -0.31
O6 MAN H . 9.09 18.95 2.14
C1 MAN H . 7.78 15.74 -3.18
C2 MAN H . 8.75 14.70 -3.76
C3 MAN H . 10.19 15.00 -3.30
C4 MAN H . 10.52 16.47 -3.58
C5 MAN H . 9.41 17.42 -3.13
C6 MAN H . 9.83 18.89 -3.39
O2 MAN H . 8.72 14.69 -5.19
O3 MAN H . 11.09 14.17 -4.04
O4 MAN H . 11.72 16.76 -2.94
O5 MAN H . 8.12 17.02 -3.68
O6 MAN H . 8.67 19.58 -3.72
C1 MAN H . 2.18 26.19 0.41
C2 MAN H . 3.39 26.73 1.17
C3 MAN H . 2.84 27.32 2.47
C4 MAN H . 1.78 28.39 2.27
C5 MAN H . 0.76 27.90 1.24
C6 MAN H . -0.26 28.97 0.86
O2 MAN H . 4.04 27.70 0.37
O3 MAN H . 3.83 27.83 3.29
O4 MAN H . 1.17 28.54 3.52
O5 MAN H . 1.43 27.36 0.09
O6 MAN H . -1.37 28.30 0.30
C1 NAG I . 0.08 14.05 -24.56
C2 NAG I . 0.76 15.37 -24.36
C3 NAG I . 1.97 15.41 -25.29
C4 NAG I . 2.96 14.29 -24.96
C5 NAG I . 2.21 12.98 -25.09
C6 NAG I . 3.15 11.89 -24.58
C7 NAG I . -0.37 17.48 -24.15
C8 NAG I . -1.35 18.47 -24.71
N2 NAG I . -0.19 16.34 -24.82
O3 NAG I . 2.67 16.63 -25.17
O4 NAG I . 4.03 14.25 -25.89
O5 NAG I . 1.01 13.03 -24.31
O6 NAG I . 2.73 10.70 -25.21
O7 NAG I . 0.21 17.70 -23.11
C1 NAG I . 5.23 14.77 -25.35
C2 NAG I . 6.36 14.21 -26.20
C3 NAG I . 7.67 14.90 -25.80
C4 NAG I . 7.57 16.41 -25.66
C5 NAG I . 6.34 16.80 -24.83
C6 NAG I . 6.13 18.32 -24.74
C7 NAG I . 6.30 11.88 -26.85
C8 NAG I . 6.51 10.47 -26.48
N2 NAG I . 6.55 12.81 -25.91
O3 NAG I . 8.71 14.61 -26.68
O4 NAG I . 8.74 16.79 -24.96
O5 NAG I . 5.20 16.17 -25.39
O6 NAG I . 6.29 18.93 -26.03
O7 NAG I . 5.91 12.17 -27.98
C1 BMA I . 9.45 17.80 -25.74
C2 BMA I . 10.10 18.81 -24.78
C3 BMA I . 10.97 19.81 -25.55
C4 BMA I . 11.91 19.01 -26.48
C5 BMA I . 11.15 18.07 -27.43
C6 BMA I . 11.98 17.12 -28.33
O2 BMA I . 10.74 18.07 -23.77
O3 BMA I . 11.50 20.87 -24.71
O4 BMA I . 12.59 19.88 -27.34
O5 BMA I . 10.30 17.24 -26.70
O6 BMA I . 12.85 16.39 -27.46
C1 MAN I . 13.77 15.40 -28.08
C2 MAN I . 14.63 14.75 -26.99
C3 MAN I . 15.51 15.81 -26.33
C4 MAN I . 16.37 16.53 -27.37
C5 MAN I . 15.45 17.01 -28.48
C6 MAN I . 16.09 17.99 -29.48
O2 MAN I . 15.43 13.65 -27.50
O3 MAN I . 16.40 15.15 -25.48
O4 MAN I . 17.02 17.59 -26.71
O5 MAN I . 14.69 15.90 -29.03
O6 MAN I . 15.74 17.52 -30.79
C1 MAN I . 16.76 15.82 -24.27
C2 MAN I . 17.68 14.90 -23.49
C3 MAN I . 16.90 13.69 -23.07
C4 MAN I . 15.69 14.14 -22.26
C5 MAN I . 14.84 15.03 -23.16
C6 MAN I . 13.49 15.55 -22.64
O2 MAN I . 18.11 15.43 -22.27
O3 MAN I . 17.73 12.78 -22.38
O4 MAN I . 14.97 13.00 -21.89
O5 MAN I . 15.64 16.15 -23.49
O6 MAN I . 13.69 16.05 -21.34
C1 MAN I . 19.20 16.37 -22.41
C2 MAN I . 20.28 16.03 -21.38
C3 MAN I . 19.72 16.20 -19.96
C4 MAN I . 19.27 17.67 -19.78
C5 MAN I . 18.34 18.10 -20.93
C6 MAN I . 18.21 19.61 -20.99
O2 MAN I . 21.47 16.81 -21.53
O3 MAN I . 20.65 15.73 -18.97
O4 MAN I . 18.61 17.81 -18.54
O5 MAN I . 18.76 17.71 -22.24
O6 MAN I . 17.92 19.88 -22.35
C1 MAN I . 16.36 18.31 -31.81
C2 MAN I . 15.24 19.17 -32.40
C3 MAN I . 14.46 18.39 -33.49
C4 MAN I . 15.16 17.17 -34.18
C5 MAN I . 16.32 16.52 -33.43
C6 MAN I . 17.19 15.74 -34.42
O2 MAN I . 15.76 20.43 -32.82
O3 MAN I . 14.18 19.33 -34.50
O4 MAN I . 14.26 16.13 -34.55
O5 MAN I . 17.07 17.51 -32.75
O6 MAN I . 18.36 16.43 -34.85
C1 NAG J . 38.22 3.33 -30.87
C2 NAG J . 38.39 3.21 -32.39
C3 NAG J . 37.55 4.26 -33.14
C4 NAG J . 36.09 4.31 -32.69
C5 NAG J . 36.05 4.40 -31.15
C6 NAG J . 34.66 4.31 -30.52
C7 NAG J . 40.46 2.24 -33.27
C8 NAG J . 41.88 2.40 -33.66
N2 NAG J . 39.79 3.35 -32.75
O3 NAG J . 37.58 4.04 -34.53
O4 NAG J . 35.52 5.54 -33.17
O5 NAG J . 36.87 3.43 -30.53
O6 NAG J . 34.05 3.09 -30.94
O7 NAG J . 39.92 1.13 -33.46
C1 NAG J . 34.54 5.27 -34.16
C2 NAG J . 33.83 6.57 -34.44
C3 NAG J . 32.81 6.41 -35.55
C4 NAG J . 33.52 5.82 -36.78
C5 NAG J . 34.27 4.52 -36.42
C6 NAG J . 35.15 4.03 -37.58
C7 NAG J . 33.33 8.11 -32.63
C8 NAG J . 32.53 8.40 -31.41
N2 NAG J . 33.10 6.94 -33.24
O3 NAG J . 32.24 7.69 -35.77
O4 NAG J . 32.56 5.40 -37.72
O5 NAG J . 35.13 4.79 -35.33
O6 NAG J . 35.41 2.68 -37.34
O7 NAG J . 34.17 8.92 -33.00
C1 BMA J . 32.20 6.39 -38.68
C2 BMA J . 32.21 5.70 -40.03
C3 BMA J . 31.71 6.77 -41.03
C4 BMA J . 30.46 7.51 -40.57
C5 BMA J . 30.52 8.05 -39.12
C6 BMA J . 29.17 8.54 -38.60
O2 BMA J . 31.27 4.66 -40.04
O3 BMA J . 31.42 6.15 -42.27
O4 BMA J . 30.32 8.57 -41.44
O5 BMA J . 30.91 6.94 -38.33
O6 BMA J . 28.22 7.51 -38.90
C1 MAN J . 32.52 6.34 -43.14
C2 MAN J . 31.94 6.20 -44.54
C3 MAN J . 31.43 4.78 -44.72
C4 MAN J . 32.53 3.76 -44.50
C5 MAN J . 33.13 4.01 -43.12
C6 MAN J . 34.24 3.00 -42.84
O2 MAN J . 33.00 6.29 -45.46
O3 MAN J . 31.03 4.63 -46.04
O4 MAN J . 31.95 2.47 -44.57
O5 MAN J . 33.55 5.39 -42.95
O6 MAN J . 34.50 3.08 -41.44
C1 MAN J . 33.22 7.61 -45.91
C2 MAN J . 33.82 7.50 -47.33
C3 MAN J . 35.16 6.78 -47.27
C4 MAN J . 36.06 7.46 -46.23
C5 MAN J . 35.35 7.73 -44.89
C6 MAN J . 36.13 8.68 -44.01
O2 MAN J . 34.03 8.80 -47.80
O3 MAN J . 35.83 6.91 -48.49
O4 MAN J . 37.21 6.67 -46.04
O5 MAN J . 34.05 8.29 -45.02
O6 MAN J . 36.98 7.82 -43.26
C1 MAN J . 32.98 9.35 -48.57
C2 MAN J . 33.67 10.33 -49.51
C3 MAN J . 34.22 11.53 -48.74
C4 MAN J . 33.14 12.12 -47.83
C5 MAN J . 32.62 11.02 -46.92
C6 MAN J . 31.60 11.48 -45.88
O2 MAN J . 32.73 10.81 -50.42
O3 MAN J . 34.66 12.55 -49.60
O4 MAN J . 33.76 13.17 -47.12
O5 MAN J . 32.04 10.02 -47.76
O6 MAN J . 30.57 10.49 -45.78
C1 MAN J . 26.84 7.91 -38.79
C2 MAN J . 26.03 6.61 -38.95
C3 MAN J . 25.92 6.12 -40.39
C4 MAN J . 25.44 7.30 -41.27
C5 MAN J . 26.20 8.65 -41.02
C6 MAN J . 25.97 9.93 -41.91
O2 MAN J . 24.74 6.80 -38.42
O3 MAN J . 25.24 4.83 -40.46
O4 MAN J . 25.77 6.84 -42.56
O5 MAN J . 26.32 8.98 -39.62
O6 MAN J . 24.70 10.50 -42.21
C1 NAG K . 51.57 -2.73 4.49
C2 NAG K . 51.98 -3.75 3.42
C3 NAG K . 52.29 -5.08 4.09
C4 NAG K . 53.41 -4.90 5.12
C5 NAG K . 52.87 -3.89 6.15
C6 NAG K . 53.84 -3.52 7.26
C7 NAG K . 50.93 -3.51 1.24
C8 NAG K . 49.76 -3.94 0.40
N2 NAG K . 50.93 -4.01 2.47
O3 NAG K . 52.66 -6.01 3.11
O4 NAG K . 53.63 -6.11 5.78
O5 NAG K . 52.63 -2.72 5.43
O6 NAG K . 55.09 -3.16 6.63
O7 NAG K . 51.79 -2.75 0.78
C1 NAG K . 54.97 -6.61 5.71
C2 NAG K . 55.29 -7.65 6.80
C3 NAG K . 56.77 -8.05 6.65
C4 NAG K . 57.14 -8.38 5.18
C5 NAG K . 56.62 -7.25 4.25
C6 NAG K . 56.80 -7.28 2.72
C7 NAG K . 53.82 -7.36 8.76
C8 NAG K . 53.65 -6.70 10.12
N2 NAG K . 54.98 -7.15 8.12
O3 NAG K . 57.08 -9.08 7.59
O4 NAG K . 58.53 -8.47 5.03
O5 NAG K . 55.24 -7.19 4.46
O6 NAG K . 56.42 -8.58 2.32
O7 NAG K . 52.90 -8.03 8.27
C1 BMA K . 59.07 -9.80 5.25
C2 BMA K . 60.24 -10.04 4.29
C3 BMA K . 60.92 -11.40 4.54
C4 BMA K . 61.38 -11.50 5.98
C5 BMA K . 60.25 -11.10 6.93
C6 BMA K . 60.78 -10.89 8.33
O2 BMA K . 61.17 -8.95 4.42
O3 BMA K . 62.01 -11.63 3.66
O4 BMA K . 61.70 -12.84 6.25
O5 BMA K . 59.50 -9.94 6.58
O6 BMA K . 59.64 -10.55 9.07
C1 MAN K . 60.00 -10.22 10.42
C2 MAN K . 58.73 -10.35 11.27
C3 MAN K . 57.87 -9.09 11.20
C4 MAN K . 58.70 -7.80 11.39
C5 MAN K . 60.11 -7.73 10.74
C6 MAN K . 61.07 -6.87 11.58
O2 MAN K . 59.04 -10.69 12.61
O3 MAN K . 56.87 -9.11 12.21
O4 MAN K . 57.91 -6.73 10.88
O5 MAN K . 60.75 -9.00 10.61
O6 MAN K . 60.86 -5.48 11.39
C1 MAN K . 55.55 -9.62 11.85
C2 MAN K . 54.55 -9.04 12.88
C3 MAN K . 54.64 -9.79 14.23
C4 MAN K . 54.73 -11.32 14.07
C5 MAN K . 55.78 -11.69 13.01
C6 MAN K . 56.00 -13.18 12.80
O2 MAN K . 53.21 -9.00 12.36
O3 MAN K . 53.59 -9.44 15.11
O4 MAN K . 55.06 -11.89 15.32
O5 MAN K . 55.44 -11.05 11.78
O6 MAN K . 54.76 -13.83 12.74
C1 MAN K . 61.85 -12.75 2.73
C2 MAN K . 63.24 -13.25 2.24
C3 MAN K . 63.91 -12.20 1.24
C4 MAN K . 63.00 -11.10 0.64
C5 MAN K . 61.50 -11.19 1.01
C6 MAN K . 60.54 -10.72 -0.10
O2 MAN K . 63.16 -14.61 1.82
O3 MAN K . 64.67 -12.81 0.20
O4 MAN K . 63.48 -9.82 1.03
O5 MAN K . 61.09 -12.44 1.57
O6 MAN K . 59.42 -10.07 0.47
C1 NAG L . 47.65 13.01 -20.25
C2 NAG L . 46.41 13.86 -20.60
C3 NAG L . 46.53 15.23 -19.88
C4 NAG L . 46.67 15.04 -18.38
C5 NAG L . 47.82 14.08 -18.07
C6 NAG L . 47.76 13.66 -16.62
C7 NAG L . 45.22 13.85 -22.76
C8 NAG L . 45.27 14.24 -24.23
N2 NAG L . 46.33 14.10 -22.03
O3 NAG L . 45.43 16.09 -20.13
O4 NAG L . 47.18 16.17 -17.82
O5 NAG L . 47.72 12.89 -18.82
O6 NAG L . 48.93 12.99 -16.27
O7 NAG L . 44.17 13.38 -22.30
C1 NAG L . 46.22 17.11 -17.38
C2 NAG L . 46.67 17.76 -16.06
C3 NAG L . 45.82 18.97 -15.74
C4 NAG L . 45.82 19.94 -16.92
C5 NAG L . 45.31 19.15 -18.13
C6 NAG L . 45.19 19.99 -19.40
C7 NAG L . 45.60 16.19 -14.43
C8 NAG L . 45.82 15.17 -13.33
N2 NAG L . 46.67 16.77 -14.98
O3 NAG L . 46.22 19.61 -14.57
O4 NAG L . 44.91 20.97 -16.61
O5 NAG L . 46.22 18.07 -18.39
O6 NAG L . 46.53 20.38 -19.69
O7 NAG L . 44.46 16.48 -14.84
C1 BMA L . 45.60 22.22 -16.49
C2 BMA L . 44.21 22.86 -16.54
C3 BMA L . 44.23 24.37 -16.76
C4 BMA L . 45.22 25.12 -15.87
C5 BMA L . 46.40 24.30 -15.31
C6 BMA L . 46.26 24.03 -13.80
O2 BMA L . 43.45 22.52 -15.40
O3 BMA L . 42.94 24.93 -16.57
O4 BMA L . 45.64 26.25 -16.61
O5 BMA L . 46.66 23.06 -16.02
O6 BMA L . 47.21 24.74 -13.01
C1 NAG M . 56.06 9.47 -22.30
C2 NAG M . 56.94 10.37 -21.41
C3 NAG M . 56.33 10.47 -20.01
C4 NAG M . 54.77 10.63 -20.00
C5 NAG M . 54.21 9.64 -21.02
C6 NAG M . 52.68 9.74 -21.12
C7 NAG M . 59.27 10.38 -21.93
C8 NAG M . 60.60 9.69 -21.98
N2 NAG M . 58.23 9.73 -21.44
O3 NAG M . 56.95 11.49 -19.26
O4 NAG M . 54.19 10.20 -18.79
O5 NAG M . 54.74 9.94 -22.28
O6 NAG M . 52.40 11.10 -21.47
O7 NAG M . 59.17 11.54 -22.29
C1 NAG M . 54.29 11.07 -17.67
C2 NAG M . 53.13 10.78 -16.71
C3 NAG M . 53.25 11.52 -15.37
C4 NAG M . 54.68 11.51 -14.78
C5 NAG M . 55.67 11.85 -15.92
C6 NAG M . 57.11 11.87 -15.39
C7 NAG M . 51.04 10.06 -17.79
C8 NAG M . 49.85 10.51 -18.56
N2 NAG M . 51.88 11.05 -17.40
O3 NAG M . 52.36 10.93 -14.43
O4 NAG M . 54.72 12.52 -13.81
O5 NAG M . 55.57 10.92 -17.01
O6 NAG M . 57.96 12.12 -16.49
O7 NAG M . 51.23 8.84 -17.55
C1 BMA M . 55.20 12.13 -12.56
C2 BMA M . 55.28 13.40 -11.68
C3 BMA M . 55.72 13.06 -10.25
C4 BMA M . 54.78 11.97 -9.74
C5 BMA M . 54.83 10.71 -10.66
C6 BMA M . 53.87 9.64 -10.17
O2 BMA M . 54.01 13.99 -11.67
O3 BMA M . 55.62 14.20 -9.39
O4 BMA M . 55.04 11.61 -8.40
O5 BMA M . 54.46 11.08 -11.99
O6 BMA M . 52.65 10.33 -9.85
C1 MAN M . 51.63 9.38 -9.48
C2 MAN M . 50.38 10.09 -8.99
C3 MAN M . 50.69 10.60 -7.61
C4 MAN M . 51.10 9.50 -6.69
C5 MAN M . 52.36 8.83 -7.19
C6 MAN M . 52.79 7.58 -6.39
O2 MAN M . 49.26 9.20 -9.04
O3 MAN M . 49.56 11.16 -7.01
O4 MAN M . 51.27 10.00 -5.38
O5 MAN M . 52.05 8.40 -8.52
O6 MAN M . 54.13 7.38 -6.83
C1 MAN M . 49.43 12.55 -7.28
C2 MAN M . 48.64 13.24 -6.16
C3 MAN M . 47.21 12.72 -6.16
C4 MAN M . 46.55 12.99 -7.53
C5 MAN M . 47.43 12.23 -8.57
C6 MAN M . 46.96 12.28 -9.99
O2 MAN M . 48.57 14.65 -6.37
O3 MAN M . 46.49 13.32 -5.14
O4 MAN M . 45.22 12.52 -7.45
O5 MAN M . 48.78 12.70 -8.53
O6 MAN M . 46.53 13.59 -10.22
C1 MAN M . 49.72 15.43 -5.92
C2 MAN M . 49.29 16.91 -5.74
C3 MAN M . 49.00 17.56 -7.11
C4 MAN M . 50.21 17.37 -8.05
C5 MAN M . 50.69 15.87 -8.10
C6 MAN M . 51.96 15.62 -8.92
O2 MAN M . 50.32 17.66 -5.13
O3 MAN M . 48.67 18.94 -7.00
O4 MAN M . 49.83 17.80 -9.33
O5 MAN M . 50.87 15.31 -6.78
O6 MAN M . 52.18 14.21 -9.01
C1 MAN M . 54.71 6.13 -6.46
C2 MAN M . 56.10 6.08 -7.07
C3 MAN M . 56.07 5.95 -8.60
C4 MAN M . 55.10 4.80 -8.98
C5 MAN M . 53.71 4.90 -8.32
C6 MAN M . 53.03 3.53 -8.45
O2 MAN M . 56.69 4.91 -6.56
O3 MAN M . 57.36 5.63 -9.14
O4 MAN M . 55.06 4.61 -10.38
O5 MAN M . 53.89 5.06 -6.91
O6 MAN M . 51.81 3.70 -7.83
C1 MAN M . 57.34 5.11 -5.30
C2 MAN M . 58.47 4.11 -5.13
C3 MAN M . 57.92 2.63 -5.15
C4 MAN M . 56.79 2.43 -4.13
C5 MAN M . 55.79 3.59 -4.17
C6 MAN M . 54.97 3.52 -2.89
O2 MAN M . 59.09 4.45 -3.87
O3 MAN M . 58.95 1.77 -4.79
O4 MAN M . 56.12 1.17 -4.17
O5 MAN M . 56.44 4.88 -4.26
O6 MAN M . 53.95 4.50 -2.94
C1 MAN M . 56.66 14.31 -8.38
C2 MAN M . 56.11 15.34 -7.40
C3 MAN M . 56.13 16.74 -8.02
C4 MAN M . 57.48 17.12 -8.64
C5 MAN M . 57.96 15.98 -9.58
C6 MAN M . 59.36 16.26 -10.16
O2 MAN M . 56.85 15.41 -6.20
O3 MAN M . 55.72 17.71 -7.11
O4 MAN M . 57.24 18.28 -9.40
O5 MAN M . 57.93 14.70 -8.91
O6 MAN M . 59.70 15.30 -11.15
C1 MAN M . 56.49 14.51 -5.17
C2 MAN M . 56.86 15.23 -3.88
C3 MAN M . 58.42 15.39 -3.81
C4 MAN M . 59.16 14.08 -4.02
C5 MAN M . 58.59 13.32 -5.21
C6 MAN M . 59.15 11.92 -5.12
O2 MAN M . 56.15 14.72 -2.74
O3 MAN M . 58.93 16.01 -2.65
O4 MAN M . 60.52 14.31 -4.31
O5 MAN M . 57.18 13.30 -5.27
O6 MAN M . 58.96 11.41 -6.40
C1 NAG N . 10.66 9.84 1.99
C2 NAG N . 10.23 10.35 3.36
C3 NAG N . 10.78 11.77 3.59
C4 NAG N . 12.27 11.88 3.24
C5 NAG N . 12.52 11.38 1.80
C6 NAG N . 14.00 11.38 1.42
C7 NAG N . 8.02 9.37 3.89
C8 NAG N . 6.51 9.54 3.82
N2 NAG N . 8.77 10.34 3.38
O3 NAG N . 10.52 12.10 4.93
O4 NAG N . 12.73 13.20 3.29
O5 NAG N . 12.02 10.04 1.71
O6 NAG N . 14.71 10.61 2.40
O7 NAG N . 8.51 8.39 4.46
C1 NAG N . 13.86 13.50 4.13
C2 NAG N . 14.23 14.99 3.92
C3 NAG N . 15.44 15.39 4.79
C4 NAG N . 15.39 14.85 6.24
C5 NAG N . 14.87 13.38 6.29
C6 NAG N . 14.68 12.85 7.73
C7 NAG N . 13.81 15.65 1.53
C8 NAG N . 14.50 15.58 0.18
N2 NAG N . 14.55 15.13 2.51
O3 NAG N . 15.58 16.81 4.79
O4 NAG N . 16.66 14.94 6.87
O5 NAG N . 13.67 13.29 5.51
O6 NAG N . 14.30 11.48 7.84
O7 NAG N . 12.65 16.11 1.66
C1 BMA N . 16.80 16.07 7.79
C2 BMA N . 17.68 15.64 8.99
C3 BMA N . 18.07 16.85 9.88
C4 BMA N . 18.65 17.95 8.97
C5 BMA N . 17.58 18.35 7.92
C6 BMA N . 17.86 19.62 7.08
O2 BMA N . 18.84 14.94 8.57
O3 BMA N . 18.91 16.50 10.97
O4 BMA N . 19.07 19.02 9.75
O5 BMA N . 17.32 17.21 7.11
O6 BMA N . 18.52 19.37 5.85
C1 NAG O . 20.56 6.45 14.53
C2 NAG O . 20.20 7.63 15.41
C3 NAG O . 18.79 8.03 15.09
C4 NAG O . 18.52 8.25 13.60
C5 NAG O . 18.97 6.98 12.86
C6 NAG O . 18.83 7.11 11.34
C7 NAG O . 20.94 7.37 17.72
C8 NAG O . 20.65 6.60 18.99
N2 NAG O . 20.12 7.07 16.73
O3 NAG O . 18.59 9.18 15.82
O4 NAG O . 17.11 8.32 13.43
O5 NAG O . 20.32 6.77 13.19
O6 NAG O . 19.71 8.13 10.90
O7 NAG O . 21.83 8.23 17.57
C1 NAG O . 16.54 9.62 13.37
C2 NAG O . 15.21 9.56 12.66
C3 NAG O . 14.49 10.90 12.70
C4 NAG O . 14.40 11.40 14.14
C5 NAG O . 15.83 11.35 14.73
C6 NAG O . 16.05 11.86 16.17
C7 NAG O . 15.26 8.22 10.74
C8 NAG O . 15.61 8.01 9.28
N2 NAG O . 15.51 9.39 11.31
O3 NAG O . 13.22 10.77 12.12
O4 NAG O . 13.91 12.74 14.11
O5 NAG O . 16.26 10.00 14.68
O6 NAG O . 15.23 11.07 16.96
O7 NAG O . 14.77 7.34 11.47
C1 BMA O . 12.69 12.89 14.91
C2 BMA O . 12.53 14.39 15.21
C3 BMA O . 11.22 14.61 15.97
C4 BMA O . 10.03 14.00 15.22
C5 BMA O . 10.32 12.50 14.90
C6 BMA O . 9.23 11.84 14.06
O2 BMA O . 12.57 15.13 13.98
O3 BMA O . 11.00 15.98 16.22
O4 BMA O . 8.87 14.14 16.02
O5 BMA O . 11.55 12.39 14.20
O6 BMA O . 8.97 12.75 13.04
C1 MAN O . 7.97 12.37 12.09
C2 MAN O . 7.83 13.49 11.06
C3 MAN O . 7.21 14.76 11.73
C4 MAN O . 5.94 14.43 12.47
C5 MAN O . 6.24 13.29 13.48
C6 MAN O . 5.04 12.82 14.30
O2 MAN O . 7.12 13.04 9.97
O3 MAN O . 7.13 15.97 10.98
O4 MAN O . 5.57 15.59 13.17
O5 MAN O . 6.73 12.17 12.76
O6 MAN O . 4.06 12.32 13.41
C1 MAN O . 2.72 12.38 13.95
C2 MAN O . 1.87 11.41 13.12
C3 MAN O . 1.79 11.95 11.71
C4 MAN O . 1.13 13.33 11.69
C5 MAN O . 1.90 14.25 12.64
C6 MAN O . 1.14 15.52 12.84
O2 MAN O . 0.55 11.29 13.60
O3 MAN O . 1.06 11.04 10.97
O4 MAN O . 1.15 13.85 10.39
O5 MAN O . 2.13 13.68 13.93
O6 MAN O . 1.77 16.21 13.90
C1 MAN O . 0.37 10.42 14.74
C2 MAN O . -1.05 9.80 14.73
C3 MAN O . -2.06 10.94 14.85
C4 MAN O . -1.82 11.68 16.15
C5 MAN O . -0.38 12.20 16.20
C6 MAN O . -0.07 12.84 17.54
O2 MAN O . -1.23 8.95 15.88
O3 MAN O . -3.34 10.37 14.88
O4 MAN O . -2.69 12.77 16.22
O5 MAN O . 0.53 11.12 15.96
O6 MAN O . 1.34 12.87 17.61
C1 MAN O . 11.08 16.23 17.68
C2 MAN O . 10.11 17.26 18.31
C3 MAN O . 10.43 18.69 17.82
C4 MAN O . 11.93 18.96 17.56
C5 MAN O . 12.84 17.71 17.44
C6 MAN O . 14.32 17.97 17.71
O2 MAN O . 10.05 17.22 19.74
O3 MAN O . 9.89 19.65 18.71
O4 MAN O . 12.01 19.68 16.34
O5 MAN O . 12.36 16.59 18.19
O6 MAN O . 14.97 18.23 16.49
C1 NAG P . 1.69 -8.70 27.00
C2 NAG P . 1.75 -7.49 27.88
C3 NAG P . 0.52 -7.35 28.77
C4 NAG P . -0.78 -7.35 27.97
C5 NAG P . -0.76 -8.54 27.00
C6 NAG P . -1.88 -8.43 25.96
C7 NAG P . 3.77 -6.51 28.91
C8 NAG P . 5.01 -6.81 29.74
N2 NAG P . 2.97 -7.54 28.65
O3 NAG P . 0.70 -6.11 29.44
O4 NAG P . -1.90 -7.53 28.81
O5 NAG P . 0.48 -8.72 26.30
O6 NAG P . -2.37 -9.72 25.73
O7 NAG P . 3.52 -5.37 28.49
C1 NAG P . -2.56 -6.31 29.10
C2 NAG P . -3.95 -6.67 29.60
C3 NAG P . -4.64 -5.38 30.04
C4 NAG P . -3.82 -4.61 31.09
C5 NAG P . -2.39 -4.41 30.57
C6 NAG P . -1.40 -3.80 31.60
C7 NAG P . -5.05 -8.54 28.50
C8 NAG P . -5.88 -9.04 27.34
N2 NAG P . -4.73 -7.26 28.53
O3 NAG P . -5.90 -5.72 30.55
O4 NAG P . -4.40 -3.34 31.30
O5 NAG P . -1.85 -5.64 30.12
O6 NAG P . -1.48 -4.48 32.84
O7 NAG P . -4.66 -9.27 29.41
C1 BMA P . -4.91 -3.10 32.63
C2 BMA P . -4.86 -1.60 32.81
C3 BMA P . -5.46 -1.25 34.17
C4 BMA P . -6.75 -1.95 34.56
C5 BMA P . -6.98 -3.33 33.97
C6 BMA P . -8.32 -3.03 33.37
O2 BMA P . -5.37 -0.89 31.71
O3 BMA P . -5.49 0.14 34.41
O4 BMA P . -6.75 -2.16 35.95
O5 BMA P . -6.19 -3.63 32.86
O6 BMA P . -9.12 -4.12 33.53
C1 MAN P . -10.52 -3.84 33.39
C2 MAN P . -10.88 -2.83 32.31
C3 MAN P . -11.05 -1.38 32.79
C4 MAN P . -11.68 -1.32 34.17
C5 MAN P . -10.95 -2.27 35.10
C6 MAN P . -11.37 -2.15 36.55
O2 MAN P . -12.12 -3.32 31.88
O3 MAN P . -11.93 -0.70 31.93
O4 MAN P . -11.46 -0.03 34.68
O5 MAN P . -11.16 -3.60 34.66
O6 MAN P . -10.93 -3.32 37.23
C1 MAN P . -11.57 0.60 31.46
C2 MAN P . -12.69 1.03 30.50
C3 MAN P . -12.63 0.23 29.19
C4 MAN P . -11.29 0.42 28.49
C5 MAN P . -10.15 0.23 29.49
C6 MAN P . -8.84 0.78 28.95
O2 MAN P . -12.55 2.39 30.16
O3 MAN P . -13.67 0.63 28.32
O4 MAN P . -11.12 -0.56 27.48
O5 MAN P . -10.34 0.77 30.79
O6 MAN P . -7.89 0.01 29.64
C1 MAN P . -13.04 3.23 31.20
C2 MAN P . -13.74 4.34 30.41
C3 MAN P . -12.70 5.10 29.57
C4 MAN P . -11.70 5.71 30.56
C5 MAN P . -11.07 4.62 31.42
C6 MAN P . -10.13 5.30 32.41
O2 MAN P . -14.45 5.21 31.27
O3 MAN P . -13.36 6.02 28.71
O4 MAN P . -10.65 6.33 29.87
O5 MAN P . -12.04 3.76 32.05
O6 MAN P . -10.05 4.48 33.55
C1 MAN P . -11.40 -3.16 38.55
C2 MAN P . -10.36 -3.63 39.59
C3 MAN P . -10.17 -5.15 39.41
C4 MAN P . -11.44 -5.95 39.07
C5 MAN P . -12.54 -5.22 38.27
C6 MAN P . -13.90 -5.79 38.64
O2 MAN P . -10.78 -3.30 40.91
O3 MAN P . -9.70 -5.67 40.64
O4 MAN P . -11.09 -7.11 38.38
O5 MAN P . -12.62 -3.87 38.62
O6 MAN P . -13.68 -7.15 38.88
C1 MAN P . -4.65 0.32 35.57
C2 MAN P . -4.88 0.97 36.96
C3 MAN P . -4.71 2.50 36.93
C4 MAN P . -4.13 3.10 35.62
C5 MAN P . -3.85 2.14 34.47
C6 MAN P . -2.72 2.65 33.61
O2 MAN P . -4.12 0.35 38.01
O3 MAN P . -3.95 2.91 38.06
O4 MAN P . -5.05 4.00 35.07
O5 MAN P . -3.51 0.87 34.92
O6 MAN P . -3.42 3.34 32.62
C1 NAG Q . -25.14 34.78 21.71
C2 NAG Q . -24.36 35.69 22.68
C3 NAG Q . -25.31 36.34 23.71
C4 NAG Q . -26.57 36.89 23.02
C5 NAG Q . -27.21 35.84 22.11
C6 NAG Q . -28.40 36.47 21.41
C7 NAG Q . -21.93 35.43 23.32
C8 NAG Q . -20.91 34.62 24.10
N2 NAG Q . -23.23 35.03 23.38
O3 NAG Q . -24.60 37.37 24.39
O4 NAG Q . -27.58 37.30 23.90
O5 NAG Q . -26.25 35.43 21.15
O6 NAG Q . -28.03 37.82 21.15
O7 NAG Q . -21.52 36.40 22.69
C1 NAG R . -35.07 12.24 42.42
C2 NAG R . -34.56 13.64 42.12
C3 NAG R . -33.07 13.48 41.83
C4 NAG R . -32.35 12.81 43.01
C5 NAG R . -32.88 11.38 43.00
C6 NAG R . -32.13 10.48 43.99
C7 NAG R . -35.82 15.32 40.94
C8 NAG R . -36.55 15.79 39.70
N2 NAG R . -35.27 14.12 40.95
O3 NAG R . -32.47 14.69 41.46
O4 NAG R . -30.96 12.78 42.78
O5 NAG R . -34.27 11.44 43.29
O6 NAG R . -32.31 11.09 45.24
O7 NAG R . -35.74 16.03 41.94
C1 MRD S . 6.11 -10.36 -20.16
C2 MRD S . 5.20 -10.37 -21.38
O2 MRD S . 5.85 -9.62 -22.41
CM MRD S . 4.95 -11.79 -21.86
C3 MRD S . 3.80 -9.73 -21.06
C4 MRD S . 3.93 -8.40 -20.31
O4 MRD S . 2.67 -7.85 -19.82
C5 MRD S . 4.63 -7.42 -21.21
C1 MRD T . -14.71 1.49 16.39
C2 MRD T . -14.66 1.25 17.91
O2 MRD T . -15.96 1.39 18.42
CM MRD T . -14.18 -0.13 18.28
C3 MRD T . -13.81 2.29 18.65
C4 MRD T . -14.55 2.68 19.97
O4 MRD T . -14.00 3.88 20.44
C5 MRD T . -14.43 1.61 21.04
C2 BGC U . -27.23 11.36 13.07
C3 BGC U . -28.06 10.10 12.82
C4 BGC U . -27.50 8.95 13.67
C5 BGC U . -27.45 9.40 15.14
C6 BGC U . -26.88 8.37 16.09
C1 BGC U . -27.03 11.65 14.55
O1 BGC U . -25.97 12.56 14.65
O2 BGC U . -27.77 12.49 12.43
O3 BGC U . -27.88 9.80 11.47
O4 BGC U . -28.25 7.78 13.50
O5 BGC U . -26.56 10.49 15.21
O6 BGC U . -25.58 7.96 15.68
C2 BGC V . -21.77 10.99 18.07
C3 BGC V . -23.08 10.75 17.32
C4 BGC V . -24.04 11.81 17.82
C5 BGC V . -23.45 13.14 17.22
C6 BGC V . -24.36 14.33 16.91
C1 BGC V . -21.34 12.50 18.04
O1 BGC V . -20.58 12.85 19.14
O2 BGC V . -20.86 10.14 17.42
O3 BGC V . -23.54 9.42 17.41
O4 BGC V . -25.41 11.53 17.53
O5 BGC V . -22.38 13.49 18.07
O6 BGC V . -25.68 13.92 16.58
C1 NAG W . 42.92 22.14 2.71
C2 NAG W . 42.81 23.65 2.50
C3 NAG W . 44.05 24.17 1.77
C4 NAG W . 45.30 23.80 2.54
C5 NAG W . 45.34 22.29 2.78
C6 NAG W . 46.58 21.87 3.60
C7 NAG W . 41.17 23.45 0.61
C8 NAG W . 42.10 22.63 -0.27
N2 NAG W . 41.54 23.90 1.83
O3 NAG W . 43.98 25.55 1.54
O4 NAG W . 46.40 24.09 1.74
O5 NAG W . 44.11 21.80 3.37
O6 NAG W . 46.35 21.97 5.02
O7 NAG W . 40.03 23.73 0.22
C1 NAG X . 21.77 -36.50 18.98
C2 NAG X . 21.65 -36.12 20.44
C3 NAG X . 22.47 -37.12 21.31
C4 NAG X . 22.34 -38.60 20.95
C5 NAG X . 22.19 -38.81 19.44
C6 NAG X . 21.72 -40.22 19.08
C7 NAG X . 21.30 -33.80 21.25
C8 NAG X . 21.87 -32.42 21.30
N2 NAG X . 22.04 -34.71 20.59
O3 NAG X . 22.10 -36.97 22.68
O4 NAG X . 23.50 -39.29 21.36
O5 NAG X . 21.30 -37.84 18.90
O6 NAG X . 22.27 -40.61 17.83
O7 NAG X . 20.22 -34.02 21.81
C1 NAG Y . 44.12 18.36 -29.50
C2 NAG Y . 44.39 19.22 -28.27
C3 NAG Y . 43.09 19.83 -27.72
C4 NAG Y . 42.29 20.51 -28.82
C5 NAG Y . 42.10 19.57 -29.99
C6 NAG Y . 41.29 20.23 -31.12
C7 NAG Y . 46.02 18.71 -26.60
C8 NAG Y . 46.53 17.85 -25.49
N2 NAG Y . 44.90 18.38 -27.21
O3 NAG Y . 43.34 20.70 -26.62
O4 NAG Y . 41.03 20.74 -28.27
O5 NAG Y . 43.36 19.08 -30.46
O6 NAG Y . 42.14 21.07 -31.90
O7 NAG Y . 46.64 19.68 -26.92
C1 MRD Z . 18.63 5.46 -15.33
C2 MRD Z . 17.24 5.61 -14.79
O2 MRD Z . 16.26 5.37 -15.78
CM MRD Z . 17.05 4.63 -13.64
C3 MRD Z . 17.08 7.05 -14.32
C4 MRD Z . 17.85 7.98 -15.24
O4 MRD Z . 17.68 9.25 -14.67
C5 MRD Z . 17.24 8.00 -16.63
C1 MRD AA . 50.66 -2.02 12.72
C2 MRD AA . 49.45 -1.93 11.77
O2 MRD AA . 48.92 -3.20 11.40
CM MRD AA . 48.33 -1.18 12.50
C3 MRD AA . 49.85 -1.16 10.49
C4 MRD AA . 50.89 -1.81 9.55
O4 MRD AA . 50.68 -1.35 8.21
C5 MRD AA . 50.86 -3.35 9.56
C2 BGC BA . 31.34 2.19 -7.25
C3 BGC BA . 31.39 0.90 -8.07
C4 BGC BA . 30.57 0.99 -9.35
C5 BGC BA . 31.09 2.20 -10.17
C6 BGC BA . 30.26 2.52 -11.43
C1 BGC BA . 31.76 3.34 -8.15
O1 BGC BA . 31.33 4.54 -7.54
O2 BGC BA . 32.27 2.09 -6.20
O3 BGC BA . 30.98 -0.17 -7.26
O4 BGC BA . 30.75 -0.20 -10.13
O5 BGC BA . 31.06 3.34 -9.37
O6 BGC BA . 28.90 2.82 -11.14
C2 BGC CA . 27.32 7.46 -9.94
C3 BGC CA . 28.31 6.28 -9.86
C4 BGC CA . 29.71 6.92 -9.86
C5 BGC CA . 29.78 7.67 -8.50
C6 BGC CA . 31.12 7.84 -7.72
C1 BGC CA . 27.68 8.66 -8.99
O1 BGC CA . 27.35 9.84 -9.60
O2 BGC CA . 26.03 6.88 -9.79
O3 BGC CA . 28.06 5.36 -10.90
O4 BGC CA . 30.71 5.94 -10.02
O5 BGC CA . 29.06 8.91 -8.68
O6 BGC CA . 32.01 6.71 -7.80
#